data_9NOJ
# 
_entry.id   9NOJ 
# 
_audit_conform.dict_name       mmcif_pdbx.dic 
_audit_conform.dict_version    5.406 
_audit_conform.dict_location   http://mmcif.pdb.org/dictionaries/ascii/mmcif_pdbx.dic 
# 
loop_
_database_2.database_id 
_database_2.database_code 
_database_2.pdbx_database_accession 
_database_2.pdbx_DOI 
PDB   9NOJ         pdb_00009noj 10.2210/pdb9noj/pdb 
WWPDB D_1000293885 ?            ?                   
# 
_pdbx_audit_revision_history.ordinal             1 
_pdbx_audit_revision_history.data_content_type   'Structure model' 
_pdbx_audit_revision_history.major_revision      1 
_pdbx_audit_revision_history.minor_revision      0 
_pdbx_audit_revision_history.revision_date       2025-09-10 
_pdbx_audit_revision_history.part_number         ? 
# 
_pdbx_audit_revision_details.ordinal             1 
_pdbx_audit_revision_details.revision_ordinal    1 
_pdbx_audit_revision_details.data_content_type   'Structure model' 
_pdbx_audit_revision_details.provider            repository 
_pdbx_audit_revision_details.type                'Initial release' 
_pdbx_audit_revision_details.description         ? 
_pdbx_audit_revision_details.details             ? 
# 
_pdbx_database_status.status_code                     REL 
_pdbx_database_status.status_code_sf                  REL 
_pdbx_database_status.status_code_mr                  ? 
_pdbx_database_status.entry_id                        9NOJ 
_pdbx_database_status.recvd_initial_deposition_date   2025-03-10 
_pdbx_database_status.SG_entry                        N 
_pdbx_database_status.deposit_site                    RCSB 
_pdbx_database_status.process_site                    RCSB 
_pdbx_database_status.status_code_cs                  ? 
_pdbx_database_status.status_code_nmr_data            ? 
_pdbx_database_status.methods_development_category    ? 
_pdbx_database_status.pdb_format_compatible           Y 
# 
_pdbx_contact_author.id                 2 
_pdbx_contact_author.email              rs17@nyu.edu 
_pdbx_contact_author.name_first         Ruojie 
_pdbx_contact_author.name_last          Sha 
_pdbx_contact_author.name_mi            ? 
_pdbx_contact_author.role               'principal investigator/group leader' 
_pdbx_contact_author.identifier_ORCID   0000-0002-0807-734X 
# 
loop_
_audit_author.name 
_audit_author.pdbx_ordinal 
_audit_author.identifier_ORCID 
'Horvath, A.'   1 0009-0008-5770-8014 
'Woloszyn, K.'  2 0000-0003-1200-583X 
'Vecchioni, S.' 3 0000-0001-8243-650X 
'Ohayon, Y.P.'  4 0000-0001-7500-4282 
'Sha, R.'       5 0000-0002-0807-734X 
# 
_citation.abstract                  ? 
_citation.abstract_id_CAS           ? 
_citation.book_id_ISBN              ? 
_citation.book_publisher            ? 
_citation.book_publisher_city       ? 
_citation.book_title                ? 
_citation.coordinate_linkage        ? 
_citation.country                   ? 
_citation.database_id_Medline       ? 
_citation.details                   ? 
_citation.id                        primary 
_citation.journal_abbrev            'To Be Published' 
_citation.journal_id_ASTM           ? 
_citation.journal_id_CSD            0353 
_citation.journal_id_ISSN           ? 
_citation.journal_full              ? 
_citation.journal_issue             ? 
_citation.journal_volume            ? 
_citation.language                  ? 
_citation.page_first                ? 
_citation.page_last                 ? 
_citation.title                     'shifted tensegrity triangles' 
_citation.year                      ? 
_citation.database_id_CSD           ? 
_citation.pdbx_database_id_DOI      ? 
_citation.pdbx_database_id_PubMed   ? 
_citation.pdbx_database_id_patent   ? 
_citation.unpublished_flag          ? 
# 
loop_
_citation_author.citation_id 
_citation_author.name 
_citation_author.ordinal 
_citation_author.identifier_ORCID 
primary 'Horvath, A.'   1 0009-0008-5770-8014 
primary 'Woloszyn, K.'  2 0000-0003-1200-583X 
primary 'Vecchioni, S.' 3 0000-0001-8243-650X 
primary 'Ohayon, Y.P.'  4 0000-0001-7500-4282 
primary 'Sha, R.'       5 0000-0002-0807-734X 
# 
loop_
_entity.id 
_entity.type 
_entity.src_method 
_entity.pdbx_description 
_entity.formula_weight 
_entity.pdbx_number_of_molecules 
_entity.pdbx_ec 
_entity.pdbx_mutation 
_entity.pdbx_fragment 
_entity.details 
1 polymer syn 
;DNA (5'-D(*GP*AP*CP*CP*TP*GP*T)-3')
;
2113.410 1 ? ? ? ? 
2 polymer syn 
;DNA (5'-D(P*CP*GP*GP*AP*CP*AP*GP*CP*AP*TP*CP*GP*CP*A)-3')
;
4274.794 1 ? ? ? ? 
3 polymer syn 
;DNA (5'-D(P*AP*CP*AP*CP*CP*G)-3')
;
1778.207 1 ? ? ? ? 
4 polymer syn 
;DNA (5'-D(*TP*CP*TP*GP*CP*GP*AP*TP*GP*CP*TP*GP*TP*GP*G)-3')
;
4631.994 1 ? ? ? ? 
# 
loop_
_entity_poly.entity_id 
_entity_poly.type 
_entity_poly.nstd_linkage 
_entity_poly.nstd_monomer 
_entity_poly.pdbx_seq_one_letter_code 
_entity_poly.pdbx_seq_one_letter_code_can 
_entity_poly.pdbx_strand_id 
_entity_poly.pdbx_target_identifier 
1 polydeoxyribonucleotide no no '(DG)(DA)(DC)(DC)(DT)(DG)(DT)'                                 GACCTGT         A ? 
2 polydeoxyribonucleotide no no '(DC)(DG)(DG)(DA)(DC)(DA)(DG)(DC)(DA)(DT)(DC)(DG)(DC)(DA)'     CGGACAGCATCGCA  B ? 
3 polydeoxyribonucleotide no no '(DA)(DC)(DA)(DC)(DC)(DG)'                                     ACACCG          C ? 
4 polydeoxyribonucleotide no no '(DT)(DC)(DT)(DG)(DC)(DG)(DA)(DT)(DG)(DC)(DT)(DG)(DT)(DG)(DG)' TCTGCGATGCTGTGG D ? 
# 
loop_
_entity_poly_seq.entity_id 
_entity_poly_seq.num 
_entity_poly_seq.mon_id 
_entity_poly_seq.hetero 
1 1  DG n 
1 2  DA n 
1 3  DC n 
1 4  DC n 
1 5  DT n 
1 6  DG n 
1 7  DT n 
2 1  DC n 
2 2  DG n 
2 3  DG n 
2 4  DA n 
2 5  DC n 
2 6  DA n 
2 7  DG n 
2 8  DC n 
2 9  DA n 
2 10 DT n 
2 11 DC n 
2 12 DG n 
2 13 DC n 
2 14 DA n 
3 1  DA n 
3 2  DC n 
3 3  DA n 
3 4  DC n 
3 5  DC n 
3 6  DG n 
4 1  DT n 
4 2  DC n 
4 3  DT n 
4 4  DG n 
4 5  DC n 
4 6  DG n 
4 7  DA n 
4 8  DT n 
4 9  DG n 
4 10 DC n 
4 11 DT n 
4 12 DG n 
4 13 DT n 
4 14 DG n 
4 15 DG n 
# 
loop_
_pdbx_entity_src_syn.entity_id 
_pdbx_entity_src_syn.pdbx_src_id 
_pdbx_entity_src_syn.pdbx_alt_source_flag 
_pdbx_entity_src_syn.pdbx_beg_seq_num 
_pdbx_entity_src_syn.pdbx_end_seq_num 
_pdbx_entity_src_syn.organism_scientific 
_pdbx_entity_src_syn.organism_common_name 
_pdbx_entity_src_syn.ncbi_taxonomy_id 
_pdbx_entity_src_syn.details 
1 1 sample 1 7  'synthetic construct' ? 32630 ? 
2 1 sample 1 14 'synthetic construct' ? 32630 ? 
3 1 sample 1 6  'synthetic construct' ? 32630 ? 
4 1 sample 1 15 'synthetic construct' ? 32630 ? 
# 
loop_
_chem_comp.id 
_chem_comp.type 
_chem_comp.mon_nstd_flag 
_chem_comp.name 
_chem_comp.pdbx_synonyms 
_chem_comp.formula 
_chem_comp.formula_weight 
DA 'DNA linking' y "2'-DEOXYADENOSINE-5'-MONOPHOSPHATE" ? 'C10 H14 N5 O6 P' 331.222 
DC 'DNA linking' y "2'-DEOXYCYTIDINE-5'-MONOPHOSPHATE"  ? 'C9 H14 N3 O7 P'  307.197 
DG 'DNA linking' y "2'-DEOXYGUANOSINE-5'-MONOPHOSPHATE" ? 'C10 H14 N5 O7 P' 347.221 
DT 'DNA linking' y "THYMIDINE-5'-MONOPHOSPHATE"         ? 'C10 H15 N2 O8 P' 322.208 
# 
loop_
_pdbx_poly_seq_scheme.asym_id 
_pdbx_poly_seq_scheme.entity_id 
_pdbx_poly_seq_scheme.seq_id 
_pdbx_poly_seq_scheme.mon_id 
_pdbx_poly_seq_scheme.ndb_seq_num 
_pdbx_poly_seq_scheme.pdb_seq_num 
_pdbx_poly_seq_scheme.auth_seq_num 
_pdbx_poly_seq_scheme.pdb_mon_id 
_pdbx_poly_seq_scheme.auth_mon_id 
_pdbx_poly_seq_scheme.pdb_strand_id 
_pdbx_poly_seq_scheme.pdb_ins_code 
_pdbx_poly_seq_scheme.hetero 
A 1 1  DG 1  6  6  DG DG A . n 
A 1 2  DA 2  7  7  DA DA A . n 
A 1 3  DC 3  8  8  DC DC A . n 
A 1 4  DC 4  9  9  DC DC A . n 
A 1 5  DT 5  10 10 DT DT A . n 
A 1 6  DG 6  11 11 DG DG A . n 
A 1 7  DT 7  12 12 DT DT A . n 
B 2 1  DC 1  12 12 DC DC B . n 
B 2 2  DG 2  13 13 DG DG B . n 
B 2 3  DG 3  14 14 DG DG B . n 
B 2 4  DA 4  15 15 DA DA B . n 
B 2 5  DC 5  16 16 DC DC B . n 
B 2 6  DA 6  17 17 DA DA B . n 
B 2 7  DG 7  18 18 DG DG B . n 
B 2 8  DC 8  19 19 DC DC B . n 
B 2 9  DA 9  20 20 DA DA B . n 
B 2 10 DT 10 21 21 DT DT B . n 
B 2 11 DC 11 22 22 DC DC B . n 
B 2 12 DG 12 23 23 DG DG B . n 
B 2 13 DC 13 24 24 DC DC B . n 
B 2 14 DA 14 25 25 DA DA B . n 
C 3 1  DA 1  0  0  DA DA C . n 
C 3 2  DC 2  1  1  DC DC C . n 
C 3 3  DA 3  2  2  DA DA C . n 
C 3 4  DC 4  3  3  DC DC C . n 
C 3 5  DC 5  4  4  DC DC C . n 
C 3 6  DG 6  5  5  DG DG C . n 
D 4 1  DT 1  -3 -3 DT DT D . n 
D 4 2  DC 2  -2 -2 DC DC D . n 
D 4 3  DT 3  -1 -1 DT DT D . n 
D 4 4  DG 4  0  0  DG DG D . n 
D 4 5  DC 5  1  1  DC DC D . n 
D 4 6  DG 6  2  2  DG DG D . n 
D 4 7  DA 7  3  3  DA DA D . n 
D 4 8  DT 8  4  4  DT DT D . n 
D 4 9  DG 9  5  5  DG DG D . n 
D 4 10 DC 10 6  6  DC DC D . n 
D 4 11 DT 11 7  7  DT DT D . n 
D 4 12 DG 12 8  8  DG DG D . n 
D 4 13 DT 13 9  9  DT DT D . n 
D 4 14 DG 14 10 10 DG DG D . n 
D 4 15 DG 15 11 11 DG DG D . n 
# 
loop_
_software.citation_id 
_software.classification 
_software.compiler_name 
_software.compiler_version 
_software.contact_author 
_software.contact_author_email 
_software.date 
_software.description 
_software.dependencies 
_software.hardware 
_software.language 
_software.location 
_software.mods 
_software.name 
_software.os 
_software.os_version 
_software.type 
_software.version 
_software.pdbx_ordinal 
? refinement       ? ? ? ? ? ? ? ? ? ? ? PHENIX    ? ? ? 1.20.1_4487 1 
? 'data reduction' ? ? ? ? ? ? ? ? ? ? ? autoPROC  ? ? ? .           2 
? 'data scaling'   ? ? ? ? ? ? ? ? ? ? ? STARANISO ? ? ? .           3 
? phasing          ? ? ? ? ? ? ? ? ? ? ? PHASER    ? ? ? .           4 
# 
_cell.angle_alpha                  90.000 
_cell.angle_alpha_esd              ? 
_cell.angle_beta                   90.000 
_cell.angle_beta_esd               ? 
_cell.angle_gamma                  120.000 
_cell.angle_gamma_esd              ? 
_cell.entry_id                     9NOJ 
_cell.details                      ? 
_cell.formula_units_Z              ? 
_cell.length_a                     68.231 
_cell.length_a_esd                 ? 
_cell.length_b                     68.231 
_cell.length_b_esd                 ? 
_cell.length_c                     60.083 
_cell.length_c_esd                 ? 
_cell.volume                       242239.920 
_cell.volume_esd                   ? 
_cell.Z_PDB                        3 
_cell.reciprocal_angle_alpha       ? 
_cell.reciprocal_angle_beta        ? 
_cell.reciprocal_angle_gamma       ? 
_cell.reciprocal_angle_alpha_esd   ? 
_cell.reciprocal_angle_beta_esd    ? 
_cell.reciprocal_angle_gamma_esd   ? 
_cell.reciprocal_length_a          ? 
_cell.reciprocal_length_b          ? 
_cell.reciprocal_length_c          ? 
_cell.reciprocal_length_a_esd      ? 
_cell.reciprocal_length_b_esd      ? 
_cell.reciprocal_length_c_esd      ? 
_cell.pdbx_unique_axis             ? 
_cell.pdbx_esd_method              ? 
# 
_symmetry.entry_id                         9NOJ 
_symmetry.cell_setting                     ? 
_symmetry.Int_Tables_number                145 
_symmetry.space_group_name_Hall            'P 32' 
_symmetry.space_group_name_H-M             'P 32' 
_symmetry.pdbx_full_space_group_name_H-M   ? 
# 
_exptl.absorpt_coefficient_mu     ? 
_exptl.absorpt_correction_T_max   ? 
_exptl.absorpt_correction_T_min   ? 
_exptl.absorpt_correction_type    ? 
_exptl.absorpt_process_details    ? 
_exptl.entry_id                   9NOJ 
_exptl.crystals_number            1 
_exptl.details                    ? 
_exptl.method                     'X-RAY DIFFRACTION' 
_exptl.method_details             ? 
# 
_exptl_crystal.colour                       ? 
_exptl_crystal.density_diffrn               ? 
_exptl_crystal.density_Matthews             6.31 
_exptl_crystal.density_method               ? 
_exptl_crystal.density_percent_sol          80.50 
_exptl_crystal.description                  ? 
_exptl_crystal.F_000                        ? 
_exptl_crystal.id                           1 
_exptl_crystal.preparation                  ? 
_exptl_crystal.size_max                     ? 
_exptl_crystal.size_mid                     ? 
_exptl_crystal.size_min                     ? 
_exptl_crystal.size_rad                     ? 
_exptl_crystal.colour_lustre                ? 
_exptl_crystal.colour_modifier              ? 
_exptl_crystal.colour_primary               ? 
_exptl_crystal.density_meas                 ? 
_exptl_crystal.density_meas_esd             ? 
_exptl_crystal.density_meas_gt              ? 
_exptl_crystal.density_meas_lt              ? 
_exptl_crystal.density_meas_temp            ? 
_exptl_crystal.density_meas_temp_esd        ? 
_exptl_crystal.density_meas_temp_gt         ? 
_exptl_crystal.density_meas_temp_lt         ? 
_exptl_crystal.pdbx_crystal_image_url       ? 
_exptl_crystal.pdbx_crystal_image_format    ? 
_exptl_crystal.pdbx_mosaicity               ? 
_exptl_crystal.pdbx_mosaicity_esd           ? 
_exptl_crystal.pdbx_mosaic_method           ? 
_exptl_crystal.pdbx_mosaic_block_size       ? 
_exptl_crystal.pdbx_mosaic_block_size_esd   ? 
# 
_exptl_crystal_grow.apparatus       ? 
_exptl_crystal_grow.atmosphere      ? 
_exptl_crystal_grow.crystal_id      1 
_exptl_crystal_grow.details         ? 
_exptl_crystal_grow.method          'VAPOR DIFFUSION, HANGING DROP' 
_exptl_crystal_grow.method_ref      ? 
_exptl_crystal_grow.pH              ? 
_exptl_crystal_grow.pressure        ? 
_exptl_crystal_grow.pressure_esd    ? 
_exptl_crystal_grow.seeding         ? 
_exptl_crystal_grow.seeding_ref     ? 
_exptl_crystal_grow.temp_details    '338-293 at 0.4/hr' 
_exptl_crystal_grow.temp_esd        ? 
_exptl_crystal_grow.time            ? 
_exptl_crystal_grow.pdbx_details    '100 mM MOPS, 1.25 M magnesium sulfate' 
_exptl_crystal_grow.pdbx_pH_range   ? 
_exptl_crystal_grow.temp            293 
# 
_diffrn.ambient_environment              ? 
_diffrn.ambient_temp                     100 
_diffrn.ambient_temp_details             ? 
_diffrn.ambient_temp_esd                 ? 
_diffrn.crystal_id                       1 
_diffrn.crystal_support                  ? 
_diffrn.crystal_treatment                ? 
_diffrn.details                          ? 
_diffrn.id                               1 
_diffrn.ambient_pressure                 ? 
_diffrn.ambient_pressure_esd             ? 
_diffrn.ambient_pressure_gt              ? 
_diffrn.ambient_pressure_lt              ? 
_diffrn.ambient_temp_gt                  ? 
_diffrn.ambient_temp_lt                  ? 
_diffrn.pdbx_serial_crystal_experiment   N 
# 
_diffrn_detector.details                      ? 
_diffrn_detector.detector                     PIXEL 
_diffrn_detector.diffrn_id                    1 
_diffrn_detector.type                         'DECTRIS EIGER X 9M' 
_diffrn_detector.area_resol_mean              ? 
_diffrn_detector.dtime                        ? 
_diffrn_detector.pdbx_frames_total            ? 
_diffrn_detector.pdbx_collection_time_total   ? 
_diffrn_detector.pdbx_collection_date         2022-10-16 
_diffrn_detector.pdbx_frequency               ? 
_diffrn_detector.id                           ? 
_diffrn_detector.number_of_axes               ? 
# 
_diffrn_radiation.collimation                      ? 
_diffrn_radiation.diffrn_id                        1 
_diffrn_radiation.filter_edge                      ? 
_diffrn_radiation.inhomogeneity                    ? 
_diffrn_radiation.monochromator                    ? 
_diffrn_radiation.polarisn_norm                    ? 
_diffrn_radiation.polarisn_ratio                   ? 
_diffrn_radiation.probe                            ? 
_diffrn_radiation.type                             ? 
_diffrn_radiation.xray_symbol                      ? 
_diffrn_radiation.wavelength_id                    1 
_diffrn_radiation.pdbx_monochromatic_or_laue_m_l   M 
_diffrn_radiation.pdbx_wavelength_list             ? 
_diffrn_radiation.pdbx_wavelength                  ? 
_diffrn_radiation.pdbx_diffrn_protocol             'SINGLE WAVELENGTH' 
_diffrn_radiation.pdbx_analyzer                    ? 
_diffrn_radiation.pdbx_scattering_type             x-ray 
# 
_diffrn_radiation_wavelength.id           1 
_diffrn_radiation_wavelength.wavelength   1.000010 
_diffrn_radiation_wavelength.wt           1.0 
# 
_diffrn_source.current                     ? 
_diffrn_source.details                     ? 
_diffrn_source.diffrn_id                   1 
_diffrn_source.power                       ? 
_diffrn_source.size                        ? 
_diffrn_source.source                      SYNCHROTRON 
_diffrn_source.target                      ? 
_diffrn_source.type                        'APS BEAMLINE 17-ID' 
_diffrn_source.voltage                     ? 
_diffrn_source.take-off_angle              ? 
_diffrn_source.pdbx_wavelength_list        1.000010 
_diffrn_source.pdbx_wavelength             ? 
_diffrn_source.pdbx_synchrotron_beamline   17-ID 
_diffrn_source.pdbx_synchrotron_site       APS 
# 
_reflns.B_iso_Wilson_estimate                          -49.37 
_reflns.entry_id                                       9NOJ 
_reflns.data_reduction_details                         ? 
_reflns.data_reduction_method                          ? 
_reflns.d_resolution_high                              3.20 
_reflns.d_resolution_low                               59.090 
_reflns.details                                        ? 
_reflns.limit_h_max                                    ? 
_reflns.limit_h_min                                    ? 
_reflns.limit_k_max                                    ? 
_reflns.limit_k_min                                    ? 
_reflns.limit_l_max                                    ? 
_reflns.limit_l_min                                    ? 
_reflns.number_all                                     ? 
_reflns.number_obs                                     2406 
_reflns.observed_criterion                             ? 
_reflns.observed_criterion_F_max                       ? 
_reflns.observed_criterion_F_min                       ? 
_reflns.observed_criterion_I_max                       ? 
_reflns.observed_criterion_I_min                       ? 
_reflns.observed_criterion_sigma_F                     ? 
_reflns.observed_criterion_sigma_I                     ? 
_reflns.percent_possible_obs                           76.9 
_reflns.R_free_details                                 ? 
_reflns.Rmerge_F_all                                   ? 
_reflns.Rmerge_F_obs                                   ? 
_reflns.Friedel_coverage                               ? 
_reflns.number_gt                                      ? 
_reflns.threshold_expression                           ? 
_reflns.pdbx_redundancy                                8.7 
_reflns.pdbx_netI_over_av_sigmaI                       ? 
_reflns.pdbx_netI_over_sigmaI                          7.4 
_reflns.pdbx_res_netI_over_av_sigmaI_2                 ? 
_reflns.pdbx_res_netI_over_sigmaI_2                    ? 
_reflns.pdbx_chi_squared                               ? 
_reflns.pdbx_scaling_rejects                           ? 
_reflns.pdbx_d_res_high_opt                            ? 
_reflns.pdbx_d_res_low_opt                             ? 
_reflns.pdbx_d_res_opt_method                          ? 
_reflns.phase_calculation_details                      ? 
_reflns.pdbx_Rrim_I_all                                ? 
_reflns.pdbx_Rpim_I_all                                ? 
_reflns.pdbx_d_opt                                     ? 
_reflns.pdbx_number_measured_all                       ? 
_reflns.pdbx_diffrn_id                                 1 
_reflns.pdbx_ordinal                                   1 
_reflns.pdbx_CC_half                                   0.994 
_reflns.pdbx_CC_star                                   ? 
_reflns.pdbx_R_split                                   ? 
_reflns.pdbx_Rmerge_I_obs                              ? 
_reflns.pdbx_Rmerge_I_all                              ? 
_reflns.pdbx_Rsym_value                                ? 
_reflns.pdbx_CC_split_method                           ? 
_reflns.pdbx_aniso_diffraction_limit_axis_1_ortho[1]   ? 
_reflns.pdbx_aniso_diffraction_limit_axis_1_ortho[2]   ? 
_reflns.pdbx_aniso_diffraction_limit_axis_1_ortho[3]   ? 
_reflns.pdbx_aniso_diffraction_limit_axis_2_ortho[1]   ? 
_reflns.pdbx_aniso_diffraction_limit_axis_2_ortho[2]   ? 
_reflns.pdbx_aniso_diffraction_limit_axis_2_ortho[3]   ? 
_reflns.pdbx_aniso_diffraction_limit_axis_3_ortho[1]   ? 
_reflns.pdbx_aniso_diffraction_limit_axis_3_ortho[2]   ? 
_reflns.pdbx_aniso_diffraction_limit_axis_3_ortho[3]   ? 
_reflns.pdbx_aniso_diffraction_limit_1                 ? 
_reflns.pdbx_aniso_diffraction_limit_2                 ? 
_reflns.pdbx_aniso_diffraction_limit_3                 ? 
_reflns.pdbx_aniso_B_tensor_eigenvector_1_ortho[1]     ? 
_reflns.pdbx_aniso_B_tensor_eigenvector_1_ortho[2]     ? 
_reflns.pdbx_aniso_B_tensor_eigenvector_1_ortho[3]     ? 
_reflns.pdbx_aniso_B_tensor_eigenvector_2_ortho[1]     ? 
_reflns.pdbx_aniso_B_tensor_eigenvector_2_ortho[2]     ? 
_reflns.pdbx_aniso_B_tensor_eigenvector_2_ortho[3]     ? 
_reflns.pdbx_aniso_B_tensor_eigenvector_3_ortho[1]     ? 
_reflns.pdbx_aniso_B_tensor_eigenvector_3_ortho[2]     ? 
_reflns.pdbx_aniso_B_tensor_eigenvector_3_ortho[3]     ? 
_reflns.pdbx_aniso_B_tensor_eigenvalue_1               ? 
_reflns.pdbx_aniso_B_tensor_eigenvalue_2               ? 
_reflns.pdbx_aniso_B_tensor_eigenvalue_3               ? 
_reflns.pdbx_orthogonalization_convention              ? 
_reflns.pdbx_percent_possible_ellipsoidal              ? 
_reflns.pdbx_percent_possible_spherical                ? 
_reflns.pdbx_percent_possible_ellipsoidal_anomalous    ? 
_reflns.pdbx_percent_possible_spherical_anomalous      ? 
_reflns.pdbx_redundancy_anomalous                      ? 
_reflns.pdbx_CC_half_anomalous                         ? 
_reflns.pdbx_absDiff_over_sigma_anomalous              ? 
_reflns.pdbx_percent_possible_anomalous                ? 
_reflns.pdbx_observed_signal_threshold                 ? 
_reflns.pdbx_signal_type                               ? 
_reflns.pdbx_signal_details                            ? 
_reflns.pdbx_signal_software_id                        ? 
# 
loop_
_reflns_shell.d_res_high 
_reflns_shell.d_res_low 
_reflns_shell.meanI_over_sigI_all 
_reflns_shell.meanI_over_sigI_obs 
_reflns_shell.number_measured_all 
_reflns_shell.number_measured_obs 
_reflns_shell.number_possible 
_reflns_shell.number_unique_all 
_reflns_shell.number_unique_obs 
_reflns_shell.percent_possible_obs 
_reflns_shell.Rmerge_F_all 
_reflns_shell.Rmerge_F_obs 
_reflns_shell.meanI_over_sigI_gt 
_reflns_shell.meanI_over_uI_all 
_reflns_shell.meanI_over_uI_gt 
_reflns_shell.number_measured_gt 
_reflns_shell.number_unique_gt 
_reflns_shell.percent_possible_gt 
_reflns_shell.Rmerge_F_gt 
_reflns_shell.Rmerge_I_gt 
_reflns_shell.pdbx_redundancy 
_reflns_shell.pdbx_chi_squared 
_reflns_shell.pdbx_netI_over_sigmaI_all 
_reflns_shell.pdbx_netI_over_sigmaI_obs 
_reflns_shell.pdbx_Rrim_I_all 
_reflns_shell.pdbx_Rpim_I_all 
_reflns_shell.pdbx_rejects 
_reflns_shell.pdbx_ordinal 
_reflns_shell.pdbx_diffrn_id 
_reflns_shell.pdbx_CC_half 
_reflns_shell.pdbx_CC_star 
_reflns_shell.pdbx_R_split 
_reflns_shell.percent_possible_all 
_reflns_shell.Rmerge_I_all 
_reflns_shell.Rmerge_I_obs 
_reflns_shell.pdbx_Rsym_value 
_reflns_shell.pdbx_percent_possible_ellipsoidal 
_reflns_shell.pdbx_percent_possible_spherical 
_reflns_shell.pdbx_percent_possible_ellipsoidal_anomalous 
_reflns_shell.pdbx_percent_possible_spherical_anomalous 
_reflns_shell.pdbx_redundancy_anomalous 
_reflns_shell.pdbx_CC_half_anomalous 
_reflns_shell.pdbx_absDiff_over_sigma_anomalous 
_reflns_shell.pdbx_percent_possible_anomalous 
3.201 3.752  ? ? ? ? ? ? 200 ? ? ? ? ? ? ? ? ? ? ? ? ? ? ? ? ? ? 1 1 0.679 ? ? ? ? ? ? ? ? ? ? ? ? ? ? 
9.378 59.090 ? ? ? ? ? ? 201 ? ? ? ? ? ? ? ? ? ? ? ? ? ? ? ? ? ? 2 1 1.000 ? ? ? ? ? ? ? ? ? ? ? ? ? ? 
# 
_refine.aniso_B[1][1]                            ? 
_refine.aniso_B[1][2]                            ? 
_refine.aniso_B[1][3]                            ? 
_refine.aniso_B[2][2]                            ? 
_refine.aniso_B[2][3]                            ? 
_refine.aniso_B[3][3]                            ? 
_refine.B_iso_max                                ? 
_refine.B_iso_mean                               63.70 
_refine.B_iso_min                                ? 
_refine.correlation_coeff_Fo_to_Fc               ? 
_refine.correlation_coeff_Fo_to_Fc_free          ? 
_refine.details                                  ? 
_refine.diff_density_max                         ? 
_refine.diff_density_max_esd                     ? 
_refine.diff_density_min                         ? 
_refine.diff_density_min_esd                     ? 
_refine.diff_density_rms                         ? 
_refine.diff_density_rms_esd                     ? 
_refine.entry_id                                 9NOJ 
_refine.pdbx_refine_id                           'X-RAY DIFFRACTION' 
_refine.ls_abs_structure_details                 ? 
_refine.ls_abs_structure_Flack                   ? 
_refine.ls_abs_structure_Flack_esd               ? 
_refine.ls_abs_structure_Rogers                  ? 
_refine.ls_abs_structure_Rogers_esd              ? 
_refine.ls_d_res_high                            3.20 
_refine.ls_d_res_low                             34.12 
_refine.ls_extinction_coef                       ? 
_refine.ls_extinction_coef_esd                   ? 
_refine.ls_extinction_expression                 ? 
_refine.ls_extinction_method                     ? 
_refine.ls_goodness_of_fit_all                   ? 
_refine.ls_goodness_of_fit_all_esd               ? 
_refine.ls_goodness_of_fit_obs                   ? 
_refine.ls_goodness_of_fit_obs_esd               ? 
_refine.ls_hydrogen_treatment                    ? 
_refine.ls_matrix_type                           ? 
_refine.ls_number_constraints                    ? 
_refine.ls_number_parameters                     ? 
_refine.ls_number_reflns_all                     ? 
_refine.ls_number_reflns_obs                     2400 
_refine.ls_number_reflns_R_free                  122 
_refine.ls_number_reflns_R_work                  2278 
_refine.ls_number_restraints                     ? 
_refine.ls_percent_reflns_obs                    46.35 
_refine.ls_percent_reflns_R_free                 5.08 
_refine.ls_R_factor_all                          ? 
_refine.ls_R_factor_obs                          0.2873 
_refine.ls_R_factor_R_free                       0.3648 
_refine.ls_R_factor_R_free_error                 ? 
_refine.ls_R_factor_R_free_error_details         ? 
_refine.ls_R_factor_R_work                       0.2837 
_refine.ls_R_Fsqd_factor_obs                     ? 
_refine.ls_R_I_factor_obs                        ? 
_refine.ls_redundancy_reflns_all                 ? 
_refine.ls_redundancy_reflns_obs                 ? 
_refine.ls_restrained_S_all                      ? 
_refine.ls_restrained_S_obs                      ? 
_refine.ls_shift_over_esd_max                    ? 
_refine.ls_shift_over_esd_mean                   ? 
_refine.ls_structure_factor_coef                 ? 
_refine.ls_weighting_details                     ? 
_refine.ls_weighting_scheme                      ? 
_refine.ls_wR_factor_all                         ? 
_refine.ls_wR_factor_obs                         ? 
_refine.ls_wR_factor_R_free                      ? 
_refine.ls_wR_factor_R_work                      ? 
_refine.occupancy_max                            ? 
_refine.occupancy_min                            ? 
_refine.solvent_model_details                    'FLAT BULK SOLVENT MODEL' 
_refine.solvent_model_param_bsol                 ? 
_refine.solvent_model_param_ksol                 ? 
_refine.correlation_coeff_I_to_Fcsqd_work        ? 
_refine.correlation_coeff_I_to_Fcsqd_free        ? 
_refine.pdbx_R_complete                          ? 
_refine.ls_R_factor_gt                           ? 
_refine.ls_goodness_of_fit_gt                    ? 
_refine.ls_goodness_of_fit_ref                   ? 
_refine.ls_shift_over_su_max                     ? 
_refine.ls_shift_over_su_max_lt                  ? 
_refine.ls_shift_over_su_mean                    ? 
_refine.ls_shift_over_su_mean_lt                 ? 
_refine.pdbx_ls_sigma_I                          ? 
_refine.pdbx_ls_sigma_F                          1.96 
_refine.pdbx_ls_sigma_Fsqd                       ? 
_refine.pdbx_data_cutoff_high_absF               ? 
_refine.pdbx_data_cutoff_high_rms_absF           ? 
_refine.pdbx_data_cutoff_low_absF                ? 
_refine.pdbx_isotropic_thermal_model             ? 
_refine.pdbx_ls_cross_valid_method               'FREE R-VALUE' 
_refine.pdbx_method_to_determine_struct          'MOLECULAR REPLACEMENT' 
_refine.pdbx_starting_model                      ? 
_refine.pdbx_stereochemistry_target_values       'GeoStd + Monomer Library + CDL v1.2' 
_refine.pdbx_R_Free_selection_details            ? 
_refine.pdbx_stereochem_target_val_spec_case     ? 
_refine.pdbx_overall_ESU_R                       ? 
_refine.pdbx_overall_ESU_R_Free                  ? 
_refine.pdbx_solvent_vdw_probe_radii             1.1000 
_refine.pdbx_solvent_ion_probe_radii             ? 
_refine.pdbx_solvent_shrinkage_radii             0.9000 
_refine.pdbx_real_space_R                        ? 
_refine.pdbx_density_correlation                 ? 
_refine.pdbx_pd_number_of_powder_patterns        ? 
_refine.pdbx_pd_number_of_points                 ? 
_refine.pdbx_pd_meas_number_of_points            ? 
_refine.pdbx_pd_proc_ls_prof_R_factor            ? 
_refine.pdbx_pd_proc_ls_prof_wR_factor           ? 
_refine.pdbx_pd_Marquardt_correlation_coeff      ? 
_refine.pdbx_pd_Fsqrd_R_factor                   ? 
_refine.pdbx_pd_ls_matrix_band_width             ? 
_refine.pdbx_overall_phase_error                 39.1181 
_refine.pdbx_overall_SU_R_free_Cruickshank_DPI   ? 
_refine.pdbx_overall_SU_R_free_Blow_DPI          ? 
_refine.pdbx_overall_SU_R_Blow_DPI               ? 
_refine.pdbx_TLS_residual_ADP_flag               ? 
_refine.pdbx_diffrn_id                           1 
_refine.overall_SU_B                             ? 
_refine.overall_SU_ML                            0.6311 
_refine.overall_SU_R_Cruickshank_DPI             ? 
_refine.overall_SU_R_free                        ? 
_refine.overall_FOM_free_R_set                   ? 
_refine.overall_FOM_work_R_set                   ? 
_refine.pdbx_average_fsc_overall                 ? 
_refine.pdbx_average_fsc_work                    ? 
_refine.pdbx_average_fsc_free                    ? 
# 
_refine_hist.pdbx_refine_id                   'X-RAY DIFFRACTION' 
_refine_hist.cycle_id                         LAST 
_refine_hist.details                          ? 
_refine_hist.d_res_high                       3.20 
_refine_hist.d_res_low                        34.12 
_refine_hist.number_atoms_solvent             0 
_refine_hist.number_atoms_total               855 
_refine_hist.number_reflns_all                ? 
_refine_hist.number_reflns_obs                ? 
_refine_hist.number_reflns_R_free             ? 
_refine_hist.number_reflns_R_work             ? 
_refine_hist.R_factor_all                     ? 
_refine_hist.R_factor_obs                     ? 
_refine_hist.R_factor_R_free                  ? 
_refine_hist.R_factor_R_work                  ? 
_refine_hist.pdbx_number_residues_total       ? 
_refine_hist.pdbx_B_iso_mean_ligand           ? 
_refine_hist.pdbx_B_iso_mean_solvent          ? 
_refine_hist.pdbx_number_atoms_protein        0 
_refine_hist.pdbx_number_atoms_nucleic_acid   855 
_refine_hist.pdbx_number_atoms_ligand         0 
_refine_hist.pdbx_number_atoms_lipid          ? 
_refine_hist.pdbx_number_atoms_carb           ? 
_refine_hist.pdbx_pseudo_atom_details         ? 
# 
loop_
_refine_ls_restr.pdbx_refine_id 
_refine_ls_restr.criterion 
_refine_ls_restr.dev_ideal 
_refine_ls_restr.dev_ideal_target 
_refine_ls_restr.number 
_refine_ls_restr.rejects 
_refine_ls_restr.type 
_refine_ls_restr.weight 
_refine_ls_restr.pdbx_restraint_function 
'X-RAY DIFFRACTION' ? 0.0050  ? 956  ? f_bond_d           ? ? 
'X-RAY DIFFRACTION' ? 0.7677  ? 1467 ? f_angle_d          ? ? 
'X-RAY DIFFRACTION' ? 0.0439  ? 166  ? f_chiral_restr     ? ? 
'X-RAY DIFFRACTION' ? 0.0039  ? 42   ? f_plane_restr      ? ? 
'X-RAY DIFFRACTION' ? 38.4003 ? 406  ? f_dihedral_angle_d ? ? 
# 
_refine_ls_shell.pdbx_refine_id                      'X-RAY DIFFRACTION' 
_refine_ls_shell.d_res_high                          3.20 
_refine_ls_shell.d_res_low                           34.12 
_refine_ls_shell.number_reflns_all                   ? 
_refine_ls_shell.number_reflns_obs                   ? 
_refine_ls_shell.number_reflns_R_free                122 
_refine_ls_shell.number_reflns_R_work                2278 
_refine_ls_shell.percent_reflns_obs                  46.35 
_refine_ls_shell.percent_reflns_R_free               ? 
_refine_ls_shell.R_factor_all                        ? 
_refine_ls_shell.R_factor_obs                        ? 
_refine_ls_shell.R_factor_R_free_error               ? 
_refine_ls_shell.R_factor_R_work                     0.2837 
_refine_ls_shell.redundancy_reflns_all               ? 
_refine_ls_shell.redundancy_reflns_obs               ? 
_refine_ls_shell.wR_factor_all                       ? 
_refine_ls_shell.wR_factor_obs                       ? 
_refine_ls_shell.wR_factor_R_free                    ? 
_refine_ls_shell.wR_factor_R_work                    ? 
_refine_ls_shell.pdbx_R_complete                     ? 
_refine_ls_shell.correlation_coeff_Fo_to_Fc          ? 
_refine_ls_shell.correlation_coeff_Fo_to_Fc_free     ? 
_refine_ls_shell.correlation_coeff_I_to_Fcsqd_work   ? 
_refine_ls_shell.correlation_coeff_I_to_Fcsqd_free   ? 
_refine_ls_shell.pdbx_total_number_of_bins_used      ? 
_refine_ls_shell.pdbx_phase_error                    ? 
_refine_ls_shell.pdbx_fsc_work                       ? 
_refine_ls_shell.pdbx_fsc_free                       ? 
_refine_ls_shell.R_factor_R_free                     0.3648 
# 
_struct.entry_id                     9NOJ 
_struct.title                        
'[2,6,11-2] Shifted DNA assembly with an aspect ratio of (2,6,11) base pairs and 2 nt sticky ends' 
_struct.pdbx_model_details           ? 
_struct.pdbx_formula_weight          ? 
_struct.pdbx_formula_weight_method   ? 
_struct.pdbx_model_type_details      ? 
_struct.pdbx_CASP_flag               N 
# 
_struct_keywords.entry_id        9NOJ 
_struct_keywords.text            'trigonal assembly, DNA' 
_struct_keywords.pdbx_keywords   DNA 
# 
loop_
_struct_asym.id 
_struct_asym.pdbx_blank_PDB_chainid_flag 
_struct_asym.pdbx_modified 
_struct_asym.entity_id 
_struct_asym.details 
A N N 1 ? 
B N N 2 ? 
C N N 3 ? 
D N N 4 ? 
# 
loop_
_struct_ref.id 
_struct_ref.db_name 
_struct_ref.db_code 
_struct_ref.pdbx_db_accession 
_struct_ref.pdbx_db_isoform 
_struct_ref.entity_id 
_struct_ref.pdbx_seq_one_letter_code 
_struct_ref.pdbx_align_begin 
1 PDB 9NOJ 9NOJ ? 1 ? 1 
2 PDB 9NOJ 9NOJ ? 2 ? 1 
3 PDB 9NOJ 9NOJ ? 3 ? 1 
4 PDB 9NOJ 9NOJ ? 4 ? 1 
# 
loop_
_struct_ref_seq.align_id 
_struct_ref_seq.ref_id 
_struct_ref_seq.pdbx_PDB_id_code 
_struct_ref_seq.pdbx_strand_id 
_struct_ref_seq.seq_align_beg 
_struct_ref_seq.pdbx_seq_align_beg_ins_code 
_struct_ref_seq.seq_align_end 
_struct_ref_seq.pdbx_seq_align_end_ins_code 
_struct_ref_seq.pdbx_db_accession 
_struct_ref_seq.db_align_beg 
_struct_ref_seq.pdbx_db_align_beg_ins_code 
_struct_ref_seq.db_align_end 
_struct_ref_seq.pdbx_db_align_end_ins_code 
_struct_ref_seq.pdbx_auth_seq_align_beg 
_struct_ref_seq.pdbx_auth_seq_align_end 
1 1 9NOJ A 1 ? 7  ? 9NOJ 6  ? 12 ? 6  12 
2 2 9NOJ B 1 ? 14 ? 9NOJ 12 ? 25 ? 12 25 
3 3 9NOJ C 1 ? 6  ? 9NOJ 0  ? 5  ? 0  5  
4 4 9NOJ D 1 ? 15 ? 9NOJ -3 ? 11 ? -3 11 
# 
_pdbx_struct_assembly.id                   1 
_pdbx_struct_assembly.details              author_defined_assembly 
_pdbx_struct_assembly.method_details       ? 
_pdbx_struct_assembly.oligomeric_details   dodecameric 
_pdbx_struct_assembly.oligomeric_count     12 
# 
loop_
_pdbx_struct_assembly_gen.assembly_id 
_pdbx_struct_assembly_gen.oper_expression 
_pdbx_struct_assembly_gen.asym_id_list 
1 1 A,B,C,D 
1 2 A,B,C,D 
1 3 A,B,C,D 
# 
_pdbx_struct_assembly_auth_evidence.id                     1 
_pdbx_struct_assembly_auth_evidence.assembly_id            1 
_pdbx_struct_assembly_auth_evidence.experimental_support   'native gel electrophoresis' 
_pdbx_struct_assembly_auth_evidence.details                ? 
# 
loop_
_pdbx_struct_oper_list.id 
_pdbx_struct_oper_list.type 
_pdbx_struct_oper_list.name 
_pdbx_struct_oper_list.symmetry_operation 
_pdbx_struct_oper_list.matrix[1][1] 
_pdbx_struct_oper_list.matrix[1][2] 
_pdbx_struct_oper_list.matrix[1][3] 
_pdbx_struct_oper_list.vector[1] 
_pdbx_struct_oper_list.matrix[2][1] 
_pdbx_struct_oper_list.matrix[2][2] 
_pdbx_struct_oper_list.matrix[2][3] 
_pdbx_struct_oper_list.vector[2] 
_pdbx_struct_oper_list.matrix[3][1] 
_pdbx_struct_oper_list.matrix[3][2] 
_pdbx_struct_oper_list.matrix[3][3] 
_pdbx_struct_oper_list.vector[3] 
1 'identity operation'         1_555 x,y,z           1.0000000000  0.0000000000  0.0000000000  0.0000000000   0.0000000000  1.0000000000 0.0000000000  0.0000000000  0.0000000000  0.0000000000  1.0000000000  0.0000000000   
2 'crystal symmetry operation' 2_545 -y,x-y-1,z+2/3  -0.3829143390 -0.1166004554 0.9163956257  -40.4548890758 -0.6462754700 0.7426365284 -0.1755534208 25.3361176607 -0.6600792574 -0.6594659358 -0.3597221895 -18.6142293625 
3 'crystal symmetry operation' 3_655 -x+y+1,-x,z+1/3 -0.3829143390 -0.6462754700 -0.6600792574 -28.1899228216 -0.1166004554 0.7426365284 -0.6594659358 18.8782015380 0.9163956257  -0.1755534208 -0.3597221895 16.4507113729 
# 
loop_
_struct_conn.id 
_struct_conn.conn_type_id 
_struct_conn.pdbx_leaving_atom_flag 
_struct_conn.pdbx_PDB_id 
_struct_conn.ptnr1_label_asym_id 
_struct_conn.ptnr1_label_comp_id 
_struct_conn.ptnr1_label_seq_id 
_struct_conn.ptnr1_label_atom_id 
_struct_conn.pdbx_ptnr1_label_alt_id 
_struct_conn.pdbx_ptnr1_PDB_ins_code 
_struct_conn.pdbx_ptnr1_standard_comp_id 
_struct_conn.ptnr1_symmetry 
_struct_conn.ptnr2_label_asym_id 
_struct_conn.ptnr2_label_comp_id 
_struct_conn.ptnr2_label_seq_id 
_struct_conn.ptnr2_label_atom_id 
_struct_conn.pdbx_ptnr2_label_alt_id 
_struct_conn.pdbx_ptnr2_PDB_ins_code 
_struct_conn.ptnr1_auth_asym_id 
_struct_conn.ptnr1_auth_comp_id 
_struct_conn.ptnr1_auth_seq_id 
_struct_conn.ptnr2_auth_asym_id 
_struct_conn.ptnr2_auth_comp_id 
_struct_conn.ptnr2_auth_seq_id 
_struct_conn.ptnr2_symmetry 
_struct_conn.pdbx_ptnr3_label_atom_id 
_struct_conn.pdbx_ptnr3_label_seq_id 
_struct_conn.pdbx_ptnr3_label_comp_id 
_struct_conn.pdbx_ptnr3_label_asym_id 
_struct_conn.pdbx_ptnr3_label_alt_id 
_struct_conn.pdbx_ptnr3_PDB_ins_code 
_struct_conn.details 
_struct_conn.pdbx_dist_value 
_struct_conn.pdbx_value_order 
_struct_conn.pdbx_role 
hydrog1  hydrog ? ? A DC 3  N3 ? ? ? 1_555 D DG 15 N1 ? ? A DC 8  D DG 11 1_555 ? ? ? ? ? ? WATSON-CRICK ? ? ? 
hydrog2  hydrog ? ? A DC 3  N4 ? ? ? 1_555 D DG 15 O6 ? ? A DC 8  D DG 11 1_555 ? ? ? ? ? ? WATSON-CRICK ? ? ? 
hydrog3  hydrog ? ? A DC 3  O2 ? ? ? 1_555 D DG 15 N2 ? ? A DC 8  D DG 11 1_555 ? ? ? ? ? ? WATSON-CRICK ? ? ? 
hydrog4  hydrog ? ? A DC 4  N3 ? ? ? 1_555 D DG 14 N1 ? ? A DC 9  D DG 10 1_555 ? ? ? ? ? ? WATSON-CRICK ? ? ? 
hydrog5  hydrog ? ? A DC 4  N4 ? ? ? 1_555 D DG 14 O6 ? ? A DC 9  D DG 10 1_555 ? ? ? ? ? ? WATSON-CRICK ? ? ? 
hydrog6  hydrog ? ? A DC 4  O2 ? ? ? 1_555 D DG 14 N2 ? ? A DC 9  D DG 10 1_555 ? ? ? ? ? ? WATSON-CRICK ? ? ? 
hydrog7  hydrog ? ? A DG 6  N1 ? ? ? 1_555 C DC 2  N3 ? ? A DG 11 C DC 1  1_555 ? ? ? ? ? ? WATSON-CRICK ? ? ? 
hydrog8  hydrog ? ? A DG 6  N2 ? ? ? 1_555 C DC 2  O2 ? ? A DG 11 C DC 1  1_555 ? ? ? ? ? ? WATSON-CRICK ? ? ? 
hydrog9  hydrog ? ? A DG 6  O6 ? ? ? 1_555 C DC 2  N4 ? ? A DG 11 C DC 1  1_555 ? ? ? ? ? ? WATSON-CRICK ? ? ? 
hydrog10 hydrog ? ? A DT 7  O4 ? ? ? 1_555 C DA 1  N6 ? ? A DT 12 C DA 0  1_555 ? ? ? ? ? ? 'DT-DA PAIR' ? ? ? 
hydrog11 hydrog ? ? B DC 1  N3 ? ? ? 1_555 C DG 6  N1 ? ? B DC 12 C DG 5  1_555 ? ? ? ? ? ? WATSON-CRICK ? ? ? 
hydrog12 hydrog ? ? B DC 1  N4 ? ? ? 1_555 C DG 6  O6 ? ? B DC 12 C DG 5  1_555 ? ? ? ? ? ? WATSON-CRICK ? ? ? 
hydrog13 hydrog ? ? B DC 1  O2 ? ? ? 1_555 C DG 6  N2 ? ? B DC 12 C DG 5  1_555 ? ? ? ? ? ? WATSON-CRICK ? ? ? 
hydrog14 hydrog ? ? B DG 2  N1 ? ? ? 1_555 C DC 5  N3 ? ? B DG 13 C DC 4  1_555 ? ? ? ? ? ? WATSON-CRICK ? ? ? 
hydrog15 hydrog ? ? B DG 2  N2 ? ? ? 1_555 C DC 5  O2 ? ? B DG 13 C DC 4  1_555 ? ? ? ? ? ? WATSON-CRICK ? ? ? 
hydrog16 hydrog ? ? B DG 2  O6 ? ? ? 1_555 C DC 5  N4 ? ? B DG 13 C DC 4  1_555 ? ? ? ? ? ? WATSON-CRICK ? ? ? 
hydrog17 hydrog ? ? B DG 3  N1 ? ? ? 1_555 C DC 4  N3 ? ? B DG 14 C DC 3  1_555 ? ? ? ? ? ? WATSON-CRICK ? ? ? 
hydrog18 hydrog ? ? B DG 3  N2 ? ? ? 1_555 C DC 4  O2 ? ? B DG 14 C DC 3  1_555 ? ? ? ? ? ? WATSON-CRICK ? ? ? 
hydrog19 hydrog ? ? B DG 3  O6 ? ? ? 1_555 C DC 4  N4 ? ? B DG 14 C DC 3  1_555 ? ? ? ? ? ? WATSON-CRICK ? ? ? 
hydrog20 hydrog ? ? B DA 4  N1 ? ? ? 1_555 D DT 13 N3 ? ? B DA 15 D DT 9  1_555 ? ? ? ? ? ? WATSON-CRICK ? ? ? 
hydrog21 hydrog ? ? B DA 4  N6 ? ? ? 1_555 D DT 13 O4 ? ? B DA 15 D DT 9  1_555 ? ? ? ? ? ? WATSON-CRICK ? ? ? 
hydrog22 hydrog ? ? B DC 5  N3 ? ? ? 1_555 D DG 12 N1 ? ? B DC 16 D DG 8  1_555 ? ? ? ? ? ? WATSON-CRICK ? ? ? 
hydrog23 hydrog ? ? B DC 5  N4 ? ? ? 1_555 D DG 12 O6 ? ? B DC 16 D DG 8  1_555 ? ? ? ? ? ? WATSON-CRICK ? ? ? 
hydrog24 hydrog ? ? B DC 5  O2 ? ? ? 1_555 D DG 12 N2 ? ? B DC 16 D DG 8  1_555 ? ? ? ? ? ? WATSON-CRICK ? ? ? 
hydrog25 hydrog ? ? B DA 6  N1 ? ? ? 1_555 D DT 11 N3 ? ? B DA 17 D DT 7  1_555 ? ? ? ? ? ? WATSON-CRICK ? ? ? 
hydrog26 hydrog ? ? B DA 6  N6 ? ? ? 1_555 D DT 11 O4 ? ? B DA 17 D DT 7  1_555 ? ? ? ? ? ? WATSON-CRICK ? ? ? 
hydrog27 hydrog ? ? B DG 7  N1 ? ? ? 1_555 D DC 10 N3 ? ? B DG 18 D DC 6  1_555 ? ? ? ? ? ? WATSON-CRICK ? ? ? 
hydrog28 hydrog ? ? B DG 7  N2 ? ? ? 1_555 D DC 10 O2 ? ? B DG 18 D DC 6  1_555 ? ? ? ? ? ? WATSON-CRICK ? ? ? 
hydrog29 hydrog ? ? B DG 7  O6 ? ? ? 1_555 D DC 10 N4 ? ? B DG 18 D DC 6  1_555 ? ? ? ? ? ? WATSON-CRICK ? ? ? 
hydrog30 hydrog ? ? B DC 8  N3 ? ? ? 1_555 D DG 9  N1 ? ? B DC 19 D DG 5  1_555 ? ? ? ? ? ? WATSON-CRICK ? ? ? 
hydrog31 hydrog ? ? B DC 8  N4 ? ? ? 1_555 D DG 9  O6 ? ? B DC 19 D DG 5  1_555 ? ? ? ? ? ? WATSON-CRICK ? ? ? 
hydrog32 hydrog ? ? B DC 8  O2 ? ? ? 1_555 D DG 9  N2 ? ? B DC 19 D DG 5  1_555 ? ? ? ? ? ? WATSON-CRICK ? ? ? 
hydrog33 hydrog ? ? B DA 9  N1 ? ? ? 1_555 D DT 8  N3 ? ? B DA 20 D DT 4  1_555 ? ? ? ? ? ? WATSON-CRICK ? ? ? 
hydrog34 hydrog ? ? B DA 9  N6 ? ? ? 1_555 D DT 8  O4 ? ? B DA 20 D DT 4  1_555 ? ? ? ? ? ? WATSON-CRICK ? ? ? 
hydrog35 hydrog ? ? B DT 10 N3 ? ? ? 1_555 D DA 7  N1 ? ? B DT 21 D DA 3  1_555 ? ? ? ? ? ? WATSON-CRICK ? ? ? 
hydrog36 hydrog ? ? B DT 10 O4 ? ? ? 1_555 D DA 7  N6 ? ? B DT 21 D DA 3  1_555 ? ? ? ? ? ? WATSON-CRICK ? ? ? 
hydrog37 hydrog ? ? B DC 11 N3 ? ? ? 1_555 D DG 6  N1 ? ? B DC 22 D DG 2  1_555 ? ? ? ? ? ? WATSON-CRICK ? ? ? 
hydrog38 hydrog ? ? B DC 11 N4 ? ? ? 1_555 D DG 6  O6 ? ? B DC 22 D DG 2  1_555 ? ? ? ? ? ? WATSON-CRICK ? ? ? 
hydrog39 hydrog ? ? B DC 11 O2 ? ? ? 1_555 D DG 6  N2 ? ? B DC 22 D DG 2  1_555 ? ? ? ? ? ? WATSON-CRICK ? ? ? 
hydrog40 hydrog ? ? B DG 12 N1 ? ? ? 1_555 D DC 5  N3 ? ? B DG 23 D DC 1  1_555 ? ? ? ? ? ? WATSON-CRICK ? ? ? 
hydrog41 hydrog ? ? B DG 12 N2 ? ? ? 1_555 D DC 5  O2 ? ? B DG 23 D DC 1  1_555 ? ? ? ? ? ? WATSON-CRICK ? ? ? 
hydrog42 hydrog ? ? B DG 12 O6 ? ? ? 1_555 D DC 5  N4 ? ? B DG 23 D DC 1  1_555 ? ? ? ? ? ? WATSON-CRICK ? ? ? 
hydrog43 hydrog ? ? B DC 13 N3 ? ? ? 1_555 D DG 4  N1 ? ? B DC 24 D DG 0  1_555 ? ? ? ? ? ? WATSON-CRICK ? ? ? 
hydrog44 hydrog ? ? B DC 13 N4 ? ? ? 1_555 D DG 4  O6 ? ? B DC 24 D DG 0  1_555 ? ? ? ? ? ? WATSON-CRICK ? ? ? 
hydrog45 hydrog ? ? B DC 13 O2 ? ? ? 1_555 D DG 4  N2 ? ? B DC 24 D DG 0  1_555 ? ? ? ? ? ? WATSON-CRICK ? ? ? 
hydrog46 hydrog ? ? B DA 14 N1 ? ? ? 1_555 D DT 3  N3 ? ? B DA 25 D DT -1 1_555 ? ? ? ? ? ? WATSON-CRICK ? ? ? 
hydrog47 hydrog ? ? B DA 14 N6 ? ? ? 1_555 D DT 3  O4 ? ? B DA 25 D DT -1 1_555 ? ? ? ? ? ? WATSON-CRICK ? ? ? 
# 
_struct_conn_type.id          hydrog 
_struct_conn_type.criteria    ? 
_struct_conn_type.reference   ? 
# 
_pdbx_entry_details.entry_id                   9NOJ 
_pdbx_entry_details.compound_details           ? 
_pdbx_entry_details.source_details             ? 
_pdbx_entry_details.nonpolymer_details         ? 
_pdbx_entry_details.sequence_details           ? 
_pdbx_entry_details.has_ligand_of_interest     ? 
_pdbx_entry_details.has_protein_modification   N 
# 
loop_
_pdbx_validate_rmsd_angle.id 
_pdbx_validate_rmsd_angle.PDB_model_num 
_pdbx_validate_rmsd_angle.auth_atom_id_1 
_pdbx_validate_rmsd_angle.auth_asym_id_1 
_pdbx_validate_rmsd_angle.auth_comp_id_1 
_pdbx_validate_rmsd_angle.auth_seq_id_1 
_pdbx_validate_rmsd_angle.PDB_ins_code_1 
_pdbx_validate_rmsd_angle.label_alt_id_1 
_pdbx_validate_rmsd_angle.auth_atom_id_2 
_pdbx_validate_rmsd_angle.auth_asym_id_2 
_pdbx_validate_rmsd_angle.auth_comp_id_2 
_pdbx_validate_rmsd_angle.auth_seq_id_2 
_pdbx_validate_rmsd_angle.PDB_ins_code_2 
_pdbx_validate_rmsd_angle.label_alt_id_2 
_pdbx_validate_rmsd_angle.auth_atom_id_3 
_pdbx_validate_rmsd_angle.auth_asym_id_3 
_pdbx_validate_rmsd_angle.auth_comp_id_3 
_pdbx_validate_rmsd_angle.auth_seq_id_3 
_pdbx_validate_rmsd_angle.PDB_ins_code_3 
_pdbx_validate_rmsd_angle.label_alt_id_3 
_pdbx_validate_rmsd_angle.angle_value 
_pdbx_validate_rmsd_angle.angle_target_value 
_pdbx_validate_rmsd_angle.angle_deviation 
_pdbx_validate_rmsd_angle.angle_standard_deviation 
_pdbx_validate_rmsd_angle.linker_flag 
1 1 "O4'" A DT 12 ? ? "C1'" A DT 12 ? ? N1 A DT 12 ? ? 110.22 108.30 1.92 0.30 N 
2 1 "O4'" B DC 19 ? ? "C1'" B DC 19 ? ? N1 B DC 19 ? ? 110.39 108.30 2.09 0.30 N 
# 
loop_
_space_group_symop.id 
_space_group_symop.operation_xyz 
1 x,y,z         
2 -y,x-y,z+2/3  
3 -x+y,-x,z+1/3 
# 
loop_
_pdbx_refine_tls.id 
_pdbx_refine_tls.pdbx_refine_id 
_pdbx_refine_tls.details 
_pdbx_refine_tls.method 
_pdbx_refine_tls.origin_x 
_pdbx_refine_tls.origin_y 
_pdbx_refine_tls.origin_z 
_pdbx_refine_tls.T[1][1] 
_pdbx_refine_tls.T[1][1]_esd 
_pdbx_refine_tls.T[1][2] 
_pdbx_refine_tls.T[1][2]_esd 
_pdbx_refine_tls.T[1][3] 
_pdbx_refine_tls.T[1][3]_esd 
_pdbx_refine_tls.T[2][2] 
_pdbx_refine_tls.T[2][2]_esd 
_pdbx_refine_tls.T[2][3] 
_pdbx_refine_tls.T[2][3]_esd 
_pdbx_refine_tls.T[3][3] 
_pdbx_refine_tls.T[3][3]_esd 
_pdbx_refine_tls.L[1][1] 
_pdbx_refine_tls.L[1][1]_esd 
_pdbx_refine_tls.L[1][2] 
_pdbx_refine_tls.L[1][2]_esd 
_pdbx_refine_tls.L[1][3] 
_pdbx_refine_tls.L[1][3]_esd 
_pdbx_refine_tls.L[2][2] 
_pdbx_refine_tls.L[2][2]_esd 
_pdbx_refine_tls.L[2][3] 
_pdbx_refine_tls.L[2][3]_esd 
_pdbx_refine_tls.L[3][3] 
_pdbx_refine_tls.L[3][3]_esd 
_pdbx_refine_tls.S[1][1] 
_pdbx_refine_tls.S[1][1]_esd 
_pdbx_refine_tls.S[1][2] 
_pdbx_refine_tls.S[1][2]_esd 
_pdbx_refine_tls.S[1][3] 
_pdbx_refine_tls.S[1][3]_esd 
_pdbx_refine_tls.S[2][1] 
_pdbx_refine_tls.S[2][1]_esd 
_pdbx_refine_tls.S[2][2] 
_pdbx_refine_tls.S[2][2]_esd 
_pdbx_refine_tls.S[2][3] 
_pdbx_refine_tls.S[2][3]_esd 
_pdbx_refine_tls.S[3][1] 
_pdbx_refine_tls.S[3][1]_esd 
_pdbx_refine_tls.S[3][2] 
_pdbx_refine_tls.S[3][2]_esd 
_pdbx_refine_tls.S[3][3] 
_pdbx_refine_tls.S[3][3]_esd 
1 'X-RAY DIFFRACTION' ? refined 2.8966532556  17.14065449756 -3.876017824   1.35410735417   ? 0.73649371483   ? -0.02685475245  ? 1.56856141324  ? 0.313422066981  ? 0.898891890685 ? 0.191841936469 ? 0.017291150800  ? -0.090776334846 ? 0.020807777622 ? -0.038257170969 ? 0.088611086346 ? 0.07711635652  ? 0.089772992450  ? -0.129695412478 ? 0.533265773859  ? -0.586171534965 ? 0.243329748245  ? -0.426286958432 ? -0.386263932207 ? -0.272779602075 ? 
2 'X-RAY DIFFRACTION' ? refined 0.2790542002  -6.2598149151  1.783402158    -0.255583485387 ? -0.310721561716 ? -0.557537779585 ? 0.280477903532 ? 0.012010202918  ? 1.352535084506 ? 1.24714516585  ? -0.407047310898 ? -0.48222706385  ? 0.827412244877 ? 0.023474017680  ? 0.270885076035 ? 0.253143961659 ? -0.080692882192 ? -0.520733983106 ? -0.765725267819 ? 1.167432539029  ? 0.429339964961  ? 0.211334028156  ? -0.645509102765 ? 0.23982339434   ? 
3 'X-RAY DIFFRACTION' ? refined 12.4980879705 6.58556735274  1.9839115479   0.144194161652  ? -0.159548224031 ? 0.035576955424  ? 0.177473421474 ? -0.079911272719 ? 0.547897056104 ? 0.032344718653 ? -0.013399029133 ? -0.119291313838 ? 0.006263796937 ? 0.044520764491  ? 0.441325581313 ? 0.047310711970 ? 0.145413166248  ? -0.207012711244 ? 0.329506753992  ? -0.682255313701 ? -0.096707544694 ? 0.096725298570  ? 0.179748395837  ? -0.086653932213 ? 
4 'X-RAY DIFFRACTION' ? refined -6.4436096354 -4.5501325382  -0.71915581399 -0.393438623945 ? -0.229476782495 ? -0.372033904683 ? 0.238852266764 ? -0.203848365313 ? 1.044471149104 ? 0.48445823341  ? -0.76078841420  ? -0.640160743462 ? 1.92306459170  ? 0.659162196143  ? 0.98185097174  ? 0.460569516808 ? -0.468071442635 ? -0.444444163731 ? -1.333005710557 ? 2.600724290308  ? 0.643081460473  ? 0.49986592226   ? -1.557492950638 ? 0.57884530451   ? 
# 
loop_
_pdbx_refine_tls_group.id 
_pdbx_refine_tls_group.pdbx_refine_id 
_pdbx_refine_tls_group.refine_tls_id 
_pdbx_refine_tls_group.beg_label_asym_id 
_pdbx_refine_tls_group.beg_label_seq_id 
_pdbx_refine_tls_group.beg_auth_asym_id 
_pdbx_refine_tls_group.beg_auth_seq_id 
_pdbx_refine_tls_group.beg_PDB_ins_code 
_pdbx_refine_tls_group.end_label_asym_id 
_pdbx_refine_tls_group.end_label_seq_id 
_pdbx_refine_tls_group.end_auth_asym_id 
_pdbx_refine_tls_group.end_auth_seq_id 
_pdbx_refine_tls_group.end_PDB_ins_code 
_pdbx_refine_tls_group.selection 
_pdbx_refine_tls_group.selection_details 
1 'X-RAY DIFFRACTION' 1 A ? A 6  ? A ? A 12 ? ? 
;chain 'A' and (resid 6 through 12 )
;
2 'X-RAY DIFFRACTION' 2 B ? B 12 ? B ? B 25 ? ? 
;chain 'B' and (resid 12 through 25 )
;
3 'X-RAY DIFFRACTION' 3 C ? C 0  ? C ? C 5  ? ? 
;chain 'C' and (resid 0 through 5 )
;
4 'X-RAY DIFFRACTION' 4 D ? D -3 ? D ? D 11 ? ? 
;chain 'D' and (resid -3 through 11 )
;
# 
loop_
_chem_comp_atom.comp_id 
_chem_comp_atom.atom_id 
_chem_comp_atom.type_symbol 
_chem_comp_atom.pdbx_aromatic_flag 
_chem_comp_atom.pdbx_stereo_config 
_chem_comp_atom.pdbx_ordinal 
DA OP3    O N N 1   
DA P      P N N 2   
DA OP1    O N N 3   
DA OP2    O N N 4   
DA "O5'"  O N N 5   
DA "C5'"  C N N 6   
DA "C4'"  C N R 7   
DA "O4'"  O N N 8   
DA "C3'"  C N S 9   
DA "O3'"  O N N 10  
DA "C2'"  C N N 11  
DA "C1'"  C N R 12  
DA N9     N Y N 13  
DA C8     C Y N 14  
DA N7     N Y N 15  
DA C5     C Y N 16  
DA C6     C Y N 17  
DA N6     N N N 18  
DA N1     N Y N 19  
DA C2     C Y N 20  
DA N3     N Y N 21  
DA C4     C Y N 22  
DA HOP3   H N N 23  
DA HOP2   H N N 24  
DA "H5'"  H N N 25  
DA "H5''" H N N 26  
DA "H4'"  H N N 27  
DA "H3'"  H N N 28  
DA "HO3'" H N N 29  
DA "H2'"  H N N 30  
DA "H2''" H N N 31  
DA "H1'"  H N N 32  
DA H8     H N N 33  
DA H61    H N N 34  
DA H62    H N N 35  
DA H2     H N N 36  
DC OP3    O N N 37  
DC P      P N N 38  
DC OP1    O N N 39  
DC OP2    O N N 40  
DC "O5'"  O N N 41  
DC "C5'"  C N N 42  
DC "C4'"  C N R 43  
DC "O4'"  O N N 44  
DC "C3'"  C N S 45  
DC "O3'"  O N N 46  
DC "C2'"  C N N 47  
DC "C1'"  C N R 48  
DC N1     N N N 49  
DC C2     C N N 50  
DC O2     O N N 51  
DC N3     N N N 52  
DC C4     C N N 53  
DC N4     N N N 54  
DC C5     C N N 55  
DC C6     C N N 56  
DC HOP3   H N N 57  
DC HOP2   H N N 58  
DC "H5'"  H N N 59  
DC "H5''" H N N 60  
DC "H4'"  H N N 61  
DC "H3'"  H N N 62  
DC "HO3'" H N N 63  
DC "H2'"  H N N 64  
DC "H2''" H N N 65  
DC "H1'"  H N N 66  
DC H41    H N N 67  
DC H42    H N N 68  
DC H5     H N N 69  
DC H6     H N N 70  
DG OP3    O N N 71  
DG P      P N N 72  
DG OP1    O N N 73  
DG OP2    O N N 74  
DG "O5'"  O N N 75  
DG "C5'"  C N N 76  
DG "C4'"  C N R 77  
DG "O4'"  O N N 78  
DG "C3'"  C N S 79  
DG "O3'"  O N N 80  
DG "C2'"  C N N 81  
DG "C1'"  C N R 82  
DG N9     N Y N 83  
DG C8     C Y N 84  
DG N7     N Y N 85  
DG C5     C Y N 86  
DG C6     C N N 87  
DG O6     O N N 88  
DG N1     N N N 89  
DG C2     C N N 90  
DG N2     N N N 91  
DG N3     N N N 92  
DG C4     C Y N 93  
DG HOP3   H N N 94  
DG HOP2   H N N 95  
DG "H5'"  H N N 96  
DG "H5''" H N N 97  
DG "H4'"  H N N 98  
DG "H3'"  H N N 99  
DG "HO3'" H N N 100 
DG "H2'"  H N N 101 
DG "H2''" H N N 102 
DG "H1'"  H N N 103 
DG H8     H N N 104 
DG H1     H N N 105 
DG H21    H N N 106 
DG H22    H N N 107 
DT OP3    O N N 108 
DT P      P N N 109 
DT OP1    O N N 110 
DT OP2    O N N 111 
DT "O5'"  O N N 112 
DT "C5'"  C N N 113 
DT "C4'"  C N R 114 
DT "O4'"  O N N 115 
DT "C3'"  C N S 116 
DT "O3'"  O N N 117 
DT "C2'"  C N N 118 
DT "C1'"  C N R 119 
DT N1     N N N 120 
DT C2     C N N 121 
DT O2     O N N 122 
DT N3     N N N 123 
DT C4     C N N 124 
DT O4     O N N 125 
DT C5     C N N 126 
DT C7     C N N 127 
DT C6     C N N 128 
DT HOP3   H N N 129 
DT HOP2   H N N 130 
DT "H5'"  H N N 131 
DT "H5''" H N N 132 
DT "H4'"  H N N 133 
DT "H3'"  H N N 134 
DT "HO3'" H N N 135 
DT "H2'"  H N N 136 
DT "H2''" H N N 137 
DT "H1'"  H N N 138 
DT H3     H N N 139 
DT H71    H N N 140 
DT H72    H N N 141 
DT H73    H N N 142 
DT H6     H N N 143 
# 
loop_
_chem_comp_bond.comp_id 
_chem_comp_bond.atom_id_1 
_chem_comp_bond.atom_id_2 
_chem_comp_bond.value_order 
_chem_comp_bond.pdbx_aromatic_flag 
_chem_comp_bond.pdbx_stereo_config 
_chem_comp_bond.pdbx_ordinal 
DA OP3   P      sing N N 1   
DA OP3   HOP3   sing N N 2   
DA P     OP1    doub N N 3   
DA P     OP2    sing N N 4   
DA P     "O5'"  sing N N 5   
DA OP2   HOP2   sing N N 6   
DA "O5'" "C5'"  sing N N 7   
DA "C5'" "C4'"  sing N N 8   
DA "C5'" "H5'"  sing N N 9   
DA "C5'" "H5''" sing N N 10  
DA "C4'" "O4'"  sing N N 11  
DA "C4'" "C3'"  sing N N 12  
DA "C4'" "H4'"  sing N N 13  
DA "O4'" "C1'"  sing N N 14  
DA "C3'" "O3'"  sing N N 15  
DA "C3'" "C2'"  sing N N 16  
DA "C3'" "H3'"  sing N N 17  
DA "O3'" "HO3'" sing N N 18  
DA "C2'" "C1'"  sing N N 19  
DA "C2'" "H2'"  sing N N 20  
DA "C2'" "H2''" sing N N 21  
DA "C1'" N9     sing N N 22  
DA "C1'" "H1'"  sing N N 23  
DA N9    C8     sing Y N 24  
DA N9    C4     sing Y N 25  
DA C8    N7     doub Y N 26  
DA C8    H8     sing N N 27  
DA N7    C5     sing Y N 28  
DA C5    C6     sing Y N 29  
DA C5    C4     doub Y N 30  
DA C6    N6     sing N N 31  
DA C6    N1     doub Y N 32  
DA N6    H61    sing N N 33  
DA N6    H62    sing N N 34  
DA N1    C2     sing Y N 35  
DA C2    N3     doub Y N 36  
DA C2    H2     sing N N 37  
DA N3    C4     sing Y N 38  
DC OP3   P      sing N N 39  
DC OP3   HOP3   sing N N 40  
DC P     OP1    doub N N 41  
DC P     OP2    sing N N 42  
DC P     "O5'"  sing N N 43  
DC OP2   HOP2   sing N N 44  
DC "O5'" "C5'"  sing N N 45  
DC "C5'" "C4'"  sing N N 46  
DC "C5'" "H5'"  sing N N 47  
DC "C5'" "H5''" sing N N 48  
DC "C4'" "O4'"  sing N N 49  
DC "C4'" "C3'"  sing N N 50  
DC "C4'" "H4'"  sing N N 51  
DC "O4'" "C1'"  sing N N 52  
DC "C3'" "O3'"  sing N N 53  
DC "C3'" "C2'"  sing N N 54  
DC "C3'" "H3'"  sing N N 55  
DC "O3'" "HO3'" sing N N 56  
DC "C2'" "C1'"  sing N N 57  
DC "C2'" "H2'"  sing N N 58  
DC "C2'" "H2''" sing N N 59  
DC "C1'" N1     sing N N 60  
DC "C1'" "H1'"  sing N N 61  
DC N1    C2     sing N N 62  
DC N1    C6     sing N N 63  
DC C2    O2     doub N N 64  
DC C2    N3     sing N N 65  
DC N3    C4     doub N N 66  
DC C4    N4     sing N N 67  
DC C4    C5     sing N N 68  
DC N4    H41    sing N N 69  
DC N4    H42    sing N N 70  
DC C5    C6     doub N N 71  
DC C5    H5     sing N N 72  
DC C6    H6     sing N N 73  
DG OP3   P      sing N N 74  
DG OP3   HOP3   sing N N 75  
DG P     OP1    doub N N 76  
DG P     OP2    sing N N 77  
DG P     "O5'"  sing N N 78  
DG OP2   HOP2   sing N N 79  
DG "O5'" "C5'"  sing N N 80  
DG "C5'" "C4'"  sing N N 81  
DG "C5'" "H5'"  sing N N 82  
DG "C5'" "H5''" sing N N 83  
DG "C4'" "O4'"  sing N N 84  
DG "C4'" "C3'"  sing N N 85  
DG "C4'" "H4'"  sing N N 86  
DG "O4'" "C1'"  sing N N 87  
DG "C3'" "O3'"  sing N N 88  
DG "C3'" "C2'"  sing N N 89  
DG "C3'" "H3'"  sing N N 90  
DG "O3'" "HO3'" sing N N 91  
DG "C2'" "C1'"  sing N N 92  
DG "C2'" "H2'"  sing N N 93  
DG "C2'" "H2''" sing N N 94  
DG "C1'" N9     sing N N 95  
DG "C1'" "H1'"  sing N N 96  
DG N9    C8     sing Y N 97  
DG N9    C4     sing Y N 98  
DG C8    N7     doub Y N 99  
DG C8    H8     sing N N 100 
DG N7    C5     sing Y N 101 
DG C5    C6     sing N N 102 
DG C5    C4     doub Y N 103 
DG C6    O6     doub N N 104 
DG C6    N1     sing N N 105 
DG N1    C2     sing N N 106 
DG N1    H1     sing N N 107 
DG C2    N2     sing N N 108 
DG C2    N3     doub N N 109 
DG N2    H21    sing N N 110 
DG N2    H22    sing N N 111 
DG N3    C4     sing N N 112 
DT OP3   P      sing N N 113 
DT OP3   HOP3   sing N N 114 
DT P     OP1    doub N N 115 
DT P     OP2    sing N N 116 
DT P     "O5'"  sing N N 117 
DT OP2   HOP2   sing N N 118 
DT "O5'" "C5'"  sing N N 119 
DT "C5'" "C4'"  sing N N 120 
DT "C5'" "H5'"  sing N N 121 
DT "C5'" "H5''" sing N N 122 
DT "C4'" "O4'"  sing N N 123 
DT "C4'" "C3'"  sing N N 124 
DT "C4'" "H4'"  sing N N 125 
DT "O4'" "C1'"  sing N N 126 
DT "C3'" "O3'"  sing N N 127 
DT "C3'" "C2'"  sing N N 128 
DT "C3'" "H3'"  sing N N 129 
DT "O3'" "HO3'" sing N N 130 
DT "C2'" "C1'"  sing N N 131 
DT "C2'" "H2'"  sing N N 132 
DT "C2'" "H2''" sing N N 133 
DT "C1'" N1     sing N N 134 
DT "C1'" "H1'"  sing N N 135 
DT N1    C2     sing N N 136 
DT N1    C6     sing N N 137 
DT C2    O2     doub N N 138 
DT C2    N3     sing N N 139 
DT N3    C4     sing N N 140 
DT N3    H3     sing N N 141 
DT C4    O4     doub N N 142 
DT C4    C5     sing N N 143 
DT C5    C7     sing N N 144 
DT C5    C6     doub N N 145 
DT C7    H71    sing N N 146 
DT C7    H72    sing N N 147 
DT C7    H73    sing N N 148 
DT C6    H6     sing N N 149 
# 
loop_
_ndb_struct_conf_na.entry_id 
_ndb_struct_conf_na.feature 
9NOJ 'double helix'        
9NOJ 'b-form double helix' 
# 
loop_
_ndb_struct_na_base_pair.model_number 
_ndb_struct_na_base_pair.i_label_asym_id 
_ndb_struct_na_base_pair.i_label_comp_id 
_ndb_struct_na_base_pair.i_label_seq_id 
_ndb_struct_na_base_pair.i_symmetry 
_ndb_struct_na_base_pair.j_label_asym_id 
_ndb_struct_na_base_pair.j_label_comp_id 
_ndb_struct_na_base_pair.j_label_seq_id 
_ndb_struct_na_base_pair.j_symmetry 
_ndb_struct_na_base_pair.shear 
_ndb_struct_na_base_pair.stretch 
_ndb_struct_na_base_pair.stagger 
_ndb_struct_na_base_pair.buckle 
_ndb_struct_na_base_pair.propeller 
_ndb_struct_na_base_pair.opening 
_ndb_struct_na_base_pair.pair_number 
_ndb_struct_na_base_pair.pair_name 
_ndb_struct_na_base_pair.i_auth_asym_id 
_ndb_struct_na_base_pair.i_auth_seq_id 
_ndb_struct_na_base_pair.i_PDB_ins_code 
_ndb_struct_na_base_pair.j_auth_asym_id 
_ndb_struct_na_base_pair.j_auth_seq_id 
_ndb_struct_na_base_pair.j_PDB_ins_code 
_ndb_struct_na_base_pair.hbond_type_28 
_ndb_struct_na_base_pair.hbond_type_12 
1 A DC 3  1_555 D DG 15 1_555 0.160  -0.134 0.131  -1.147 -3.071  -0.297 1  A_DC8:DG11_D  A 8  ? D 11 ? 19 1 
1 A DC 4  1_555 D DG 14 1_555 0.142  -0.149 0.144  -1.048 1.024   -0.225 2  A_DC9:DG10_D  A 9  ? D 10 ? 19 1 
1 A DG 6  1_555 C DC 2  1_555 -0.226 -0.192 0.005  1.129  0.925   2.813  3  A_DG11:DC1_C  A 11 ? C 1  ? 19 1 
1 A DT 7  1_555 C DA 1  1_555 -1.289 0.765  -0.062 1.831  -3.923  -4.820 4  A_DT12:DA0_C  A 12 ? C 0  ? ?  ? 
1 B DC 1  1_555 C DG 6  1_555 0.183  -0.212 0.370  0.728  -6.207  -3.596 5  B_DC12:DG5_C  B 12 ? C 5  ? 19 1 
1 B DG 2  1_555 C DC 5  1_555 -0.223 -0.176 -0.214 -4.434 -4.943  1.440  6  B_DG13:DC4_C  B 13 ? C 4  ? 19 1 
1 B DG 3  1_555 C DC 4  1_555 -0.174 -0.180 -0.298 -5.614 -1.148  0.338  7  B_DG14:DC3_C  B 14 ? C 3  ? 19 1 
1 B DA 4  1_555 D DT 13 1_555 -0.053 -0.177 0.105  -0.339 -1.785  6.567  8  B_DA15:DT9_D  B 15 ? D 9  ? 20 1 
1 B DC 5  1_555 D DG 12 1_555 0.197  -0.149 0.213  -0.910 -3.776  1.838  9  B_DC16:DG8_D  B 16 ? D 8  ? 19 1 
1 B DA 6  1_555 D DT 11 1_555 0.120  -0.171 0.085  -1.804 -2.543  3.473  10 B_DA17:DT7_D  B 17 ? D 7  ? 20 1 
1 B DG 7  1_555 D DC 10 1_555 -0.220 -0.121 0.027  0.119  -2.228  -1.839 11 B_DG18:DC6_D  B 18 ? D 6  ? 19 1 
1 B DC 8  1_555 D DG 9  1_555 0.183  -0.118 0.126  4.271  -5.579  -1.819 12 B_DC19:DG5_D  B 19 ? D 5  ? 19 1 
1 B DA 9  1_555 D DT 8  1_555 0.170  -0.066 -0.028 1.083  -6.398  1.333  13 B_DA20:DT4_D  B 20 ? D 4  ? 20 1 
1 B DT 10 1_555 D DA 7  1_555 -0.205 -0.049 -0.034 -4.748 -11.039 -9.541 14 B_DT21:DA3_D  B 21 ? D 3  ? 20 1 
1 B DC 11 1_555 D DG 6  1_555 0.160  -0.170 -0.109 -0.770 -4.188  0.235  15 B_DC22:DG2_D  B 22 ? D 2  ? 19 1 
1 B DG 12 1_555 D DC 5  1_555 -0.203 -0.146 -0.094 -1.885 -3.420  2.156  16 B_DG23:DC1_D  B 23 ? D 1  ? 19 1 
1 B DC 13 1_555 D DG 4  1_555 0.177  -0.099 0.078  -0.404 0.807   1.629  17 B_DC24:DG0_D  B 24 ? D 0  ? 19 1 
1 B DA 14 1_555 D DT 3  1_555 -0.016 -0.140 -0.158 0.659  -0.955  2.206  18 B_DA25:DT-1_D B 25 ? D -1 ? 20 1 
# 
loop_
_ndb_struct_na_base_pair_step.model_number 
_ndb_struct_na_base_pair_step.i_label_asym_id_1 
_ndb_struct_na_base_pair_step.i_label_comp_id_1 
_ndb_struct_na_base_pair_step.i_label_seq_id_1 
_ndb_struct_na_base_pair_step.i_symmetry_1 
_ndb_struct_na_base_pair_step.j_label_asym_id_1 
_ndb_struct_na_base_pair_step.j_label_comp_id_1 
_ndb_struct_na_base_pair_step.j_label_seq_id_1 
_ndb_struct_na_base_pair_step.j_symmetry_1 
_ndb_struct_na_base_pair_step.i_label_asym_id_2 
_ndb_struct_na_base_pair_step.i_label_comp_id_2 
_ndb_struct_na_base_pair_step.i_label_seq_id_2 
_ndb_struct_na_base_pair_step.i_symmetry_2 
_ndb_struct_na_base_pair_step.j_label_asym_id_2 
_ndb_struct_na_base_pair_step.j_label_comp_id_2 
_ndb_struct_na_base_pair_step.j_label_seq_id_2 
_ndb_struct_na_base_pair_step.j_symmetry_2 
_ndb_struct_na_base_pair_step.shift 
_ndb_struct_na_base_pair_step.slide 
_ndb_struct_na_base_pair_step.rise 
_ndb_struct_na_base_pair_step.tilt 
_ndb_struct_na_base_pair_step.roll 
_ndb_struct_na_base_pair_step.twist 
_ndb_struct_na_base_pair_step.x_displacement 
_ndb_struct_na_base_pair_step.y_displacement 
_ndb_struct_na_base_pair_step.helical_rise 
_ndb_struct_na_base_pair_step.inclination 
_ndb_struct_na_base_pair_step.tip 
_ndb_struct_na_base_pair_step.helical_twist 
_ndb_struct_na_base_pair_step.step_number 
_ndb_struct_na_base_pair_step.step_name 
_ndb_struct_na_base_pair_step.i_auth_asym_id_1 
_ndb_struct_na_base_pair_step.i_auth_seq_id_1 
_ndb_struct_na_base_pair_step.i_PDB_ins_code_1 
_ndb_struct_na_base_pair_step.j_auth_asym_id_1 
_ndb_struct_na_base_pair_step.j_auth_seq_id_1 
_ndb_struct_na_base_pair_step.j_PDB_ins_code_1 
_ndb_struct_na_base_pair_step.i_auth_asym_id_2 
_ndb_struct_na_base_pair_step.i_auth_seq_id_2 
_ndb_struct_na_base_pair_step.i_PDB_ins_code_2 
_ndb_struct_na_base_pair_step.j_auth_asym_id_2 
_ndb_struct_na_base_pair_step.j_auth_seq_id_2 
_ndb_struct_na_base_pair_step.j_PDB_ins_code_2 
1 A DC 3  1_555 D DG 15 1_555 A DC 4  1_555 D DG 14 1_555 0.061  -0.941 3.212 -1.034 3.843  41.871 -1.697 -0.189 3.116 5.363  
1.443  42.051 1  AA_DC8DC9:DG10DG11_DD  A 8  ? D 11 ? A 9  ? D 10 ? 
1 A DC 4  1_555 D DG 14 1_555 A DG 6  1_555 C DC 2  1_555 -1.220 0.050  6.498 0.145  7.175  49.330 -0.983 1.469  6.442 8.544  
-0.172 49.817 2  AA_DC9DG11:DC1DG10_CD  A 9  ? D 10 ? A 11 ? C 1  ? 
1 A DG 6  1_555 C DC 2  1_555 A DT 7  1_555 C DA 1  1_555 -0.805 -0.059 3.157 0.186  4.795  21.089 -1.998 2.217  3.061 12.887 
-0.499 21.622 3  AA_DG11DT12:DA0DC1_CC  A 11 ? C 1  ? A 12 ? C 0  ? 
1 B DC 1  1_555 C DG 6  1_555 B DG 2  1_555 C DC 5  1_555 -0.432 0.234  3.315 -1.104 1.451  30.472 0.150  0.598  3.335 2.757  
2.099  30.525 4  BB_DC12DG13:DC4DG5_CC  B 12 ? C 5  ? B 13 ? C 4  ? 
1 B DG 2  1_555 C DC 5  1_555 B DG 3  1_555 C DC 4  1_555 -0.649 -0.831 3.276 -4.147 0.406  33.527 -1.497 0.438  3.320 0.700  
7.155  33.778 5  BB_DG13DG14:DC3DC4_CC  B 13 ? C 4  ? B 14 ? C 3  ? 
1 B DG 3  1_555 C DC 4  1_555 B DA 4  1_555 D DT 13 1_555 -0.585 -0.645 3.095 -7.225 2.811  30.969 -1.664 -0.195 3.081 5.164  
13.271 31.902 6  BB_DG14DA15:DT9DC3_DC  B 14 ? C 3  ? B 15 ? D 9  ? 
1 B DA 4  1_555 D DT 13 1_555 B DC 5  1_555 D DG 12 1_555 -0.619 -0.262 3.469 -1.700 2.357  32.068 -0.919 0.793  3.468 4.256  
3.069  32.196 7  BB_DA15DC16:DG8DT9_DD  B 15 ? D 9  ? B 16 ? D 8  ? 
1 B DC 5  1_555 D DG 12 1_555 B DA 6  1_555 D DT 11 1_555 0.050  0.857  3.341 -0.346 -1.103 38.171 1.451  -0.121 3.315 -1.686 
0.530  38.188 8  BB_DC16DA17:DT7DG8_DD  B 16 ? D 8  ? B 17 ? D 7  ? 
1 B DA 6  1_555 D DT 11 1_555 B DG 7  1_555 D DC 10 1_555 -0.246 -0.136 3.325 -3.612 3.665  32.403 -0.882 -0.196 3.298 6.516  
6.421  32.798 9  BB_DA17DG18:DC6DT7_DD  B 17 ? D 7  ? B 18 ? D 6  ? 
1 B DG 7  1_555 D DC 10 1_555 B DC 8  1_555 D DG 9  1_555 0.296  1.036  3.103 0.631  -2.940 37.307 1.977  -0.383 3.020 -4.587 
-0.984 37.424 10 BB_DG18DC19:DG5DC6_DD  B 18 ? D 6  ? B 19 ? D 5  ? 
1 B DC 8  1_555 D DG 9  1_555 B DA 9  1_555 D DT 8  1_555 0.270  0.898  3.236 1.012  -3.756 37.525 1.864  -0.289 3.141 -5.820 
-1.568 37.719 11 BB_DC19DA20:DT4DG5_DD  B 19 ? D 5  ? B 20 ? D 4  ? 
1 B DA 9  1_555 D DT 8  1_555 B DT 10 1_555 D DA 7  1_555 -0.703 -0.977 3.244 -2.398 -2.870 32.755 -1.227 0.826  3.356 -5.069 
4.236  32.962 12 BB_DA20DT21:DA3DT4_DD  B 20 ? D 4  ? B 21 ? D 3  ? 
1 B DT 10 1_555 D DA 7  1_555 B DC 11 1_555 D DG 6  1_555 -0.089 -0.656 2.982 0.218  1.073  36.746 -1.174 0.169  2.962 1.702  
-0.346 36.762 13 BB_DT21DC22:DG2DA3_DD  B 21 ? D 3  ? B 22 ? D 2  ? 
1 B DC 11 1_555 D DG 6  1_555 B DG 12 1_555 D DC 5  1_555 0.588  -0.365 3.361 -0.513 -0.009 37.378 -0.568 -0.987 3.353 -0.013 
0.800  37.381 14 BB_DC22DG23:DC1DG2_DD  B 22 ? D 2  ? B 23 ? D 1  ? 
1 B DG 12 1_555 D DC 5  1_555 B DC 13 1_555 D DG 4  1_555 0.400  0.508  3.346 -1.056 0.228  36.212 0.784  -0.794 3.336 0.366  
1.698  36.228 15 BB_DG23DC24:DG0DC1_DD  B 23 ? D 1  ? B 24 ? D 0  ? 
1 B DC 13 1_555 D DG 4  1_555 B DA 14 1_555 D DT 3  1_555 -0.619 1.341  3.350 -0.425 2.117  35.721 1.867  0.944  3.428 3.447  
0.692  35.784 16 BB_DC24DA25:DT-1DG0_DD B 24 ? D 0  ? B 25 ? D -1 ? 
# 
loop_
_pdbx_audit_support.funding_organization 
_pdbx_audit_support.country 
_pdbx_audit_support.grant_number 
_pdbx_audit_support.ordinal 
'Office of Naval Research (ONR)'                   'United States' N000141912596 1 
'Department of Energy (DOE, United States)'        'United States' DE-SC0007991  2 
'National Science Foundation (NSF, United States)' 'United States' CCF-2106790   3 
'National Science Foundation (NSF, United States)' 'United States' GCR-2317843   4 
# 
_pdbx_initial_refinement_model.id               1 
_pdbx_initial_refinement_model.entity_id_list   ? 
_pdbx_initial_refinement_model.type             'experimental model' 
_pdbx_initial_refinement_model.source_name      PDB 
_pdbx_initial_refinement_model.accession_code   8d93 
_pdbx_initial_refinement_model.details          ? 
# 
_space_group.name_H-M_alt     'P 32' 
_space_group.name_Hall        'P 32' 
_space_group.IT_number        145 
_space_group.crystal_system   trigonal 
_space_group.id               1 
# 
_atom_sites.entry_id                    9NOJ 
_atom_sites.Cartn_transf_matrix[1][1]   ? 
_atom_sites.Cartn_transf_matrix[1][2]   ? 
_atom_sites.Cartn_transf_matrix[1][3]   ? 
_atom_sites.Cartn_transf_matrix[2][1]   ? 
_atom_sites.Cartn_transf_matrix[2][2]   ? 
_atom_sites.Cartn_transf_matrix[2][3]   ? 
_atom_sites.Cartn_transf_matrix[3][1]   ? 
_atom_sites.Cartn_transf_matrix[3][2]   ? 
_atom_sites.Cartn_transf_matrix[3][3]   ? 
_atom_sites.Cartn_transf_vector[1]      ? 
_atom_sites.Cartn_transf_vector[2]      ? 
_atom_sites.Cartn_transf_vector[3]      ? 
_atom_sites.Cartn_transform_axes        ? 
_atom_sites.fract_transf_matrix[1][1]   -0.00704093 
_atom_sites.fract_transf_matrix[1][2]   0.00291566 
_atom_sites.fract_transf_matrix[1][3]   0.01511052 
_atom_sites.fract_transf_matrix[2][1]   0.00916189 
_atom_sites.fract_transf_matrix[2][2]   0.00697842 
_atom_sites.fract_transf_matrix[2][3]   0.01239957 
_atom_sites.fract_transf_matrix[3][1]   -0.00465012 
_atom_sites.fract_transf_matrix[3][2]   0.01514901 
_atom_sites.fract_transf_matrix[3][3]   -0.00508987 
_atom_sites.fract_transf_vector[1]      0.140142 
_atom_sites.fract_transf_vector[2]      -0.217593 
_atom_sites.fract_transf_vector[3]      0.165859 
_atom_sites.solution_primary            ? 
_atom_sites.solution_secondary          ? 
_atom_sites.solution_hydrogens          ? 
_atom_sites.special_details             ? 
# 
loop_
_atom_type.symbol 
_atom_type.scat_dispersion_real 
_atom_type.scat_dispersion_imag 
_atom_type.scat_Cromer_Mann_a1 
_atom_type.scat_Cromer_Mann_a2 
_atom_type.scat_Cromer_Mann_a3 
_atom_type.scat_Cromer_Mann_a4 
_atom_type.scat_Cromer_Mann_b1 
_atom_type.scat_Cromer_Mann_b2 
_atom_type.scat_Cromer_Mann_b3 
_atom_type.scat_Cromer_Mann_b4 
_atom_type.scat_Cromer_Mann_c 
_atom_type.scat_source 
_atom_type.scat_dispersion_source 
C ? ? 5.96793  ? ? ? 14.89577 ? ? ? 0.0 
;1-Gaussian fit: Grosse-Kunstleve RW, Sauter NK, Adams PD: Newsletter of the IUCr Commission on Crystallographic Computing 2004, 3, 22-31.
;
? 
N ? ? 6.96715  ? ? ? 11.43723 ? ? ? 0.0 
;1-Gaussian fit: Grosse-Kunstleve RW, Sauter NK, Adams PD: Newsletter of the IUCr Commission on Crystallographic Computing 2004, 3, 22-31.
;
? 
O ? ? 7.96527  ? ? ? 9.05267  ? ? ? 0.0 
;1-Gaussian fit: Grosse-Kunstleve RW, Sauter NK, Adams PD: Newsletter of the IUCr Commission on Crystallographic Computing 2004, 3, 22-31.
;
? 
P ? ? 14.90797 ? ? ? 11.91318 ? ? ? 0.0 
;1-Gaussian fit: Grosse-Kunstleve RW, Sauter NK, Adams PD: Newsletter of the IUCr Commission on Crystallographic Computing 2004, 3, 22-31.
;
? 
# 
loop_
_atom_site.group_PDB 
_atom_site.id 
_atom_site.type_symbol 
_atom_site.label_atom_id 
_atom_site.label_alt_id 
_atom_site.label_comp_id 
_atom_site.label_asym_id 
_atom_site.label_entity_id 
_atom_site.label_seq_id 
_atom_site.pdbx_PDB_ins_code 
_atom_site.Cartn_x 
_atom_site.Cartn_y 
_atom_site.Cartn_z 
_atom_site.occupancy 
_atom_site.B_iso_or_equiv 
_atom_site.pdbx_formal_charge 
_atom_site.auth_seq_id 
_atom_site.auth_comp_id 
_atom_site.auth_asym_id 
_atom_site.auth_atom_id 
_atom_site.pdbx_PDB_model_num 
ATOM 1   O "O5'" . DG A 1 1  ? -6.84426  6.43146   -1.38747  1.000 104.58077 ? 6  DG A "O5'" 1 
ATOM 2   C "C5'" . DG A 1 1  ? -7.31207  6.35285   -2.73136  1.000 104.31148 ? 6  DG A "C5'" 1 
ATOM 3   C "C4'" . DG A 1 1  ? -7.90991  7.67779   -3.16511  1.000 104.80234 ? 6  DG A "C4'" 1 
ATOM 4   O "O4'" . DG A 1 1  ? -8.38868  8.37625   -1.99716  1.000 105.70654 ? 6  DG A "O4'" 1 
ATOM 5   C "C3'" . DG A 1 1  ? -6.93405  8.63012   -3.84249  1.000 104.18421 ? 6  DG A "C3'" 1 
ATOM 6   O "O3'" . DG A 1 1  ? -6.97134  8.42887   -5.25626  1.000 103.61381 ? 6  DG A "O3'" 1 
ATOM 7   C "C2'" . DG A 1 1  ? -7.47148  10.01322  -3.46925  1.000 104.98061 ? 6  DG A "C2'" 1 
ATOM 8   C "C1'" . DG A 1 1  ? -8.23438  9.77035   -2.16288  1.000 105.88515 ? 6  DG A "C1'" 1 
ATOM 9   N N9    . DG A 1 1  ? -7.58330  10.30945  -0.96799  1.000 106.10401 ? 6  DG A N9    1 
ATOM 10  C C8    . DG A 1 1  ? -6.95971  9.59383   0.02595   1.000 105.95857 ? 6  DG A C8    1 
ATOM 11  N N7    . DG A 1 1  ? -6.48171  10.33939  0.98298   1.000 106.24773 ? 6  DG A N7    1 
ATOM 12  C C5    . DG A 1 1  ? -6.81013  11.63450  0.60271   1.000 106.61032 ? 6  DG A C5    1 
ATOM 13  C C6    . DG A 1 1  ? -6.55484  12.86731  1.25081   1.000 107.03991 ? 6  DG A C6    1 
ATOM 14  O O6    . DG A 1 1  ? -5.96350  13.06481  2.32171   1.000 107.18521 ? 6  DG A O6    1 
ATOM 15  N N1    . DG A 1 1  ? -7.06268  13.94377  0.52876   1.000 107.32545 ? 6  DG A N1    1 
ATOM 16  C C2    . DG A 1 1  ? -7.73372  13.84262  -0.66629  1.000 107.21264 ? 6  DG A C2    1 
ATOM 17  N N2    . DG A 1 1  ? -8.14815  14.99496  -1.21198  1.000 107.54529 ? 6  DG A N2    1 
ATOM 18  N N3    . DG A 1 1  ? -7.98372  12.69376  -1.28375  1.000 106.81558 ? 6  DG A N3    1 
ATOM 19  C C4    . DG A 1 1  ? -7.49456  11.63393  -0.59356  1.000 106.53151 ? 6  DG A C4    1 
ATOM 20  P P     . DA A 1 2  ? -5.63567  8.57196   -6.14254  1.000 102.51395 ? 7  DA A P     1 
ATOM 21  O OP1   . DA A 1 2  ? -5.90676  7.92063   -7.44369  1.000 102.02984 ? 7  DA A OP1   1 
ATOM 22  O OP2   . DA A 1 2  ? -4.48602  8.13452   -5.31915  1.000 102.04654 ? 7  DA A OP2   1 
ATOM 23  O "O5'" . DA A 1 2  ? -5.49522  10.14793  -6.39031  1.000 102.71140 ? 7  DA A "O5'" 1 
ATOM 24  C "C5'" . DA A 1 2  ? -6.17028  10.76529  -7.48922  1.000 102.84617 ? 7  DA A "C5'" 1 
ATOM 25  C "C4'" . DA A 1 2  ? -6.47106  12.22310  -7.18461  1.000 103.50226 ? 7  DA A "C4'" 1 
ATOM 26  O "O4'" . DA A 1 2  ? -6.55755  12.39001  -5.74552  1.000 104.14560 ? 7  DA A "O4'" 1 
ATOM 27  C "C3'" . DA A 1 2  ? -5.41744  13.22270  -7.67640  1.000 102.93836 ? 7  DA A "C3'" 1 
ATOM 28  O "O3'" . DA A 1 2  ? -6.03361  14.38643  -8.24110  1.000 103.39270 ? 7  DA A "O3'" 1 
ATOM 29  C "C2'" . DA A 1 2  ? -4.63847  13.56862  -6.41728  1.000 103.04469 ? 7  DA A "C2'" 1 
ATOM 30  C "C1'" . DA A 1 2  ? -5.68509  13.40900  -5.32079  1.000 104.04978 ? 7  DA A "C1'" 1 
ATOM 31  N N9    . DA A 1 2  ? -5.08041  13.01014  -4.05794  1.000 104.08161 ? 7  DA A N9    1 
ATOM 32  C C8    . DA A 1 2  ? -4.72088  11.74968  -3.67764  1.000 103.69955 ? 7  DA A C8    1 
ATOM 33  N N7    . DA A 1 2  ? -4.16061  11.69425  -2.49422  1.000 103.82466 ? 7  DA A N7    1 
ATOM 34  C C5    . DA A 1 2  ? -4.13406  13.01235  -2.07998  1.000 104.30927 ? 7  DA A C5    1 
ATOM 35  C C6    . DA A 1 2  ? -3.65919  13.62939  -0.91029  1.000 104.66245 ? 7  DA A C6    1 
ATOM 36  N N6    . DA A 1 2  ? -3.09755  12.95570  0.09902   1.000 104.57189 ? 7  DA A N6    1 
ATOM 37  N N1    . DA A 1 2  ? -3.78436  14.96743  -0.81480  1.000 105.12687 ? 7  DA A N1    1 
ATOM 38  C C2    . DA A 1 2  ? -4.34689  15.63814  -1.82734  1.000 105.22632 ? 7  DA A C2    1 
ATOM 39  N N3    . DA A 1 2  ? -4.83119  15.16997  -2.97267  1.000 104.92751 ? 7  DA A N3    1 
ATOM 40  C C4    . DA A 1 2  ? -4.69610  13.83862  -3.03603  1.000 104.47211 ? 7  DA A C4    1 
ATOM 41  P P     . DC A 1 3  ? -5.12601  15.53371  -8.92058  1.000 102.89266 ? 8  DC A P     1 
ATOM 42  O OP1   . DC A 1 3  ? -5.97062  16.24790  -9.90465  1.000 103.22054 ? 8  DC A OP1   1 
ATOM 43  O OP2   . DC A 1 3  ? -3.86273  14.90213  -9.36641  1.000 101.80237 ? 8  DC A OP2   1 
ATOM 44  O "O5'" . DC A 1 3  ? -4.76756  16.53472  -7.71472  1.000 103.40388 ? 8  DC A "O5'" 1 
ATOM 45  C "C5'" . DC A 1 3  ? -3.87970  17.64756  -7.93803  1.000 103.09088 ? 8  DC A "C5'" 1 
ATOM 46  C "C4'" . DC A 1 3  ? -3.46775  18.29459  -6.62116  1.000 103.53361 ? 8  DC A "C4'" 1 
ATOM 47  O "O4'" . DC A 1 3  ? -3.43127  17.28748  -5.59573  1.000 103.63515 ? 8  DC A "O4'" 1 
ATOM 48  C "C3'" . DC A 1 3  ? -2.07434  18.92355  -6.61642  1.000 102.88497 ? 8  DC A "C3'" 1 
ATOM 49  O "O3'" . DC A 1 3  ? -2.15319  20.33074  -6.84920  1.000 103.23907 ? 8  DC A "O3'" 1 
ATOM 50  C "C2'" . DC A 1 3  ? -1.52629  18.63539  -5.21326  1.000 103.03469 ? 8  DC A "C2'" 1 
ATOM 51  C "C1'" . DC A 1 3  ? -2.54091  17.68657  -4.58205  1.000 103.61939 ? 8  DC A "C1'" 1 
ATOM 52  N N1    . DC A 1 3  ? -1.93130  16.45670  -3.97881  1.000 103.16518 ? 8  DC A N1    1 
ATOM 53  C C2    . DC A 1 3  ? -1.10545  16.55664  -2.84614  1.000 103.16447 ? 8  DC A C2    1 
ATOM 54  O O2    . DC A 1 3  ? -0.86965  17.67147  -2.36470  1.000 103.52813 ? 8  DC A O2    1 
ATOM 55  N N3    . DC A 1 3  ? -0.57688  15.41990  -2.32048  1.000 102.76376 ? 8  DC A N3    1 
ATOM 56  C C4    . DC A 1 3  ? -0.85506  14.23633  -2.87218  1.000 102.38993 ? 8  DC A C4    1 
ATOM 57  N N4    . DC A 1 3  ? -0.31819  13.14099  -2.32374  1.000 102.01616 ? 8  DC A N4    1 
ATOM 58  C C5    . DC A 1 3  ? -1.69139  14.12059  -4.01781  1.000 102.38900 ? 8  DC A C5    1 
ATOM 59  C C6    . DC A 1 3  ? -2.20125  15.24240  -4.53093  1.000 102.77870 ? 8  DC A C6    1 
ATOM 60  P P     . DC A 1 4  ? -0.85162  21.14739  -7.33284  1.000 102.51420 ? 9  DC A P     1 
ATOM 61  O OP1   . DC A 1 4  ? -1.26624  22.55176  -7.55029  1.000 103.08512 ? 9  DC A OP1   1 
ATOM 62  O OP2   . DC A 1 4  ? -0.23115  20.37797  -8.43426  1.000 101.49565 ? 9  DC A OP2   1 
ATOM 63  O "O5'" . DC A 1 4  ? 0.14898   21.11046  -6.07645  1.000 102.41074 ? 9  DC A "O5'" 1 
ATOM 64  C "C5'" . DC A 1 4  ? -0.06913  21.98095  -4.96930  1.000 103.23629 ? 9  DC A "C5'" 1 
ATOM 65  C "C4'" . DC A 1 4  ? 1.09242   21.94369  -3.98239  1.000 102.94562 ? 9  DC A "C4'" 1 
ATOM 66  O "O4'" . DC A 1 4  ? 1.16852   20.64499  -3.33941  1.000 102.78479 ? 9  DC A "O4'" 1 
ATOM 67  C "C3'" . DC A 1 4  ? 2.47632   22.22026  -4.56705  1.000 101.98303 ? 9  DC A "C3'" 1 
ATOM 68  O "O3'" . DC A 1 4  ? 3.17078   23.10538  -3.70295  1.000 102.19711 ? 9  DC A "O3'" 1 
ATOM 69  C "C2'" . DC A 1 4  ? 3.12984   20.83667  -4.60191  1.000 101.18551 ? 9  DC A "C2'" 1 
ATOM 70  C "C1'" . DC A 1 4  ? 2.48840   20.14705  -3.40738  1.000 101.84755 ? 9  DC A "C1'" 1 
ATOM 71  N N1    . DC A 1 4  ? 2.39758   18.67268  -3.56298  1.000 101.41912 ? 9  DC A N1    1 
ATOM 72  C C2    . DC A 1 4  ? 3.10977   17.81764  -2.70968  1.000 101.12013 ? 9  DC A C2    1 
ATOM 73  O O2    . DC A 1 4  ? 3.82807   18.30193  -1.82802  1.000 101.20652 ? 9  DC A O2    1 
ATOM 74  N N3    . DC A 1 4  ? 2.98837   16.47368  -2.88541  1.000 100.75077 ? 9  DC A N3    1 
ATOM 75  C C4    . DC A 1 4  ? 2.20059   15.99475  -3.85168  1.000 100.68293 ? 9  DC A C4    1 
ATOM 76  N N4    . DC A 1 4  ? 2.10565   14.66926  -3.99526  1.000 100.32914 ? 9  DC A N4    1 
ATOM 77  C C5    . DC A 1 4  ? 1.47450   16.85379  -4.71908  1.000 100.98540 ? 9  DC A C5    1 
ATOM 78  C C6    . DC A 1 4  ? 1.60090   18.16693  -4.53664  1.000 101.34526 ? 9  DC A C6    1 
ATOM 79  P P     . DT A 1 5  ? 4.52098   23.84380  -4.16288  1.000 101.44820 ? 10 DT A P     1 
ATOM 80  O OP1   . DT A 1 5  ? 4.17455   25.25140  -4.45472  1.000 101.95769 ? 10 DT A OP1   1 
ATOM 81  O OP2   . DT A 1 5  ? 5.20798   23.04597  -5.20537  1.000 100.38311 ? 10 DT A OP2   1 
ATOM 82  O "O5'" . DT A 1 5  ? 5.40373   23.81698  -2.83132  1.000 101.48527 ? 10 DT A "O5'" 1 
ATOM 83  C "C5'" . DT A 1 5  ? 5.33135   22.68730  -1.95755  1.000 101.55451 ? 10 DT A "C5'" 1 
ATOM 84  C "C4'" . DT A 1 5  ? 6.67391   21.99357  -1.89482  1.000 100.60813 ? 10 DT A "C4'" 1 
ATOM 85  O "O4'" . DT A 1 5  ? 6.49721   20.54470  -1.96786  1.000 100.25614 ? 10 DT A "O4'" 1 
ATOM 86  C "C3'" . DT A 1 5  ? 7.60892   22.35109  -3.04982  1.000 99.69345  ? 10 DT A "C3'" 1 
ATOM 87  O "O3'" . DT A 1 5  ? 8.94804   22.40237  -2.58551  1.000 99.14277  ? 10 DT A "O3'" 1 
ATOM 88  C "C2'" . DT A 1 5  ? 7.39954   21.17617  -3.99194  1.000 99.07572  ? 10 DT A "C2'" 1 
ATOM 89  C "C1'" . DT A 1 5  ? 7.34655   20.05148  -2.97911  1.000 99.20585  ? 10 DT A "C1'" 1 
ATOM 90  N N1    . DT A 1 5  ? 6.80885   18.75492  -3.51799  1.000 98.92254  ? 10 DT A N1    1 
ATOM 91  C C2    . DT A 1 5  ? 7.23483   17.56382  -2.96656  1.000 98.57992  ? 10 DT A C2    1 
ATOM 92  O O2    . DT A 1 5  ? 8.02520   17.49831  -2.04205  1.000 98.50048  ? 10 DT A O2    1 
ATOM 93  N N3    . DT A 1 5  ? 6.68982   16.44145  -3.53454  1.000 98.35052  ? 10 DT A N3    1 
ATOM 94  C C4    . DT A 1 5  ? 5.78788   16.38762  -4.58132  1.000 98.42207  ? 10 DT A C4    1 
ATOM 95  O O4    . DT A 1 5  ? 5.35512   15.32594  -5.02312  1.000 98.20903  ? 10 DT A O4    1 
ATOM 96  C C5    . DT A 1 5  ? 5.39117   17.66824  -5.11898  1.000 98.77744  ? 10 DT A C5    1 
ATOM 97  C C7    . DT A 1 5  ? 4.42338   17.73763  -6.26143  1.000 98.89332  ? 10 DT A C7    1 
ATOM 98  C C6    . DT A 1 5  ? 5.91837   18.77572  -4.57104  1.000 99.00380  ? 10 DT A C6    1 
ATOM 99  P P     . DG A 1 6  ? 9.59679   23.79052  -2.09830  1.000 99.39679  ? 11 DG A P     1 
ATOM 100 O OP1   . DG A 1 6  ? 8.54387   24.60331  -1.44508  1.000 100.51969 ? 11 DG A OP1   1 
ATOM 101 O OP2   . DG A 1 6  ? 10.35338  24.35128  -3.23940  1.000 98.65180  ? 11 DG A OP2   1 
ATOM 102 O "O5'" . DG A 1 6  ? 10.67564  23.32821  -1.01059  1.000 99.11669  ? 11 DG A "O5'" 1 
ATOM 103 C "C5'" . DG A 1 6  ? 10.72210  21.96338  -0.59248  1.000 98.86619  ? 11 DG A "C5'" 1 
ATOM 104 C "C4'" . DG A 1 6  ? 11.86262  21.21397  -1.26997  1.000 97.71502  ? 11 DG A "C4'" 1 
ATOM 105 O "O4'" . DG A 1 6  ? 11.34231  20.02790  -1.93661  1.000 97.37962  ? 11 DG A "O4'" 1 
ATOM 106 C "C3'" . DG A 1 6  ? 12.62656  22.00261  -2.34186  1.000 97.05490  ? 11 DG A "C3'" 1 
ATOM 107 O "O3'" . DG A 1 6  ? 14.02548  21.73593  -2.24230  1.000 96.23782  ? 11 DG A "O3'" 1 
ATOM 108 C "C2'" . DG A 1 6  ? 12.05262  21.44148  -3.63989  1.000 96.65979  ? 11 DG A "C2'" 1 
ATOM 109 C "C1'" . DG A 1 6  ? 11.84110  19.98790  -3.25143  1.000 96.52750  ? 11 DG A "C1'" 1 
ATOM 110 N N9    . DG A 1 6  ? 10.89485  19.27556  -4.11121  1.000 96.49786  ? 11 DG A N9    1 
ATOM 111 C C8    . DG A 1 6  ? 10.01983  19.82390  -5.01027  1.000 96.77236  ? 11 DG A C8    1 
ATOM 112 N N7    . DG A 1 6  ? 9.29821   18.94231  -5.64564  1.000 96.67364  ? 11 DG A N7    1 
ATOM 113 C C5    . DG A 1 6  ? 9.73914   17.72675  -5.14986  1.000 96.29280  ? 11 DG A C5    1 
ATOM 114 C C6    . DG A 1 6  ? 9.33177   16.40924  -5.46777  1.000 96.03850  ? 11 DG A C6    1 
ATOM 115 O O6    . DG A 1 6  ? 8.46762   16.04534  -6.27999  1.000 96.10288  ? 11 DG A O6    1 
ATOM 116 N N1    . DG A 1 6  ? 10.03935  15.46540  -4.73088  1.000 95.69096  ? 11 DG A N1    1 
ATOM 117 C C2    . DG A 1 6  ? 11.01450  15.75821  -3.80664  1.000 95.60164  ? 11 DG A C2    1 
ATOM 118 N N2    . DG A 1 6  ? 11.59154  14.72398  -3.18957  1.000 95.26525  ? 11 DG A N2    1 
ATOM 119 N N3    . DG A 1 6  ? 11.40247  16.98451  -3.50255  1.000 95.83800  ? 11 DG A N3    1 
ATOM 120 C C4    . DG A 1 6  ? 10.72570  17.91306  -4.20713  1.000 96.17637  ? 11 DG A C4    1 
ATOM 121 P P     . DT A 1 7  ? 14.98616  22.67549  -1.35560  1.000 96.36416  ? 12 DT A P     1 
ATOM 122 O OP1   . DT A 1 7  ? 14.31168  22.96282  -0.07084  1.000 97.38735  ? 12 DT A OP1   1 
ATOM 123 O OP2   . DT A 1 7  ? 15.45398  23.78986  -2.20890  1.000 96.06386  ? 12 DT A OP2   1 
ATOM 124 O "O5'" . DT A 1 7  ? 16.25463  21.74845  -1.06271  1.000 95.51826  ? 12 DT A "O5'" 1 
ATOM 125 C "C5'" . DT A 1 7  ? 16.07211  20.38030  -0.73067  1.000 95.37046  ? 12 DT A "C5'" 1 
ATOM 126 C "C4'" . DT A 1 7  ? 16.67537  19.48972  -1.79891  1.000 94.31812  ? 12 DT A "C4'" 1 
ATOM 127 O "O4'" . DT A 1 7  ? 15.62499  18.82810  -2.54409  1.000 94.39144  ? 12 DT A "O4'" 1 
ATOM 128 C "C3'" . DT A 1 7  ? 17.53323  20.22320  -2.84602  1.000 93.59566  ? 12 DT A "C3'" 1 
ATOM 129 O "O3'" . DT A 1 7  ? 18.86326  19.72890  -2.82215  1.000 92.73420  ? 12 DT A "O3'" 1 
ATOM 130 C "C2'" . DT A 1 7  ? 16.84426  19.90653  -4.17891  1.000 93.31297  ? 12 DT A "C2'" 1 
ATOM 131 C "C1'" . DT A 1 7  ? 16.10897  18.62415  -3.83916  1.000 93.51001  ? 12 DT A "C1'" 1 
ATOM 132 N N1    . DT A 1 7  ? 14.98313  18.30541  -4.76644  1.000 93.65550  ? 12 DT A N1    1 
ATOM 133 C C2    . DT A 1 7  ? 14.65795  16.98819  -4.99491  1.000 93.38422  ? 12 DT A C2    1 
ATOM 134 O O2    . DT A 1 7  ? 15.22797  16.05715  -4.45355  1.000 93.04674  ? 12 DT A O2    1 
ATOM 135 N N3    . DT A 1 7  ? 13.63210  16.79671  -5.88154  1.000 93.53752  ? 12 DT A N3    1 
ATOM 136 C C4    . DT A 1 7  ? 12.91848  17.76954  -6.55527  1.000 93.92189  ? 12 DT A C4    1 
ATOM 137 O O4    . DT A 1 7  ? 12.00995  17.49596  -7.33193  1.000 94.04305  ? 12 DT A O4    1 
ATOM 138 C C5    . DT A 1 7  ? 13.31911  19.13049  -6.28172  1.000 94.18196  ? 12 DT A C5    1 
ATOM 139 C C7    . DT A 1 7  ? 12.62195  20.27242  -6.95977  1.000 94.61443  ? 12 DT A C7    1 
ATOM 140 C C6    . DT A 1 7  ? 14.32845  19.32963  -5.41921  1.000 94.02973  ? 12 DT A C6    1 
ATOM 141 P P     . DC B 2 1  ? 24.44559  -3.66819  -1.97773  1.000 51.18864  ? 12 DC B P     1 
ATOM 142 O OP1   . DC B 2 1  ? 23.32192  -4.45691  -2.52860  1.000 51.37810  ? 12 DC B OP1   1 
ATOM 143 O OP2   . DC B 2 1  ? 25.80648  -3.84553  -2.53262  1.000 51.97122  ? 12 DC B OP2   1 
ATOM 144 O "O5'" . DC B 2 1  ? 24.50084  -3.90495  -0.39496  1.000 49.75170  ? 12 DC B "O5'" 1 
ATOM 145 C "C5'" . DC B 2 1  ? 23.51006  -3.32144  0.44498   1.000 47.75322  ? 12 DC B "C5'" 1 
ATOM 146 C "C4'" . DC B 2 1  ? 22.92297  -4.34098  1.40262   1.000 43.70852  ? 12 DC B "C4'" 1 
ATOM 147 O "O4'" . DC B 2 1  ? 22.45170  -3.63458  2.57444   1.000 42.36550  ? 12 DC B "O4'" 1 
ATOM 148 C "C3'" . DC B 2 1  ? 21.69378  -5.07480  0.87977   1.000 41.97262  ? 12 DC B "C3'" 1 
ATOM 149 O "O3'" . DC B 2 1  ? 21.46447  -6.28998  1.63608   1.000 40.23164  ? 12 DC B "O3'" 1 
ATOM 150 C "C2'" . DC B 2 1  ? 20.61632  -4.04270  1.15239   1.000 40.98165  ? 12 DC B "C2'" 1 
ATOM 151 C "C1'" . DC B 2 1  ? 21.03999  -3.53369  2.52723   1.000 40.32269  ? 12 DC B "C1'" 1 
ATOM 152 N N1    . DC B 2 1  ? 20.63825  -2.11477  2.77890   1.000 40.73347  ? 12 DC B N1    1 
ATOM 153 C C2    . DC B 2 1  ? 20.22007  -1.71808  4.05877   1.000 39.43667  ? 12 DC B C2    1 
ATOM 154 O O2    . DC B 2 1  ? 20.18950  -2.55412  4.97345   1.000 38.13199  ? 12 DC B O2    1 
ATOM 155 N N3    . DC B 2 1  ? 19.84873  -0.42704  4.25269   1.000 40.64787  ? 12 DC B N3    1 
ATOM 156 C C4    . DC B 2 1  ? 19.89005  0.43859   3.23717   1.000 42.94679  ? 12 DC B C4    1 
ATOM 157 N N4    . DC B 2 1  ? 19.52089  1.69838   3.46711   1.000 43.65347  ? 12 DC B N4    1 
ATOM 158 C C5    . DC B 2 1  ? 20.29679  0.04836   1.93406   1.000 44.55033  ? 12 DC B C5    1 
ATOM 159 C C6    . DC B 2 1  ? 20.66195  -1.22080  1.75158   1.000 43.47680  ? 12 DC B C6    1 
ATOM 160 P P     . DG B 2 2  ? 20.22262  -7.26870  1.29571   1.000 38.57316  ? 13 DG B P     1 
ATOM 161 O OP1   . DG B 2 2  ? 20.60232  -8.08920  0.12406   1.000 40.04648  ? 13 DG B OP1   1 
ATOM 162 O OP2   . DG B 2 2  ? 18.96081  -6.49984  1.26452   1.000 38.46121  ? 13 DG B OP2   1 
ATOM 163 O "O5'" . DG B 2 2  ? 20.10291  -8.21891  2.58202   1.000 37.38240  ? 13 DG B "O5'" 1 
ATOM 164 C "C5'" . DG B 2 2  ? 20.62943  -7.78681  3.83375   1.000 36.80226  ? 13 DG B "C5'" 1 
ATOM 165 C "C4'" . DG B 2 2  ? 19.54834  -7.64966  4.90439   1.000 35.58767  ? 13 DG B "C4'" 1 
ATOM 166 O "O4'" . DG B 2 2  ? 19.27167  -6.24644  5.16063   1.000 36.09079  ? 13 DG B "O4'" 1 
ATOM 167 C "C3'" . DG B 2 2  ? 18.20182  -8.30540  4.60647   1.000 34.81875  ? 13 DG B "C3'" 1 
ATOM 168 O "O3'" . DG B 2 2  ? 17.72682  -8.94660  5.79690   1.000 35.24019  ? 13 DG B "O3'" 1 
ATOM 169 C "C2'" . DG B 2 2  ? 17.32462  -7.12032  4.19700   1.000 34.92093  ? 13 DG B "C2'" 1 
ATOM 170 C "C1'" . DG B 2 2  ? 17.88449  -5.99843  5.05551   1.000 33.72033  ? 13 DG B "C1'" 1 
ATOM 171 N N9    . DG B 2 2  ? 17.71009  -4.67753  4.46009   1.000 33.69701  ? 13 DG B N9    1 
ATOM 172 C C8    . DG B 2 2  ? 17.99570  -4.31803  3.17082   1.000 35.75375  ? 13 DG B C8    1 
ATOM 173 N N7    . DG B 2 2  ? 17.75685  -3.06432  2.90974   1.000 35.82713  ? 13 DG B N7    1 
ATOM 174 C C5    . DG B 2 2  ? 17.26639  -2.55853  4.10466   1.000 33.49797  ? 13 DG B C5    1 
ATOM 175 C C6    . DG B 2 2  ? 16.83741  -1.25246  4.42965   1.000 36.22212  ? 13 DG B C6    1 
ATOM 176 O O6    . DG B 2 2  ? 16.79828  -0.25216  3.69980   1.000 34.75996  ? 13 DG B O6    1 
ATOM 177 N N1    . DG B 2 2  ? 16.41966  -1.16514  5.75431   1.000 32.30107  ? 13 DG B N1    1 
ATOM 178 C C2    . DG B 2 2  ? 16.42691  -2.20936  6.65188   1.000 32.57901  ? 13 DG B C2    1 
ATOM 179 N N2    . DG B 2 2  ? 15.98620  -1.94233  7.88791   1.000 32.53830  ? 13 DG B N2    1 
ATOM 180 N N3    . DG B 2 2  ? 16.82795  -3.43652  6.35824   1.000 32.92531  ? 13 DG B N3    1 
ATOM 181 C C4    . DG B 2 2  ? 17.23853  -3.53725  5.07364   1.000 33.89399  ? 13 DG B C4    1 
ATOM 182 P P     . DG B 2 3  ? 16.18449  -9.37007  5.97747   1.000 36.58202  ? 14 DG B P     1 
ATOM 183 O OP1   . DG B 2 3  ? 16.19417  -10.60193 6.79130   1.000 40.61164  ? 14 DG B OP1   1 
ATOM 184 O OP2   . DG B 2 3  ? 15.48103  -9.39504  4.67970   1.000 37.59552  ? 14 DG B OP2   1 
ATOM 185 O "O5'" . DG B 2 3  ? 15.56227  -8.18405  6.84928   1.000 37.48715  ? 14 DG B "O5'" 1 
ATOM 186 C "C5'" . DG B 2 3  ? 15.91444  -8.04818  8.22730   1.000 39.80932  ? 14 DG B "C5'" 1 
ATOM 187 C "C4'" . DG B 2 3  ? 14.86583  -7.24099  8.96519   1.000 41.77598  ? 14 DG B "C4'" 1 
ATOM 188 O "O4'" . DG B 2 3  ? 14.89608  -5.87078  8.48775   1.000 38.88799  ? 14 DG B "O4'" 1 
ATOM 189 C "C3'" . DG B 2 3  ? 13.43533  -7.73842  8.76633   1.000 43.35097  ? 14 DG B "C3'" 1 
ATOM 190 O "O3'" . DG B 2 3  ? 12.73314  -7.74735  9.99599   1.000 44.98324  ? 14 DG B "O3'" 1 
ATOM 191 C "C2'" . DG B 2 3  ? 12.83305  -6.74496  7.77629   1.000 41.82810  ? 14 DG B "C2'" 1 
ATOM 192 C "C1'" . DG B 2 3  ? 13.61473  -5.47269  8.05109   1.000 38.47256  ? 14 DG B "C1'" 1 
ATOM 193 N N9    . DG B 2 3  ? 13.76172  -4.64956  6.85681   1.000 35.66124  ? 14 DG B N9    1 
ATOM 194 C C8    . DG B 2 3  ? 14.28482  -5.03711  5.64675   1.000 35.71253  ? 14 DG B C8    1 
ATOM 195 N N7    . DG B 2 3  ? 14.27362  -4.09329  4.74902   1.000 35.46823  ? 14 DG B N7    1 
ATOM 196 C C5    . DG B 2 3  ? 13.69736  -3.01150  5.40309   1.000 35.19070  ? 14 DG B C5    1 
ATOM 197 C C6    . DG B 2 3  ? 13.42846  -1.70691  4.93716   1.000 35.65857  ? 14 DG B C6    1 
ATOM 198 O O6    . DG B 2 3  ? 13.65098  -1.23379  3.81594   1.000 35.22881  ? 14 DG B O6    1 
ATOM 199 N N1    . DG B 2 3  ? 12.84009  -0.91850  5.92438   1.000 36.43061  ? 14 DG B N1    1 
ATOM 200 C C2    . DG B 2 3  ? 12.55420  -1.34171  7.20179   1.000 36.82680  ? 14 DG B C2    1 
ATOM 201 N N2    . DG B 2 3  ? 11.98558  -0.44762  8.01951   1.000 38.33861  ? 14 DG B N2    1 
ATOM 202 N N3    . DG B 2 3  ? 12.80277  -2.56162  7.64801   1.000 35.93863  ? 14 DG B N3    1 
ATOM 203 C C4    . DG B 2 3  ? 13.37573  -3.33874  6.70010   1.000 35.28131  ? 14 DG B C4    1 
ATOM 204 P P     . DA B 2 4  ? 11.16261  -8.09438  10.02861  1.000 45.05343  ? 15 DA B P     1 
ATOM 205 O OP1   . DA B 2 4  ? 10.89288  -8.83998  11.27889  1.000 47.53231  ? 15 DA B OP1   1 
ATOM 206 O OP2   . DA B 2 4  ? 10.76636  -8.70923  8.73921   1.000 46.86348  ? 15 DA B OP2   1 
ATOM 207 O "O5'" . DA B 2 4  ? 10.47792  -6.65548  10.13121  1.000 42.22874  ? 15 DA B "O5'" 1 
ATOM 208 C "C5'" . DA B 2 4  ? 11.00739  -5.69089  11.04429  1.000 42.08390  ? 15 DA B "C5'" 1 
ATOM 209 C "C4'" . DA B 2 4  ? 10.02339  -4.56275  11.30157  1.000 38.52032  ? 15 DA B "C4'" 1 
ATOM 210 O "O4'" . DA B 2 4  ? 10.19506  -3.53085  10.30224  1.000 38.61815  ? 15 DA B "O4'" 1 
ATOM 211 C "C3'" . DA B 2 4  ? 8.55305   -4.95484  11.23981  1.000 38.94022  ? 15 DA B "C3'" 1 
ATOM 212 O "O3'" . DA B 2 4  ? 7.79598   -4.12473  12.10996  1.000 38.95430  ? 15 DA B "O3'" 1 
ATOM 213 C "C2'" . DA B 2 4  ? 8.20688   -4.68960  9.78348   1.000 39.34083  ? 15 DA B "C2'" 1 
ATOM 214 C "C1'" . DA B 2 4  ? 9.04502   -3.45375  9.48139   1.000 38.06798  ? 15 DA B "C1'" 1 
ATOM 215 N N9    . DA B 2 4  ? 9.49040   -3.39664  8.10149   1.000 37.98013  ? 15 DA B N9    1 
ATOM 216 C C8    . DA B 2 4  ? 10.14074  -4.37846  7.41643   1.000 38.39925  ? 15 DA B C8    1 
ATOM 217 N N7    . DA B 2 4  ? 10.42784  -4.05919  6.17927   1.000 38.05989  ? 15 DA B N7    1 
ATOM 218 C C5    . DA B 2 4  ? 9.92819   -2.77720  6.04122   1.000 38.02382  ? 15 DA B C5    1 
ATOM 219 C C6    . DA B 2 4  ? 9.91681   -1.87123  4.96071   1.000 39.15106  ? 15 DA B C6    1 
ATOM 220 N N6    . DA B 2 4  ? 10.44623  -2.14172  3.75917   1.000 40.14095  ? 15 DA B N6    1 
ATOM 221 N N1    . DA B 2 4  ? 9.33757   -0.67330  5.16211   1.000 40.35289  ? 15 DA B N1    1 
ATOM 222 C C2    . DA B 2 4  ? 8.81015   -0.40304  6.36289   1.000 39.46175  ? 15 DA B C2    1 
ATOM 223 N N3    . DA B 2 4  ? 8.76128   -1.16903  7.45016   1.000 38.86931  ? 15 DA B N3    1 
ATOM 224 C C4    . DA B 2 4  ? 9.34379   -2.35323  7.22060   1.000 38.00322  ? 15 DA B C4    1 
ATOM 225 P P     . DC B 2 5  ? 6.39884   -4.64345  12.72103  1.000 40.26965  ? 16 DC B P     1 
ATOM 226 O OP1   . DC B 2 5  ? 6.53564   -4.72486  14.19307  1.000 40.01340  ? 16 DC B OP1   1 
ATOM 227 O OP2   . DC B 2 5  ? 5.98038   -5.83156  11.94382  1.000 41.41698  ? 16 DC B OP2   1 
ATOM 228 O "O5'" . DC B 2 5  ? 5.38061   -3.46175  12.38246  1.000 40.50743  ? 16 DC B "O5'" 1 
ATOM 229 C "C5'" . DC B 2 5  ? 5.87748   -2.16250  12.12249  1.000 39.45501  ? 16 DC B "C5'" 1 
ATOM 230 C "C4'" . DC B 2 5  ? 4.90816   -1.37300  11.26630  1.000 39.98710  ? 16 DC B "C4'" 1 
ATOM 231 O "O4'" . DC B 2 5  ? 5.42286   -1.25830  9.90851   1.000 39.77349  ? 16 DC B "O4'" 1 
ATOM 232 C "C3'" . DC B 2 5  ? 3.52199   -1.99180  11.12469  1.000 41.50327  ? 16 DC B "C3'" 1 
ATOM 233 O "O3'" . DC B 2 5  ? 2.57109   -0.95810  11.01546  1.000 41.79325  ? 16 DC B "O3'" 1 
ATOM 234 C "C2'" . DC B 2 5  ? 3.64808   -2.75939  9.81508   1.000 42.10083  ? 16 DC B "C2'" 1 
ATOM 235 C "C1'" . DC B 2 5  ? 4.45909   -1.76621  9.00474   1.000 41.05781  ? 16 DC B "C1'" 1 
ATOM 236 N N1    . DC B 2 5  ? 5.15226   -2.36606  7.81865   1.000 41.09274  ? 16 DC B N1    1 
ATOM 237 C C2    . DC B 2 5  ? 5.22297   -1.64765  6.61850   1.000 40.98993  ? 16 DC B C2    1 
ATOM 238 O O2    . DC B 2 5  ? 4.71717   -0.52120  6.56771   1.000 40.85133  ? 16 DC B O2    1 
ATOM 239 N N3    . DC B 2 5  ? 5.84851   -2.20949  5.55180   1.000 41.08208  ? 16 DC B N3    1 
ATOM 240 C C4    . DC B 2 5  ? 6.38077   -3.43036  5.65792   1.000 41.25514  ? 16 DC B C4    1 
ATOM 241 N N4    . DC B 2 5  ? 6.99148   -3.94828  4.58427   1.000 41.36998  ? 16 DC B N4    1 
ATOM 242 C C5    . DC B 2 5  ? 6.30986   -4.17485  6.87028   1.000 41.36347  ? 16 DC B C5    1 
ATOM 243 C C6    . DC B 2 5  ? 5.68740   -3.61205  7.91003   1.000 41.29220  ? 16 DC B C6    1 
ATOM 244 P P     . DA B 2 6  ? 1.05175   -1.20037  11.48174  1.000 43.15226  ? 17 DA B P     1 
ATOM 245 O OP1   . DA B 2 6  ? 0.93675   -0.81146  12.90598  1.000 42.76761  ? 17 DA B OP1   1 
ATOM 246 O OP2   . DA B 2 6  ? 0.67532   -2.56817  11.05951  1.000 44.34377  ? 17 DA B OP2   1 
ATOM 247 O "O5'" . DA B 2 6  ? 0.21794   -0.16550  10.59215  1.000 43.54156  ? 17 DA B "O5'" 1 
ATOM 248 C "C5'" . DA B 2 6  ? 0.69242   1.16195   10.40723  1.000 42.47339  ? 17 DA B "C5'" 1 
ATOM 249 C "C4'" . DA B 2 6  ? 0.49065   1.62266   8.97213   1.000 42.78202  ? 17 DA B "C4'" 1 
ATOM 250 O "O4'" . DA B 2 6  ? 1.32527   0.83881   8.07737   1.000 42.68605  ? 17 DA B "O4'" 1 
ATOM 251 C "C3'" . DA B 2 6  ? -0.92503  1.46777   8.42619   1.000 44.30458  ? 17 DA B "C3'" 1 
ATOM 252 O "O3'" . DA B 2 6  ? -1.14521  2.46246   7.44676   1.000 44.30021  ? 17 DA B "O3'" 1 
ATOM 253 C "C2'" . DA B 2 6  ? -0.85592  0.08873   7.78157   1.000 45.17681  ? 17 DA B "C2'" 1 
ATOM 254 C "C1'" . DA B 2 6  ? 0.50206   0.20509   7.11568   1.000 44.06355  ? 17 DA B "C1'" 1 
ATOM 255 N N9    . DA B 2 6  ? 1.13574   -1.05474  6.73866   1.000 44.28949  ? 17 DA B N9    1 
ATOM 256 C C8    . DA B 2 6  ? 1.35708   -2.14286  7.53125   1.000 44.43932  ? 17 DA B C8    1 
ATOM 257 N N7    . DA B 2 6  ? 1.99653   -3.11884  6.92573   1.000 44.60422  ? 17 DA B N7    1 
ATOM 258 C C5    . DA B 2 6  ? 2.21839   -2.62776  5.65061   1.000 44.55028  ? 17 DA B C5    1 
ATOM 259 C C6    . DA B 2 6  ? 2.84793   -3.17476  4.51436   1.000 44.70158  ? 17 DA B C6    1 
ATOM 260 N N6    . DA B 2 6  ? 3.39314   -4.39449  4.48728   1.000 44.92461  ? 17 DA B N6    1 
ATOM 261 N N1    . DA B 2 6  ? 2.89416   -2.41360  3.40155   1.000 44.65937  ? 17 DA B N1    1 
ATOM 262 C C2    . DA B 2 6  ? 2.34858   -1.19435  3.43201   1.000 44.46836  ? 17 DA B C2    1 
ATOM 263 N N3    . DA B 2 6  ? 1.73530   -0.57564  4.43499   1.000 44.29856  ? 17 DA B N3    1 
ATOM 264 C C4    . DA B 2 6  ? 1.70286   -1.35334  5.52444   1.000 44.35156  ? 17 DA B C4    1 
ATOM 265 P P     . DG B 2 7  ? -2.51313  3.29687   7.41554   1.000 45.16858  ? 18 DG B P     1 
ATOM 266 O OP1   . DG B 2 7  ? -2.41831  4.29443   8.50630   1.000 44.24066  ? 18 DG B OP1   1 
ATOM 267 O OP2   . DG B 2 7  ? -3.64452  2.34145   7.39306   1.000 46.75735  ? 18 DG B OP2   1 
ATOM 268 O "O5'" . DG B 2 7  ? -2.46217  4.03166   5.99227   1.000 45.25039  ? 18 DG B "O5'" 1 
ATOM 269 C "C5'" . DG B 2 7  ? -1.45207  3.66861   5.03949   1.000 44.83254  ? 18 DG B "C5'" 1 
ATOM 270 C "C4'" . DG B 2 7  ? -2.07027  3.01143   3.81978   1.000 47.18252  ? 18 DG B "C4'" 1 
ATOM 271 O "O4'" . DG B 2 7  ? -1.41620  1.73222   3.56253   1.000 46.41336  ? 18 DG B "O4'" 1 
ATOM 272 C "C3'" . DG B 2 7  ? -3.56135  2.68668   3.95671   1.000 48.76818  ? 18 DG B "C3'" 1 
ATOM 273 O "O3'" . DG B 2 7  ? -4.19280  2.80183   2.69557   1.000 52.32139  ? 18 DG B "O3'" 1 
ATOM 274 C "C2'" . DG B 2 7  ? -3.51393  1.23364   4.38888   1.000 48.40916  ? 18 DG B "C2'" 1 
ATOM 275 C "C1'" . DG B 2 7  ? -2.41742  0.74765   3.46163   1.000 47.99164  ? 18 DG B "C1'" 1 
ATOM 276 N N9    . DG B 2 7  ? -1.87175  -0.55590  3.81394   1.000 48.03368  ? 18 DG B N9    1 
ATOM 277 C C8    . DG B 2 7  ? -1.92651  -1.16716  5.03822   1.000 47.92483  ? 18 DG B C8    1 
ATOM 278 N N7    . DG B 2 7  ? -1.36209  -2.33916  5.06157   1.000 48.05156  ? 18 DG B N7    1 
ATOM 279 C C5    . DG B 2 7  ? -0.91785  -2.52740  3.76192   1.000 48.27209  ? 18 DG B C5    1 
ATOM 280 C C6    . DG B 2 7  ? -0.23464  -3.62280  3.18972   1.000 48.51475  ? 18 DG B C6    1 
ATOM 281 O O6    . DG B 2 7  ? 0.11927   -4.67159  3.74484   1.000 48.57262  ? 18 DG B O6    1 
ATOM 282 N N1    . DG B 2 7  ? 0.03308   -3.41712  1.84031   1.000 48.75015  ? 18 DG B N1    1 
ATOM 283 C C2    . DG B 2 7  ? -0.31758  -2.29014  1.13085   1.000 48.76728  ? 18 DG B C2    1 
ATOM 284 N N2    . DG B 2 7  ? 0.02428   -2.27186  -0.16493  1.000 49.08650  ? 18 DG B N2    1 
ATOM 285 N N3    . DG B 2 7  ? -0.96132  -1.25131  1.65823   1.000 48.53380  ? 18 DG B N3    1 
ATOM 286 C C4    . DG B 2 7  ? -1.22752  -1.44217  2.97530   1.000 48.28581  ? 18 DG B C4    1 
ATOM 287 P P     . DC B 2 8  ? -4.97666  4.13900   2.27432   1.000 55.88478  ? 19 DC B P     1 
ATOM 288 O OP1   . DC B 2 8  ? -4.11518  5.30718   2.56189   1.000 56.74683  ? 19 DC B OP1   1 
ATOM 289 O OP2   . DC B 2 8  ? -6.34409  4.07440   2.83641   1.000 59.36397  ? 19 DC B OP2   1 
ATOM 290 O "O5'" . DC B 2 8  ? -5.09080  3.99070   0.69121   1.000 58.19439  ? 19 DC B "O5'" 1 
ATOM 291 C "C5'" . DC B 2 8  ? -3.94671  3.58994   -0.05454  1.000 57.68552  ? 19 DC B "C5'" 1 
ATOM 292 C "C4'" . DC B 2 8  ? -4.23549  2.34039   -0.86618  1.000 57.08928  ? 19 DC B "C4'" 1 
ATOM 293 O "O4'" . DC B 2 8  ? -3.78708  1.15493   -0.14495  1.000 54.26121  ? 19 DC B "O4'" 1 
ATOM 294 C "C3'" . DC B 2 8  ? -5.71651  2.09176   -1.18243  1.000 57.69116  ? 19 DC B "C3'" 1 
ATOM 295 O "O3'" . DC B 2 8  ? -5.82569  1.53766   -2.47749  1.000 58.71839  ? 19 DC B "O3'" 1 
ATOM 296 C "C2'" . DC B 2 8  ? -6.08274  1.04684   -0.14212  1.000 56.47633  ? 19 DC B "C2'" 1 
ATOM 297 C "C1'" . DC B 2 8  ? -4.82319  0.20870   -0.20711  1.000 54.52466  ? 19 DC B "C1'" 1 
ATOM 298 N N1    . DC B 2 8  ? -4.68702  -0.78101  0.89262   1.000 52.54109  ? 19 DC B N1    1 
ATOM 299 C C2    . DC B 2 8  ? -3.98039  -1.97338  0.67021   1.000 52.64531  ? 19 DC B C2    1 
ATOM 300 O O2    . DC B 2 8  ? -3.45879  -2.17028  -0.43582  1.000 52.83660  ? 19 DC B O2    1 
ATOM 301 N N3    . DC B 2 8  ? -3.88326  -2.87399  1.68156   1.000 52.56579  ? 19 DC B N3    1 
ATOM 302 C C4    . DC B 2 8  ? -4.46337  -2.61992  2.85679   1.000 52.42075  ? 19 DC B C4    1 
ATOM 303 N N4    . DC B 2 8  ? -4.34518  -3.52879  3.82728   1.000 52.40920  ? 19 DC B N4    1 
ATOM 304 C C5    . DC B 2 8  ? -5.19747  -1.42181  3.09099   1.000 52.33258  ? 19 DC B C5    1 
ATOM 305 C C6    . DC B 2 8  ? -5.29011  -0.54391  2.08967   1.000 52.39988  ? 19 DC B C6    1 
ATOM 306 P P     . DA B 2 9  ? -6.36720  2.40055   -3.71756  1.000 60.99355  ? 20 DA B P     1 
ATOM 307 O OP1   . DA B 2 9  ? -5.48507  3.58427   -3.85951  1.000 61.31720  ? 20 DA B OP1   1 
ATOM 308 O OP2   . DA B 2 9  ? -7.82869  2.59100   -3.54728  1.000 60.74955  ? 20 DA B OP2   1 
ATOM 309 O "O5'" . DA B 2 9  ? -6.12039  1.42332   -4.96421  1.000 61.21955  ? 20 DA B "O5'" 1 
ATOM 310 C "C5'" . DA B 2 9  ? -4.80447  0.92704   -5.22017  1.000 61.91420  ? 20 DA B "C5'" 1 
ATOM 311 C "C4'" . DA B 2 9  ? -4.78074  -0.59290  -5.26789  1.000 62.23173  ? 20 DA B "C4'" 1 
ATOM 312 O "O4'" . DA B 2 9  ? -4.81712  -1.13105  -3.91752  1.000 59.55644  ? 20 DA B "O4'" 1 
ATOM 313 C "C3'" . DA B 2 9  ? -5.95133  -1.24643  -6.02174  1.000 64.61501  ? 20 DA B "C3'" 1 
ATOM 314 O "O3'" . DA B 2 9  ? -5.46722  -2.28144  -6.89417  1.000 66.75841  ? 20 DA B "O3'" 1 
ATOM 315 C "C2'" . DA B 2 9  ? -6.79736  -1.82919  -4.89434  1.000 64.64356  ? 20 DA B "C2'" 1 
ATOM 316 C "C1'" . DA B 2 9  ? -5.71559  -2.20933  -3.89699  1.000 63.10836  ? 20 DA B "C1'" 1 
ATOM 317 N N9    . DA B 2 9  ? -6.20217  -2.41198  -2.53178  1.000 61.31224  ? 20 DA B N9    1 
ATOM 318 C C8    . DA B 2 9  ? -7.02173  -1.58922  -1.81397  1.000 60.99380  ? 20 DA B C8    1 
ATOM 319 N N7    . DA B 2 9  ? -7.29864  -2.03593  -0.60856  1.000 60.40139  ? 20 DA B N7    1 
ATOM 320 C C5    . DA B 2 9  ? -6.62013  -3.24150  -0.53723  1.000 59.02118  ? 20 DA B C5    1 
ATOM 321 C C6    . DA B 2 9  ? -6.50340  -4.21192  0.48099   1.000 57.02051  ? 20 DA B C6    1 
ATOM 322 N N6    . DA B 2 9  ? -7.10239  -4.10660  1.67006   1.000 56.94296  ? 20 DA B N6    1 
ATOM 323 N N1    . DA B 2 9  ? -5.74427  -5.30017  0.22562   1.000 57.06513  ? 20 DA B N1    1 
ATOM 324 C C2    . DA B 2 9  ? -5.14520  -5.39721  -0.96370  1.000 57.17502  ? 20 DA B C2    1 
ATOM 325 N N3    . DA B 2 9  ? -5.18020  -4.55480  -1.99345  1.000 60.71187  ? 20 DA B N3    1 
ATOM 326 C C4    . DA B 2 9  ? -5.93614  -3.48511  -1.71121  1.000 60.64644  ? 20 DA B C4    1 
ATOM 327 P P     . DT B 2 10 ? -5.97909  -2.38880  -8.41809  1.000 73.62701  ? 21 DT B P     1 
ATOM 328 O OP1   . DT B 2 10 ? -5.01012  -1.63812  -9.24912  1.000 72.68813  ? 21 DT B OP1   1 
ATOM 329 O OP2   . DT B 2 10 ? -7.41184  -2.00971  -8.46746  1.000 75.15542  ? 21 DT B OP2   1 
ATOM 330 O "O5'" . DT B 2 10 ? -5.84434  -3.95224  -8.77337  1.000 74.83286  ? 21 DT B "O5'" 1 
ATOM 331 C "C5'" . DT B 2 10 ? -6.70553  -4.91575  -8.15735  1.000 76.03641  ? 21 DT B "C5'" 1 
ATOM 332 C "C4'" . DT B 2 10 ? -5.90067  -5.98479  -7.42365  1.000 75.20484  ? 21 DT B "C4'" 1 
ATOM 333 O "O4'" . DT B 2 10 ? -5.74431  -5.58745  -6.04391  1.000 73.62084  ? 21 DT B "O4'" 1 
ATOM 334 C "C3'" . DT B 2 10 ? -6.54635  -7.36768  -7.37891  1.000 76.98737  ? 21 DT B "C3'" 1 
ATOM 335 O "O3'" . DT B 2 10 ? -6.07045  -8.17786  -8.46041  1.000 77.92768  ? 21 DT B "O3'" 1 
ATOM 336 C "C2'" . DT B 2 10 ? -6.10000  -7.94315  -6.03219  1.000 75.78401  ? 21 DT B "C2'" 1 
ATOM 337 C "C1'" . DT B 2 10 ? -5.77049  -6.72061  -5.19234  1.000 73.82115  ? 21 DT B "C1'" 1 
ATOM 338 N N1    . DT B 2 10 ? -6.71403  -6.44997  -4.03998  1.000 73.89828  ? 21 DT B N1    1 
ATOM 339 C C2    . DT B 2 10 ? -6.76800  -7.32623  -2.96342  1.000 73.84432  ? 21 DT B C2    1 
ATOM 340 O O2    . DT B 2 10 ? -6.11426  -8.35380  -2.89698  1.000 73.79317  ? 21 DT B O2    1 
ATOM 341 N N3    . DT B 2 10 ? -7.63869  -6.94655  -1.96716  1.000 73.91702  ? 21 DT B N3    1 
ATOM 342 C C4    . DT B 2 10 ? -8.42310  -5.80545  -1.93559  1.000 73.99159  ? 21 DT B C4    1 
ATOM 343 O O4    . DT B 2 10 ? -9.17345  -5.54528  -1.00688  1.000 74.07893  ? 21 DT B O4    1 
ATOM 344 C C5    . DT B 2 10 ? -8.31186  -4.94224  -3.08061  1.000 74.02967  ? 21 DT B C5    1 
ATOM 345 C C7    . DT B 2 10 ? -9.12752  -3.68601  -3.14848  1.000 74.16794  ? 21 DT B C7    1 
ATOM 346 C C6    . DT B 2 10 ? -7.47022  -5.29524  -4.06030  1.000 73.98089  ? 21 DT B C6    1 
ATOM 347 P P     . DC B 2 11 ? -6.83260  -9.54395  -8.84102  1.000 75.85532  ? 22 DC B P     1 
ATOM 348 O OP1   . DC B 2 11 ? -6.09686  -10.20765 -9.93833  1.000 78.14509  ? 22 DC B OP1   1 
ATOM 349 O OP2   . DC B 2 11 ? -8.26091  -9.19616  -9.00023  1.000 75.54671  ? 22 DC B OP2   1 
ATOM 350 O "O5'" . DC B 2 11 ? -6.70211  -10.46753 -7.53629  1.000 73.30542  ? 22 DC B "O5'" 1 
ATOM 351 C "C5'" . DC B 2 11 ? -5.48366  -11.14792 -7.25144  1.000 72.05444  ? 22 DC B "C5'" 1 
ATOM 352 C "C4'" . DC B 2 11 ? -5.65961  -12.12692 -6.09603  1.000 70.35598  ? 22 DC B "C4'" 1 
ATOM 353 O "O4'" . DC B 2 11 ? -6.13735  -11.42586 -4.91416  1.000 69.38697  ? 22 DC B "O4'" 1 
ATOM 354 C "C3'" . DC B 2 11 ? -6.65900  -13.25550 -6.33773  1.000 68.98583  ? 22 DC B "C3'" 1 
ATOM 355 O "O3'" . DC B 2 11 ? -6.21351  -14.43866 -5.68070  1.000 68.92336  ? 22 DC B "O3'" 1 
ATOM 356 C "C2'" . DC B 2 11 ? -7.93104  -12.71358 -5.69612  1.000 69.63496  ? 22 DC B "C2'" 1 
ATOM 357 C "C1'" . DC B 2 11 ? -7.36391  -11.98939 -4.48663  1.000 68.22295  ? 22 DC B "C1'" 1 
ATOM 358 N N1    . DC B 2 11 ? -8.23184  -10.89143 -4.00219  1.000 67.16738  ? 22 DC B N1    1 
ATOM 359 C C2    . DC B 2 11 ? -8.79990  -10.95960 -2.72771  1.000 67.00061  ? 22 DC B C2    1 
ATOM 360 O O2    . DC B 2 11 ? -8.56670  -11.94016 -2.01536  1.000 67.02590  ? 22 DC B O2    1 
ATOM 361 N N3    . DC B 2 11 ? -9.59039  -9.94001  -2.31249  1.000 66.85714  ? 22 DC B N3    1 
ATOM 362 C C4    . DC B 2 11 ? -9.81538  -8.89807  -3.11510  1.000 66.87776  ? 22 DC B C4    1 
ATOM 363 N N4    . DC B 2 11 ? -10.60206 -7.91392  -2.66774  1.000 66.75866  ? 22 DC B N4    1 
ATOM 364 C C5    . DC B 2 11 ? -9.24609  -8.81735  -4.41527  1.000 68.99213  ? 22 DC B C5    1 
ATOM 365 C C6    . DC B 2 11 ? -8.47325  -9.82749  -4.81210  1.000 69.52913  ? 22 DC B C6    1 
ATOM 366 P P     . DG B 2 12 ? -6.94042  -15.85088 -5.93620  1.000 71.32634  ? 23 DG B P     1 
ATOM 367 O OP1   . DG B 2 12 ? -5.94954  -16.70233 -6.63376  1.000 71.38307  ? 23 DG B OP1   1 
ATOM 368 O OP2   . DG B 2 12 ? -8.27433  -15.63105 -6.54842  1.000 73.37654  ? 23 DG B OP2   1 
ATOM 369 O "O5'" . DG B 2 12 ? -7.18237  -16.42725 -4.45879  1.000 71.01405  ? 23 DG B "O5'" 1 
ATOM 370 C "C5'" . DG B 2 12 ? -7.38118  -15.52092 -3.36499  1.000 69.62499  ? 23 DG B "C5'" 1 
ATOM 371 C "C4'" . DG B 2 12 ? -8.40182  -16.06397 -2.37985  1.000 70.72308  ? 23 DG B "C4'" 1 
ATOM 372 O "O4'" . DG B 2 12 ? -9.30053  -14.99751 -1.96887  1.000 70.61462  ? 23 DG B "O4'" 1 
ATOM 373 C "C3'" . DG B 2 12 ? -9.32258  -17.13362 -2.93745  1.000 73.33306  ? 23 DG B "C3'" 1 
ATOM 374 O "O3'" . DG B 2 12 ? -9.88082  -17.86327 -1.86135  1.000 73.99180  ? 23 DG B "O3'" 1 
ATOM 375 C "C2'" . DG B 2 12 ? -10.38051 -16.27918 -3.61011  1.000 74.43367  ? 23 DG B "C2'" 1 
ATOM 376 C "C1'" . DG B 2 12 ? -10.58619 -15.23110 -2.52647  1.000 72.91186  ? 23 DG B "C1'" 1 
ATOM 377 N N9    . DG B 2 12 ? -11.11703 -13.96249 -3.00870  1.000 72.81045  ? 23 DG B N9    1 
ATOM 378 C C8    . DG B 2 12 ? -10.88774 -13.36856 -4.22490  1.000 72.90785  ? 23 DG B C8    1 
ATOM 379 N N7    . DG B 2 12 ? -11.49200 -12.21938 -4.36200  1.000 72.79908  ? 23 DG B N7    1 
ATOM 380 C C5    . DG B 2 12 ? -12.16042 -12.04235 -3.15678  1.000 72.59057  ? 23 DG B C5    1 
ATOM 381 C C6    . DG B 2 12 ? -12.98511 -10.98179 -2.71366  1.000 72.42164  ? 23 DG B C6    1 
ATOM 382 O O6    . DG B 2 12 ? -13.30111 -9.95122  -3.32029  1.000 72.42330  ? 23 DG B O6    1 
ATOM 383 N N1    . DG B 2 12 ? -13.46173 -11.20340 -1.42369  1.000 72.28918  ? 23 DG B N1    1 
ATOM 384 C C2    . DG B 2 12 ? -13.17639 -12.31334 -0.66276  1.000 72.34622  ? 23 DG B C2    1 
ATOM 385 N N2    . DG B 2 12 ? -13.71668 -12.36473 0.55977   1.000 72.26641  ? 23 DG B N2    1 
ATOM 386 N N3    . DG B 2 12 ? -12.40502 -13.30565 -1.06675  1.000 72.50061  ? 23 DG B N3    1 
ATOM 387 C C4    . DG B 2 12 ? -11.93550 -13.10612 -2.31600  1.000 72.60447  ? 23 DG B C4    1 
ATOM 388 P P     . DC B 2 13 ? -10.44932 -19.34752 -2.07944  1.000 76.37391  ? 24 DC B P     1 
ATOM 389 O OP1   . DC B 2 13 ? -9.28531  -20.26313 -2.10099  1.000 75.74936  ? 24 DC B OP1   1 
ATOM 390 O OP2   . DC B 2 13 ? -11.39341 -19.31867 -3.21983  1.000 78.48257  ? 24 DC B OP2   1 
ATOM 391 O "O5'" . DC B 2 13 ? -11.29880 -19.61204 -0.75087  1.000 76.84316  ? 24 DC B "O5'" 1 
ATOM 392 C "C5'" . DC B 2 13 ? -11.56190 -18.53089 0.14395   1.000 75.49873  ? 24 DC B "C5'" 1 
ATOM 393 C "C4'" . DC B 2 13 ? -13.05112 -18.24133 0.23026   1.000 77.16176  ? 24 DC B "C4'" 1 
ATOM 394 O "O4'" . DC B 2 13 ? -13.35834 -16.99966 -0.46052  1.000 76.82834  ? 24 DC B "O4'" 1 
ATOM 395 C "C3'" . DC B 2 13 ? -13.96653 -19.30546 -0.39162  1.000 79.93487  ? 24 DC B "C3'" 1 
ATOM 396 O "O3'" . DC B 2 13 ? -15.12519 -19.48612 0.42835   1.000 81.16357  ? 24 DC B "O3'" 1 
ATOM 397 C "C2'" . DC B 2 13 ? -14.34273 -18.66367 -1.72424  1.000 80.77494  ? 24 DC B "C2'" 1 
ATOM 398 C "C1'" . DC B 2 13 ? -14.47882 -17.21868 -1.27892  1.000 79.17573  ? 24 DC B "C1'" 1 
ATOM 399 N N1    . DC B 2 13 ? -14.48066 -16.21579 -2.38738  1.000 79.02516  ? 24 DC B N1    1 
ATOM 400 C C2    . DC B 2 13 ? -15.22284 -15.03858 -2.24468  1.000 78.80841  ? 24 DC B C2    1 
ATOM 401 O O2    . DC B 2 13 ? -15.85633 -14.85803 -1.20075  1.000 78.72536  ? 24 DC B O2    1 
ATOM 402 N N3    . DC B 2 13 ? -15.22205 -14.13195 -3.25560  1.000 78.73810  ? 24 DC B N3    1 
ATOM 403 C C4    . DC B 2 13 ? -14.52006 -14.37360 -4.36480  1.000 78.88871  ? 24 DC B C4    1 
ATOM 404 N N4    . DC B 2 13 ? -14.54462 -13.45549 -5.33851  1.000 78.88224  ? 24 DC B N4    1 
ATOM 405 C C5    . DC B 2 13 ? -13.76018 -15.56985 -4.52675  1.000 79.10172  ? 24 DC B C5    1 
ATOM 406 C C6    . DC B 2 13 ? -13.77259 -16.45528 -3.52452  1.000 79.16401  ? 24 DC B C6    1 
ATOM 407 P P     . DA B 2 14 ? -15.06669 -20.37617 1.76725   1.000 81.10981  ? 25 DA B P     1 
ATOM 408 O OP1   . DA B 2 14 ? -13.95983 -19.90650 2.62595   1.000 78.53596  ? 25 DA B OP1   1 
ATOM 409 O OP2   . DA B 2 14 ? -15.12870 -21.79764 1.36382   1.000 82.99203  ? 25 DA B OP2   1 
ATOM 410 O "O5'" . DA B 2 14 ? -16.43168 -20.02052 2.51597   1.000 82.15936  ? 25 DA B "O5'" 1 
ATOM 411 C "C5'" . DA B 2 14 ? -16.68614 -18.68842 2.95236   1.000 80.83761  ? 25 DA B "C5'" 1 
ATOM 412 C "C4'" . DA B 2 14 ? -18.15915 -18.36460 2.80800   1.000 82.67227  ? 25 DA B "C4'" 1 
ATOM 413 O "O4'" . DA B 2 14 ? -18.35105 -17.48583 1.66889   1.000 82.79930  ? 25 DA B "O4'" 1 
ATOM 414 C "C3'" . DA B 2 14 ? -19.04825 -19.57801 2.56295   1.000 85.39644  ? 25 DA B "C3'" 1 
ATOM 415 O "O3'" . DA B 2 14 ? -20.29466 -19.41311 3.21877   1.000 86.59666  ? 25 DA B "O3'" 1 
ATOM 416 C "C2'" . DA B 2 14 ? -19.20432 -19.59070 1.04429   1.000 86.68945  ? 25 DA B "C2'" 1 
ATOM 417 C "C1'" . DA B 2 14 ? -19.17696 -18.10499 0.70572   1.000 85.31290  ? 25 DA B "C1'" 1 
ATOM 418 N N9    . DA B 2 14 ? -18.62379 -17.82490 -0.61595  1.000 85.19337  ? 25 DA B N9    1 
ATOM 419 C C8    . DA B 2 14 ? -17.77645 -18.61885 -1.33624  1.000 85.33996  ? 25 DA B C8    1 
ATOM 420 N N7    . DA B 2 14 ? -17.43875 -18.11519 -2.49839  1.000 85.23678  ? 25 DA B N7    1 
ATOM 421 C C5    . DA B 2 14 ? -18.10715 -16.90576 -2.54394  1.000 85.00272  ? 25 DA B C5    1 
ATOM 422 C C6    . DA B 2 14 ? -18.16234 -15.89260 -3.51841  1.000 84.86055  ? 25 DA B C6    1 
ATOM 423 N N6    . DA B 2 14 ? -17.49940 -15.95126 -4.67836  1.000 84.93868  ? 25 DA B N6    1 
ATOM 424 N N1    . DA B 2 14 ? -18.92464 -14.81374 -3.25496  1.000 84.68067  ? 25 DA B N1    1 
ATOM 425 C C2    . DA B 2 14 ? -19.58441 -14.75657 -2.09034  1.000 84.63231  ? 25 DA B C2    1 
ATOM 426 N N3    . DA B 2 14 ? -19.61373 -15.64801 -1.09892  1.000 84.77959  ? 25 DA B N3    1 
ATOM 427 C C4    . DA B 2 14 ? -18.84482 -16.70911 -1.39168  1.000 84.96192  ? 25 DA B C4    1 
ATOM 428 P P     . DA C 3 1  ? 10.32550  8.16928   -13.08413 1.000 34.76972  ? 0  DA C P     1 
ATOM 429 O OP1   . DA C 3 1  ? 10.89656  7.46652   -14.25719 1.000 33.80137  ? 0  DA C OP1   1 
ATOM 430 O OP2   . DA C 3 1  ? 8.87166   8.10134   -12.80407 1.000 34.48533  ? 0  DA C OP2   1 
ATOM 431 O "O5'" . DA C 3 1  ? 11.11372  7.70575   -11.77027 1.000 37.25695  ? 0  DA C "O5'" 1 
ATOM 432 C "C5'" . DA C 3 1  ? 10.41452  7.10385   -10.68153 1.000 38.55933  ? 0  DA C "C5'" 1 
ATOM 433 C "C4'" . DA C 3 1  ? 11.35179  6.91760   -9.50404  1.000 40.59922  ? 0  DA C "C4'" 1 
ATOM 434 O "O4'" . DA C 3 1  ? 11.92961  8.19584   -9.14515  1.000 41.53539  ? 0  DA C "O4'" 1 
ATOM 435 C "C3'" . DA C 3 1  ? 10.71260  6.41095   -8.22660  1.000 41.75471  ? 0  DA C "C3'" 1 
ATOM 436 O "O3'" . DA C 3 1  ? 11.72044  5.79907   -7.41634  1.000 42.16307  ? 0  DA C "O3'" 1 
ATOM 437 C "C2'" . DA C 3 1  ? 10.18903  7.70758   -7.60880  1.000 42.90704  ? 0  DA C "C2'" 1 
ATOM 438 C "C1'" . DA C 3 1  ? 11.26652  8.72135   -8.00655  1.000 42.77632  ? 0  DA C "C1'" 1 
ATOM 439 N N9    . DA C 3 1  ? 10.75113  10.04572  -8.35760  1.000 42.79850  ? 0  DA C N9    1 
ATOM 440 C C8    . DA C 3 1  ? 9.71037   10.33073  -9.19295  1.000 41.56349  ? 0  DA C C8    1 
ATOM 441 N N7    . DA C 3 1  ? 9.48360   11.61660  -9.33439  1.000 41.42252  ? 0  DA C N7    1 
ATOM 442 C C5    . DA C 3 1  ? 10.45597  12.21821  -8.55697  1.000 42.57363  ? 0  DA C C5    1 
ATOM 443 C C6    . DA C 3 1  ? 10.75690  13.57240  -8.28094  1.000 44.46699  ? 0  DA C C6    1 
ATOM 444 N N6    . DA C 3 1  ? 10.07616  14.60246  -8.79986  1.000 44.51266  ? 0  DA C N6    1 
ATOM 445 N N1    . DA C 3 1  ? 11.78878  13.82548  -7.45197  1.000 45.91071  ? 0  DA C N1    1 
ATOM 446 C C2    . DA C 3 1  ? 12.46701  12.79352  -6.93447  1.000 45.08437  ? 0  DA C C2    1 
ATOM 447 N N3    . DA C 3 1  ? 12.27731  11.48611  -7.11729  1.000 43.99524  ? 0  DA C N3    1 
ATOM 448 C C4    . DA C 3 1  ? 11.24627  11.26411  -7.94392  1.000 43.32337  ? 0  DA C C4    1 
ATOM 449 P P     . DC C 3 2  ? 11.36472  5.07383   -6.02403  1.000 43.09489  ? 1  DC C P     1 
ATOM 450 O OP1   . DC C 3 2  ? 11.72304  3.64370   -6.17493  1.000 42.09071  ? 1  DC C OP1   1 
ATOM 451 O OP2   . DC C 3 2  ? 9.99158   5.43274   -5.59942  1.000 43.77290  ? 1  DC C OP2   1 
ATOM 452 O "O5'" . DC C 3 2  ? 12.38990  5.74446   -4.99311  1.000 43.99722  ? 1  DC C "O5'" 1 
ATOM 453 C "C5'" . DC C 3 2  ? 12.82425  7.08914   -5.19389  1.000 44.63780  ? 1  DC C "C5'" 1 
ATOM 454 C "C4'" . DC C 3 2  ? 12.44067  7.96105   -4.01231  1.000 46.21769  ? 1  DC C "C4'" 1 
ATOM 455 O "O4'" . DC C 3 2  ? 11.94339  9.24433   -4.48363  1.000 46.26084  ? 1  DC C "O4'" 1 
ATOM 456 C "C3'" . DC C 3 2  ? 11.33822  7.38772   -3.11491  1.000 46.44508  ? 1  DC C "C3'" 1 
ATOM 457 O "O3'" . DC C 3 2  ? 11.66358  7.62460   -1.73487  1.000 46.49111  ? 1  DC C "O3'" 1 
ATOM 458 C "C2'" . DC C 3 2  ? 10.10499  8.19018   -3.54866  1.000 47.46431  ? 1  DC C "C2'" 1 
ATOM 459 C "C1'" . DC C 3 2  ? 10.74629  9.53991   -3.80281  1.000 47.28951  ? 1  DC C "C1'" 1 
ATOM 460 N N1    . DC C 3 2  ? 9.93999   10.50548  -4.63038  1.000 47.16333  ? 1  DC C N1    1 
ATOM 461 C C2    . DC C 3 2  ? 10.15707  11.86846  -4.45252  1.000 48.86216  ? 1  DC C C2    1 
ATOM 462 O O2    . DC C 3 2  ? 10.99715  12.22120  -3.62130  1.000 49.91917  ? 1  DC C O2    1 
ATOM 463 N N3    . DC C 3 2  ? 9.45066   12.75504  -5.19276  1.000 49.24409  ? 1  DC C N3    1 
ATOM 464 C C4    . DC C 3 2  ? 8.55285   12.32023  -6.07726  1.000 48.05454  ? 1  DC C C4    1 
ATOM 465 N N4    . DC C 3 2  ? 7.87967   13.23396  -6.78921  1.000 48.54200  ? 1  DC C N4    1 
ATOM 466 C C5    . DC C 3 2  ? 8.31186   10.92680  -6.27642  1.000 46.05784  ? 1  DC C C5    1 
ATOM 467 C C6    . DC C 3 2  ? 9.01883   10.06117  -5.53420  1.000 46.22444  ? 1  DC C C6    1 
ATOM 468 P P     . DA C 3 3  ? 12.65907  6.63923   -0.93404  1.000 47.02636  ? 2  DA C P     1 
ATOM 469 O OP1   . DA C 3 3  ? 13.98889  6.68927   -1.57911  1.000 46.38497  ? 2  DA C OP1   1 
ATOM 470 O OP2   . DA C 3 3  ? 11.98196  5.33435   -0.76212  1.000 48.08038  ? 2  DA C OP2   1 
ATOM 471 O "O5'" . DA C 3 3  ? 12.79123  7.31980   0.51092   1.000 50.74179  ? 2  DA C "O5'" 1 
ATOM 472 C "C5'" . DA C 3 3  ? 13.43118  8.58812   0.65101   1.000 52.14830  ? 2  DA C "C5'" 1 
ATOM 473 C "C4'" . DA C 3 3  ? 12.63280  9.50617   1.56600   1.000 53.95602  ? 2  DA C "C4'" 1 
ATOM 474 O "O4'" . DA C 3 3  ? 11.90128  10.45807  0.76456   1.000 53.06513  ? 2  DA C "O4'" 1 
ATOM 475 C "C3'" . DA C 3 3  ? 11.60097  8.80489   2.43466   1.000 54.65549  ? 2  DA C "C3'" 1 
ATOM 476 O "O3'" . DA C 3 3  ? 12.20077  8.43523   3.71473   1.000 57.18017  ? 2  DA C "O3'" 1 
ATOM 477 C "C2'" . DA C 3 3  ? 10.46635  9.82732   2.56408   1.000 54.28149  ? 2  DA C "C2'" 1 
ATOM 478 C "C1'" . DA C 3 3  ? 10.61923  10.69629  1.31088   1.000 52.60063  ? 2  DA C "C1'" 1 
ATOM 479 N N9    . DA C 3 3  ? 9.63479   10.42341  0.27118   1.000 50.69238  ? 2  DA C N9    1 
ATOM 480 C C8    . DA C 3 3  ? 9.17053   9.20175   -0.12453  1.000 50.85332  ? 2  DA C C8    1 
ATOM 481 N N7    . DA C 3 3  ? 8.29702   9.25982   -1.09992  1.000 50.46780  ? 2  DA C N7    1 
ATOM 482 C C5    . DA C 3 3  ? 8.19080   10.61285  -1.37022  1.000 49.91731  ? 2  DA C C5    1 
ATOM 483 C C6    . DA C 3 3  ? 7.42519   11.33690  -2.30187  1.000 49.92384  ? 2  DA C C6    1 
ATOM 484 N N6    . DA C 3 3  ? 6.58860   10.76161  -3.17128  1.000 49.59408  ? 2  DA C N6    1 
ATOM 485 N N1    . DA C 3 3  ? 7.55189   12.68013  -2.30632  1.000 51.60908  ? 2  DA C N1    1 
ATOM 486 C C2    . DA C 3 3  ? 8.38997   13.25394  -1.43498  1.000 51.76857  ? 2  DA C C2    1 
ATOM 487 N N3    . DA C 3 3  ? 9.16024   12.67960  -0.51470  1.000 50.22088  ? 2  DA C N3    1 
ATOM 488 C C4    . DA C 3 3  ? 9.01132   11.34525  -0.53487  1.000 49.96069  ? 2  DA C C4    1 
ATOM 489 P P     . DC C 3 4  ? 11.93647  9.24850   5.08401   1.000 57.58992  ? 3  DC C P     1 
ATOM 490 O OP1   . DC C 3 4  ? 12.00846  10.70983  4.86447   1.000 57.49992  ? 3  DC C OP1   1 
ATOM 491 O OP2   . DC C 3 4  ? 12.87019  8.67026   6.07362   1.000 59.60622  ? 3  DC C OP2   1 
ATOM 492 O "O5'" . DC C 3 4  ? 10.46054  8.81311   5.52628   1.000 56.79765  ? 3  DC C "O5'" 1 
ATOM 493 C "C5'" . DC C 3 4  ? 10.02587  7.46942   5.32232   1.000 56.07499  ? 3  DC C "C5'" 1 
ATOM 494 C "C4'" . DC C 3 4  ? 9.70177   6.79016   6.63743   1.000 56.69909  ? 3  DC C "C4'" 1 
ATOM 495 O "O4'" . DC C 3 4  ? 9.64628   5.35412   6.43254   1.000 54.41033  ? 3  DC C "O4'" 1 
ATOM 496 C "C3'" . DC C 3 4  ? 10.74964  6.98180   7.70895   1.000 58.88977  ? 3  DC C "C3'" 1 
ATOM 497 O "O3'" . DC C 3 4  ? 10.18544  6.78404   8.99332   1.000 60.64551  ? 3  DC C "O3'" 1 
ATOM 498 C "C2'" . DC C 3 4  ? 11.75044  5.88694   7.36159   1.000 55.10659  ? 3  DC C "C2'" 1 
ATOM 499 C "C1'" . DC C 3 4  ? 10.82180  4.75013   6.94914   1.000 52.85207  ? 3  DC C "C1'" 1 
ATOM 500 N N1    . DC C 3 4  ? 11.39224  3.87611   5.89766   1.000 49.47008  ? 3  DC C N1    1 
ATOM 501 C C2    . DC C 3 4  ? 11.60053  2.52393   6.16422   1.000 45.76249  ? 3  DC C C2    1 
ATOM 502 O O2    . DC C 3 4  ? 11.29939  2.08038   7.27709   1.000 44.56657  ? 3  DC C O2    1 
ATOM 503 N N3    . DC C 3 4  ? 12.11603  1.73893   5.18800   1.000 44.65748  ? 3  DC C N3    1 
ATOM 504 C C4    . DC C 3 4  ? 12.42308  2.26509   4.00021   1.000 45.63803  ? 3  DC C C4    1 
ATOM 505 N N4    . DC C 3 4  ? 12.93273  1.45844   3.06748   1.000 43.85279  ? 3  DC C N4    1 
ATOM 506 C C5    . DC C 3 4  ? 12.22094  3.64331   3.71396   1.000 49.35678  ? 3  DC C C5    1 
ATOM 507 C C6    . DC C 3 4  ? 11.71167  4.40411   4.68259   1.000 50.66133  ? 3  DC C C6    1 
ATOM 508 P P     . DC C 3 5  ? 11.04983  7.13649   10.29703  1.000 61.11616  ? 4  DC C P     1 
ATOM 509 O OP1   . DC C 3 5  ? 10.13332  7.34555   11.43806  1.000 65.38264  ? 4  DC C OP1   1 
ATOM 510 O OP2   . DC C 3 5  ? 11.97905  8.22446   9.90811   1.000 63.47617  ? 4  DC C OP2   1 
ATOM 511 O "O5'" . DC C 3 5  ? 11.92530  5.82041   10.54721  1.000 53.41810  ? 4  DC C "O5'" 1 
ATOM 512 C "C5'" . DC C 3 5  ? 11.30809  4.54232   10.66702  1.000 51.41852  ? 4  DC C "C5'" 1 
ATOM 513 C "C4'" . DC C 3 5  ? 12.35190  3.51925   11.05746  1.000 45.63395  ? 4  DC C "C4'" 1 
ATOM 514 O "O4'" . DC C 3 5  ? 12.78971  2.79310   9.87749   1.000 44.96082  ? 4  DC C "O4'" 1 
ATOM 515 C "C3'" . DC C 3 5  ? 13.60941  4.13721   11.67464  1.000 41.28029  ? 4  DC C "C3'" 1 
ATOM 516 O "O3'" . DC C 3 5  ? 13.97310  3.45926   12.87378  1.000 37.41059  ? 4  DC C "O3'" 1 
ATOM 517 C "C2'" . DC C 3 5  ? 14.66871  3.98888   10.58229  1.000 40.89836  ? 4  DC C "C2'" 1 
ATOM 518 C "C1'" . DC C 3 5  ? 14.19756  2.74115   9.85868   1.000 41.87789  ? 4  DC C "C1'" 1 
ATOM 519 N N1    . DC C 3 5  ? 14.66244  2.66337   8.44441   1.000 41.32506  ? 4  DC C N1    1 
ATOM 520 C C2    . DC C 3 5  ? 15.01400  1.42420   7.90630   1.000 38.82933  ? 4  DC C C2    1 
ATOM 521 O O2    . DC C 3 5  ? 14.91547  0.41806   8.61683   1.000 37.62921  ? 4  DC C O2    1 
ATOM 522 N N3    . DC C 3 5  ? 15.44258  1.36257   6.62243   1.000 38.19179  ? 4  DC C N3    1 
ATOM 523 C C4    . DC C 3 5  ? 15.52719  2.47545   5.89391   1.000 39.84509  ? 4  DC C C4    1 
ATOM 524 N N4    . DC C 3 5  ? 15.95157  2.36767   4.63162   1.000 39.57827  ? 4  DC C N4    1 
ATOM 525 C C5    . DC C 3 5  ? 15.17775  3.75061   6.42752   1.000 43.29583  ? 4  DC C C5    1 
ATOM 526 C C6    . DC C 3 5  ? 14.75557  3.79776   7.69484   1.000 43.60125  ? 4  DC C C6    1 
ATOM 527 P P     . DG C 3 6  ? 14.84924  4.21953   13.98769  1.000 32.61643  ? 5  DG C P     1 
ATOM 528 O OP1   . DG C 3 6  ? 14.88085  3.36817   15.19873  1.000 31.35009  ? 5  DG C OP1   1 
ATOM 529 O OP2   . DG C 3 6  ? 14.34585  5.60768   14.08582  1.000 32.30793  ? 5  DG C OP2   1 
ATOM 530 O "O5'" . DG C 3 6  ? 16.31336  4.29305   13.34447  1.000 33.88463  ? 5  DG C "O5'" 1 
ATOM 531 C "C5'" . DG C 3 6  ? 17.42851  3.77750   14.05718  1.000 32.04355  ? 5  DG C "C5'" 1 
ATOM 532 C "C4'" . DG C 3 6  ? 17.63898  2.30899   13.73718  1.000 34.41853  ? 5  DG C "C4'" 1 
ATOM 533 O "O4'" . DG C 3 6  ? 16.91224  1.96076   12.52971  1.000 36.30531  ? 5  DG C "O4'" 1 
ATOM 534 C "C3'" . DG C 3 6  ? 19.07663  1.92446   13.45148  1.000 33.85063  ? 5  DG C "C3'" 1 
ATOM 535 O "O3'" . DG C 3 6  ? 19.74646  1.62356   14.66389  1.000 33.33059  ? 5  DG C "O3'" 1 
ATOM 536 C "C2'" . DG C 3 6  ? 18.90301  0.68573   12.58352  1.000 37.19142  ? 5  DG C "C2'" 1 
ATOM 537 C "C1'" . DG C 3 6  ? 17.67900  1.05248   11.75295  1.000 36.74391  ? 5  DG C "C1'" 1 
ATOM 538 N N9    . DG C 3 6  ? 17.99323  1.68328   10.47034  1.000 38.52366  ? 5  DG C N9    1 
ATOM 539 C C8    . DG C 3 6  ? 17.88346  3.01703   10.15740  1.000 39.15281  ? 5  DG C C8    1 
ATOM 540 N N7    . DG C 3 6  ? 18.21850  3.29299   8.92899   1.000 40.37206  ? 5  DG C N7    1 
ATOM 541 C C5    . DG C 3 6  ? 18.57518  2.06525   8.38916   1.000 40.34937  ? 5  DG C C5    1 
ATOM 542 C C6    . DG C 3 6  ? 19.02951  1.74464   7.09085   1.000 40.23939  ? 5  DG C C6    1 
ATOM 543 O O6    . DG C 3 6  ? 19.21008  2.51307   6.14003   1.000 41.60720  ? 5  DG C O6    1 
ATOM 544 N N1    . DG C 3 6  ? 19.28729  0.38569   6.95274   1.000 39.23329  ? 5  DG C N1    1 
ATOM 545 C C2    . DG C 3 6  ? 19.12096  -0.55321  7.94446   1.000 38.20366  ? 5  DG C C2    1 
ATOM 546 N N2    . DG C 3 6  ? 19.42009  -1.82037  7.62057   1.000 37.81943  ? 5  DG C N2    1 
ATOM 547 N N3    . DG C 3 6  ? 18.69366  -0.26544  9.17302   1.000 38.33713  ? 5  DG C N3    1 
ATOM 548 C C4    . DG C 3 6  ? 18.44286  1.06056   9.32168   1.000 39.02105  ? 5  DG C C4    1 
ATOM 549 O "O5'" . DT D 4 1  ? -23.89431 -16.26012 -14.74700 1.000 110.15909 ? -3 DT D "O5'" 1 
ATOM 550 C "C5'" . DT D 4 1  ? -24.21529 -15.07653 -15.46820 1.000 110.76567 ? -3 DT D "C5'" 1 
ATOM 551 C "C4'" . DT D 4 1  ? -24.23493 -13.87153 -14.54518 1.000 108.18541 ? -3 DT D "C4'" 1 
ATOM 552 O "O4'" . DT D 4 1  ? -24.48641 -14.30911 -13.18214 1.000 107.68137 ? -3 DT D "O4'" 1 
ATOM 553 C "C3'" . DT D 4 1  ? -22.93340 -13.08132 -14.48446 1.000 103.17431 ? -3 DT D "C3'" 1 
ATOM 554 O "O3'" . DT D 4 1  ? -23.22099 -11.72182 -14.19848 1.000 102.17190 ? -3 DT D "O3'" 1 
ATOM 555 C "C2'" . DT D 4 1  ? -22.21140 -13.74870 -13.32028 1.000 100.19454 ? -3 DT D "C2'" 1 
ATOM 556 C "C1'" . DT D 4 1  ? -23.37398 -13.99632 -12.36819 1.000 102.82332 ? -3 DT D "C1'" 1 
ATOM 557 N N1    . DT D 4 1  ? -23.15461 -15.12390 -11.41655 1.000 102.29399 ? -3 DT D N1    1 
ATOM 558 C C2    . DT D 4 1  ? -23.84957 -15.13760 -10.23353 1.000 103.05624 ? -3 DT D C2    1 
ATOM 559 O O2    . DT D 4 1  ? -24.64157 -14.26888 -9.91843  1.000 104.11150 ? -3 DT D O2    1 
ATOM 560 N N3    . DT D 4 1  ? -23.58617 -16.21085 -9.42605  1.000 102.61701 ? -3 DT D N3    1 
ATOM 561 C C4    . DT D 4 1  ? -22.71337 -17.25252 -9.68052  1.000 101.48524 ? -3 DT D C4    1 
ATOM 562 O O4    . DT D 4 1  ? -22.54470 -18.17514 -8.89026  1.000 101.24379 ? -3 DT D O4    1 
ATOM 563 C C5    . DT D 4 1  ? -22.01414 -17.17778 -10.94185 1.000 100.68695 ? -3 DT D C5    1 
ATOM 564 C C7    . DT D 4 1  ? -21.04018 -18.25103 -11.32950 1.000 99.47154  ? -3 DT D C7    1 
ATOM 565 C C6    . DT D 4 1  ? -22.26537 -16.12870 -11.73998 1.000 101.14266 ? -3 DT D C6    1 
ATOM 566 P P     . DC D 4 2  ? -22.38987 -10.54019 -14.90180 1.000 99.33150  ? -2 DC D P     1 
ATOM 567 O OP1   . DC D 4 2  ? -23.14876 -10.10335 -16.09665 1.000 102.84766 ? -2 DC D OP1   1 
ATOM 568 O OP2   . DC D 4 2  ? -20.99290 -11.00056 -15.06580 1.000 95.87027  ? -2 DC D OP2   1 
ATOM 569 O "O5'" . DC D 4 2  ? -22.42302 -9.36595  -13.81186 1.000 96.71946  ? -2 DC D "O5'" 1 
ATOM 570 C "C5'" . DC D 4 2  ? -21.90270 -9.60043  -12.49909 1.000 93.70277  ? -2 DC D "C5'" 1 
ATOM 571 C "C4'" . DC D 4 2  ? -23.00298 -9.57128  -11.44674 1.000 95.61496  ? -2 DC D "C4'" 1 
ATOM 572 O "O4'" . DC D 4 2  ? -23.14562 -10.89892 -10.86084 1.000 96.77180  ? -2 DC D "O4'" 1 
ATOM 573 C "C3'" . DC D 4 2  ? -22.72434 -8.65221  -10.25993 1.000 92.34595  ? -2 DC D "C3'" 1 
ATOM 574 O "O3'" . DC D 4 2  ? -23.96542 -8.24499  -9.65336  1.000 94.87834  ? -2 DC D "O3'" 1 
ATOM 575 C "C2'" . DC D 4 2  ? -21.94097 -9.58598  -9.34707  1.000 89.97003  ? -2 DC D "C2'" 1 
ATOM 576 C "C1'" . DC D 4 2  ? -22.78444 -10.84320 -9.49149  1.000 94.00478  ? -2 DC D "C1'" 1 
ATOM 577 N N1    . DC D 4 2  ? -22.09212 -12.11965 -9.10704  1.000 92.93852  ? -2 DC D N1    1 
ATOM 578 C C2    . DC D 4 2  ? -22.39153 -12.72231 -7.87675  1.000 93.16265  ? -2 DC D C2    1 
ATOM 579 O O2    . DC D 4 2  ? -23.20945 -12.18137 -7.12281  1.000 94.17591  ? -2 DC D O2    1 
ATOM 580 N N3    . DC D 4 2  ? -21.77163 -13.88075 -7.54346  1.000 92.31460  ? -2 DC D N3    1 
ATOM 581 C C4    . DC D 4 2  ? -20.89511 -14.43424 -8.38207  1.000 91.26085  ? -2 DC D C4    1 
ATOM 582 N N4    . DC D 4 2  ? -20.30783 -15.57625 -8.00925  1.000 90.48090  ? -2 DC D N4    1 
ATOM 583 C C5    . DC D 4 2  ? -20.58179 -13.84191 -9.64168  1.000 91.03974  ? -2 DC D C5    1 
ATOM 584 C C6    . DC D 4 2  ? -21.19860 -12.69760 -9.96168  1.000 91.92080  ? -2 DC D C6    1 
ATOM 585 P P     . DT D 4 3  ? -24.02123 -6.97167  -8.66746  1.000 92.51154  ? -1 DT D P     1 
ATOM 586 O OP1   . DT D 4 3  ? -25.04831 -6.04105  -9.18653  1.000 95.21525  ? -1 DT D OP1   1 
ATOM 587 O OP2   . DT D 4 3  ? -22.63716 -6.49558  -8.46082  1.000 87.69737  ? -1 DT D OP2   1 
ATOM 588 O "O5'" . DT D 4 3  ? -24.57978 -7.56103  -7.28471  1.000 93.24329  ? -1 DT D "O5'" 1 
ATOM 589 C "C5'" . DT D 4 3  ? -24.14925 -8.83614  -6.82436  1.000 92.86208  ? -1 DT D "C5'" 1 
ATOM 590 C "C4'" . DT D 4 3  ? -23.39658 -8.72307  -5.51239  1.000 89.12804  ? -1 DT D "C4'" 1 
ATOM 591 O "O4'" . DT D 4 3  ? -22.62437 -9.93801  -5.29162  1.000 88.00547  ? -1 DT D "O4'" 1 
ATOM 592 C "C3'" . DT D 4 3  ? -22.38126 -7.58037  -5.43885  1.000 84.84397  ? -1 DT D "C3'" 1 
ATOM 593 O "O3'" . DT D 4 3  ? -22.31190 -7.10774  -4.10980  1.000 82.81838  ? -1 DT D "O3'" 1 
ATOM 594 C "C2'" . DT D 4 3  ? -21.08851 -8.28563  -5.82176  1.000 82.30216  ? -1 DT D "C2'" 1 
ATOM 595 C "C1'" . DT D 4 3  ? -21.28157 -9.57822  -5.05527  1.000 83.49779  ? -1 DT D "C1'" 1 
ATOM 596 N N1    . DT D 4 3  ? -20.38574 -10.69410 -5.47621  1.000 82.59711  ? -1 DT D N1    1 
ATOM 597 C C2    . DT D 4 3  ? -20.21212 -11.75739 -4.62547  1.000 82.48601  ? -1 DT D C2    1 
ATOM 598 O O2    . DT D 4 3  ? -20.76357 -11.84146 -3.54344  1.000 83.16087  ? -1 DT D O2    1 
ATOM 599 N N3    . DT D 4 3  ? -19.37194 -12.73005 -5.08533  1.000 81.64551  ? -1 DT D N3    1 
ATOM 600 C C4    . DT D 4 3  ? -18.69388 -12.74478 -6.28959  1.000 80.91239  ? -1 DT D C4    1 
ATOM 601 O O4    . DT D 4 3  ? -17.95877 -13.67012 -6.61259  1.000 80.21394  ? -1 DT D O4    1 
ATOM 602 C C5    . DT D 4 3  ? -18.91275 -11.59481 -7.13739  1.000 81.10114  ? -1 DT D C5    1 
ATOM 603 C C7    . DT D 4 3  ? -18.22856 -11.49651 -8.46935  1.000 80.48012  ? -1 DT D C7    1 
ATOM 604 C C6    . DT D 4 3  ? -19.73720 -10.63330 -6.69285  1.000 81.91105  ? -1 DT D C6    1 
ATOM 605 P P     . DG D 4 4  ? -22.47413 -5.54495  -3.77847  1.000 81.28303  ? 0  DG D P     1 
ATOM 606 O OP1   . DG D 4 4  ? -23.83663 -5.12144  -4.17024  1.000 85.12285  ? 0  DG D OP1   1 
ATOM 607 O OP2   . DG D 4 4  ? -21.29249 -4.84122  -4.32337  1.000 77.75647  ? 0  DG D OP2   1 
ATOM 608 O "O5'" . DG D 4 4  ? -22.37753 -5.50237  -2.18668  1.000 79.48228  ? 0  DG D "O5'" 1 
ATOM 609 C "C5'" . DG D 4 4  ? -22.87312 -6.59742  -1.42850  1.000 81.40800  ? 0  DG D "C5'" 1 
ATOM 610 C "C4'" . DG D 4 4  ? -21.77275 -7.21232  -0.58924  1.000 78.27771  ? 0  DG D "C4'" 1 
ATOM 611 O "O4'" . DG D 4 4  ? -20.99188 -8.14730  -1.38836  1.000 77.79095  ? 0  DG D "O4'" 1 
ATOM 612 C "C3'" . DG D 4 4  ? -20.76542 -6.20908  -0.01859  1.000 73.94285  ? 0  DG D "C3'" 1 
ATOM 613 O "O3'" . DG D 4 4  ? -20.42073 -6.58097  1.30419   1.000 72.40389  ? 0  DG D "O3'" 1 
ATOM 614 C "C2'" . DG D 4 4  ? -19.57507 -6.37917  -0.95305  1.000 71.64959  ? 0  DG D "C2'" 1 
ATOM 615 C "C1'" . DG D 4 4  ? -19.63167 -7.87836  -1.15199  1.000 73.56676  ? 0  DG D "C1'" 1 
ATOM 616 N N9    . DG D 4 4  ? -18.82219 -8.37853  -2.26148  1.000 72.83580  ? 0  DG D N9    1 
ATOM 617 C C8    . DG D 4 4  ? -18.57391 -7.76149  -3.46526  1.000 72.56207  ? 0  DG D C8    1 
ATOM 618 N N7    . DG D 4 4  ? -17.80182 -8.46124  -4.25573  1.000 71.94231  ? 0  DG D N7    1 
ATOM 619 C C5    . DG D 4 4  ? -17.51959 -9.61062  -3.52398  1.000 71.74573  ? 0  DG D C5    1 
ATOM 620 C C6    . DG D 4 4  ? -16.73101 -10.74116 -3.85562  1.000 71.14571  ? 0  DG D C6    1 
ATOM 621 O O6    . DG D 4 4  ? -16.10203 -10.96109 -4.89855  1.000 70.64646  ? 0  DG D O6    1 
ATOM 622 N N1    . DG D 4 4  ? -16.71228 -11.67874 -2.82317  1.000 71.23184  ? 0  DG D N1    1 
ATOM 623 C C2    . DG D 4 4  ? -17.37168 -11.54048 -1.62538  1.000 71.86963  ? 0  DG D C2    1 
ATOM 624 N N2    . DG D 4 4  ? -17.24249 -12.54274 -0.74477  1.000 71.97218  ? 0  DG D N2    1 
ATOM 625 N N3    . DG D 4 4  ? -18.10958 -10.48999 -1.30582  1.000 72.43323  ? 0  DG D N3    1 
ATOM 626 C C4    . DG D 4 4  ? -18.13918 -9.56941  -2.29679  1.000 72.31025  ? 0  DG D C4    1 
ATOM 627 P P     . DC D 4 5  ? -21.55493 -6.77035  2.42695   1.000 74.90551  ? 1  DC D P     1 
ATOM 628 O OP1   . DC D 4 5  ? -22.00655 -8.18129  2.38680   1.000 77.77715  ? 1  DC D OP1   1 
ATOM 629 O OP2   . DC D 4 5  ? -22.53812 -5.67179  2.28506   1.000 76.50199  ? 1  DC D OP2   1 
ATOM 630 O "O5'" . DC D 4 5  ? -20.75817 -6.55694  3.79420   1.000 71.59112  ? 1  DC D "O5'" 1 
ATOM 631 C "C5'" . DC D 4 5  ? -19.33935 -6.57700  3.79399   1.000 67.83429  ? 1  DC D "C5'" 1 
ATOM 632 C "C4'" . DC D 4 5  ? -18.81611 -7.95851  4.14287   1.000 67.76271  ? 1  DC D "C4'" 1 
ATOM 633 O "O4'" . DC D 4 5  ? -18.39656 -8.63613  2.92999   1.000 68.15071  ? 1  DC D "O4'" 1 
ATOM 634 C "C3'" . DC D 4 5  ? -17.58944 -7.97209  5.04338   1.000 64.08609  ? 1  DC D "C3'" 1 
ATOM 635 O "O3'" . DC D 4 5  ? -17.53863 -9.19994  5.75994   1.000 64.93480  ? 1  DC D "O3'" 1 
ATOM 636 C "C2'" . DC D 4 5  ? -16.46058 -7.88092  4.02812   1.000 61.68873  ? 1  DC D "C2'" 1 
ATOM 637 C "C1'" . DC D 4 5  ? -16.99093 -8.81137  2.94712   1.000 64.68157  ? 1  DC D "C1'" 1 
ATOM 638 N N1    . DC D 4 5  ? -16.45838 -8.52697  1.58436   1.000 63.88843  ? 1  DC D N1    1 
ATOM 639 C C2    . DC D 4 5  ? -15.66978 -9.48545  0.94693   1.000 63.33134  ? 1  DC D C2    1 
ATOM 640 O O2    . DC D 4 5  ? -15.43639 -10.54494 1.53589   1.000 63.48486  ? 1  DC D O2    1 
ATOM 641 N N3    . DC D 4 5  ? -15.19001 -9.22530  -0.29556  1.000 62.71707  ? 1  DC D N3    1 
ATOM 642 C C4    . DC D 4 5  ? -15.47405 -8.06470  -0.88863  1.000 62.67241  ? 1  DC D C4    1 
ATOM 643 N N4    . DC D 4 5  ? -14.98213 -7.84729  -2.11353  1.000 63.38957  ? 1  DC D N4    1 
ATOM 644 C C5    . DC D 4 5  ? -16.27560 -7.07273  -0.25073  1.000 63.20251  ? 1  DC D C5    1 
ATOM 645 C C6    . DC D 4 5  ? -16.74416 -7.34363  0.97264   1.000 63.78906  ? 1  DC D C6    1 
ATOM 646 P P     . DG D 4 6  ? -16.52867 -9.37094  6.99549   1.000 61.96602  ? 2  DG D P     1 
ATOM 647 O OP1   . DG D 4 6  ? -17.24449 -10.06978 8.08740   1.000 64.09813  ? 2  DG D OP1   1 
ATOM 648 O OP2   . DG D 4 6  ? -15.91719 -8.04689  7.23543   1.000 58.88526  ? 2  DG D OP2   1 
ATOM 649 O "O5'" . DG D 4 6  ? -15.37466 -10.31578 6.42274   1.000 60.38652  ? 2  DG D "O5'" 1 
ATOM 650 C "C5'" . DG D 4 6  ? -15.43736 -11.72456 6.60690   1.000 62.03670  ? 2  DG D "C5'" 1 
ATOM 651 C "C4'" . DG D 4 6  ? -14.08637 -12.35154 6.31761   1.000 59.92786  ? 2  DG D "C4'" 1 
ATOM 652 O "O4'" . DG D 4 6  ? -13.70414 -12.03965 4.95312   1.000 61.39150  ? 2  DG D "O4'" 1 
ATOM 653 C "C3'" . DG D 4 6  ? -12.94437 -11.85243 7.20652   1.000 60.32796  ? 2  DG D "C3'" 1 
ATOM 654 O "O3'" . DG D 4 6  ? -12.10960 -12.94241 7.61744   1.000 61.51211  ? 2  DG D "O3'" 1 
ATOM 655 C "C2'" . DG D 4 6  ? -12.19475 -10.86388 6.31037   1.000 60.12179  ? 2  DG D "C2'" 1 
ATOM 656 C "C1'" . DG D 4 6  ? -12.42617 -11.44337 4.92383   1.000 59.43990  ? 2  DG D "C1'" 1 
ATOM 657 N N9    . DG D 4 6  ? -12.41757 -10.43377 3.86763   1.000 58.40112  ? 2  DG D N9    1 
ATOM 658 C C8    . DG D 4 6  ? -13.02480 -9.20298  3.90063   1.000 58.24450  ? 2  DG D C8    1 
ATOM 659 N N7    . DG D 4 6  ? -12.85096 -8.50800  2.81299   1.000 58.27058  ? 2  DG D N7    1 
ATOM 660 C C5    . DG D 4 6  ? -12.08080 -9.33053  2.00330   1.000 57.99820  ? 2  DG D C5    1 
ATOM 661 C C6    . DG D 4 6  ? -11.58137 -9.11521  0.69956   1.000 58.77659  ? 2  DG D C6    1 
ATOM 662 O O6    . DG D 4 6  ? -11.72360 -8.11544  -0.01925  1.000 59.37908  ? 2  DG D O6    1 
ATOM 663 N N1    . DG D 4 6  ? -10.84335 -10.20556 0.24309   1.000 58.67514  ? 2  DG D N1    1 
ATOM 664 C C2    . DG D 4 6  ? -10.61903 -11.36061 0.95420   1.000 58.14199  ? 2  DG D C2    1 
ATOM 665 N N2    . DG D 4 6  ? -9.88618  -12.30705 0.34782   1.000 58.43605  ? 2  DG D N2    1 
ATOM 666 N N3    . DG D 4 6  ? -11.08473 -11.57581 2.17764   1.000 57.68466  ? 2  DG D N3    1 
ATOM 667 C C4    . DG D 4 6  ? -11.80376 -10.52227 2.63746   1.000 57.87338  ? 2  DG D C4    1 
ATOM 668 P P     . DA D 4 7  ? -10.89822 -12.70307 8.65270   1.000 62.64132  ? 3  DA D P     1 
ATOM 669 O OP1   . DA D 4 7  ? -10.44946 -14.03697 9.12871   1.000 62.81845  ? 3  DA D OP1   1 
ATOM 670 O OP2   . DA D 4 7  ? -11.29996 -11.65835 9.62819   1.000 62.85627  ? 3  DA D OP2   1 
ATOM 671 O "O5'" . DA D 4 7  ? -9.73444  -12.07515 7.75025   1.000 60.87333  ? 3  DA D "O5'" 1 
ATOM 672 C "C5'" . DA D 4 7  ? -8.47506  -12.73023 7.65424   1.000 59.84997  ? 3  DA D "C5'" 1 
ATOM 673 C "C4'" . DA D 4 7  ? -8.28126  -13.33594 6.27314   1.000 57.20877  ? 3  DA D "C4'" 1 
ATOM 674 O "O4'" . DA D 4 7  ? -8.94089  -12.51665 5.26602   1.000 56.80969  ? 3  DA D "O4'" 1 
ATOM 675 C "C3'" . DA D 4 7  ? -6.83283  -13.44084 5.81113   1.000 54.03357  ? 3  DA D "C3'" 1 
ATOM 676 O "O3'" . DA D 4 7  ? -6.71387  -14.55065 4.93252   1.000 52.23109  ? 3  DA D "O3'" 1 
ATOM 677 C "C2'" . DA D 4 7  ? -6.65218  -12.12143 5.06655   1.000 51.50900  ? 3  DA D "C2'" 1 
ATOM 678 C "C1'" . DA D 4 7  ? -7.98001  -12.05482 4.33311   1.000 53.25456  ? 3  DA D "C1'" 1 
ATOM 679 N N9    . DA D 4 7  ? -8.37657  -10.72351 3.87048   1.000 52.32368  ? 3  DA D N9    1 
ATOM 680 C C8    . DA D 4 7  ? -9.07908  -9.78611  4.57537   1.000 53.41008  ? 3  DA D C8    1 
ATOM 681 N N7    . DA D 4 7  ? -9.32309  -8.68955  3.90043   1.000 52.63511  ? 3  DA D N7    1 
ATOM 682 C C5    . DA D 4 7  ? -8.75799  -8.92701  2.66123   1.000 51.86819  ? 3  DA D C5    1 
ATOM 683 C C6    . DA D 4 7  ? -8.68015  -8.14280  1.49760   1.000 53.41989  ? 3  DA D C6    1 
ATOM 684 N N6    . DA D 4 7  ? -9.20361  -6.92173  1.41273   1.000 54.49708  ? 3  DA D N6    1 
ATOM 685 N N1    . DA D 4 7  ? -8.04916  -8.66380  0.42666   1.000 54.71048  ? 3  DA D N1    1 
ATOM 686 C C2    . DA D 4 7  ? -7.52789  -9.89529  0.52191   1.000 53.09243  ? 3  DA D C2    1 
ATOM 687 N N3    . DA D 4 7  ? -7.53592  -10.72981 1.56963   1.000 50.23637  ? 3  DA D N3    1 
ATOM 688 C C4    . DA D 4 7  ? -8.17331  -10.17695 2.61791   1.000 51.02110  ? 3  DA D C4    1 
ATOM 689 P P     . DT D 4 8  ? -5.28414  -15.24556 4.68218   1.000 52.60324  ? 4  DT D P     1 
ATOM 690 O OP1   . DT D 4 8  ? -5.52253  -16.51060 3.94947   1.000 52.29958  ? 4  DT D OP1   1 
ATOM 691 O OP2   . DT D 4 8  ? -4.53842  -15.24563 5.96171   1.000 54.30377  ? 4  DT D OP2   1 
ATOM 692 O "O5'" . DT D 4 8  ? -4.54051  -14.23655 3.69707   1.000 50.00411  ? 4  DT D "O5'" 1 
ATOM 693 C "C5'" . DT D 4 8  ? -5.03038  -14.02216 2.38533   1.000 46.85167  ? 4  DT D "C5'" 1 
ATOM 694 C "C4'" . DT D 4 8  ? -4.05416  -13.17543 1.60105   1.000 44.36160  ? 4  DT D "C4'" 1 
ATOM 695 O "O4'" . DT D 4 8  ? -4.61617  -11.84677 1.39325   1.000 44.94298  ? 4  DT D "O4'" 1 
ATOM 696 C "C3'" . DT D 4 8  ? -2.71169  -12.95177 2.30259   1.000 43.67875  ? 4  DT D "C3'" 1 
ATOM 697 O "O3'" . DT D 4 8  ? -1.67298  -12.82503 1.33544   1.000 42.90452  ? 4  DT D "O3'" 1 
ATOM 698 C "C2'" . DT D 4 8  ? -2.95673  -11.62159 3.00553   1.000 41.01435  ? 4  DT D "C2'" 1 
ATOM 699 C "C1'" . DT D 4 8  ? -3.71439  -10.89223 1.90669   1.000 43.59703  ? 4  DT D "C1'" 1 
ATOM 700 N N1    . DT D 4 8  ? -4.46770  -9.65738  2.35587   1.000 42.08171  ? 4  DT D N1    1 
ATOM 701 C C2    . DT D 4 8  ? -4.65704  -8.62439  1.45863   1.000 46.58642  ? 4  DT D C2    1 
ATOM 702 O O2    . DT D 4 8  ? -4.25567  -8.65568  0.30849   1.000 46.96444  ? 4  DT D O2    1 
ATOM 703 N N3    . DT D 4 8  ? -5.34557  -7.54807  1.95850   1.000 47.86792  ? 4  DT D N3    1 
ATOM 704 C C4    . DT D 4 8  ? -5.84840  -7.39570  3.23490   1.000 40.96908  ? 4  DT D C4    1 
ATOM 705 O O4    . DT D 4 8  ? -6.45226  -6.38459  3.58690   1.000 40.91370  ? 4  DT D O4    1 
ATOM 706 C C5    . DT D 4 8  ? -5.61409  -8.50809  4.12751   1.000 41.29504  ? 4  DT D C5    1 
ATOM 707 C C7    . DT D 4 8  ? -6.11342  -8.45499  5.54052   1.000 42.56708  ? 4  DT D C7    1 
ATOM 708 C C6    . DT D 4 8  ? -4.94056  -9.57207  3.65208   1.000 38.51890  ? 4  DT D C6    1 
ATOM 709 P P     . DG D 4 9  ? -0.99706  -14.11399 0.64785   1.000 43.26110  ? 5  DG D P     1 
ATOM 710 O OP1   . DG D 4 9  ? -1.95802  -15.24280 0.63626   1.000 43.11277  ? 5  DG D OP1   1 
ATOM 711 O OP2   . DG D 4 9  ? 0.33107   -14.28508 1.27627   1.000 44.94096  ? 5  DG D OP2   1 
ATOM 712 O "O5'" . DG D 4 9  ? -0.72220  -13.62611 -0.85380  1.000 44.02682  ? 5  DG D "O5'" 1 
ATOM 713 C "C5'" . DG D 4 9  ? -1.50816  -12.56666 -1.41736  1.000 43.52949  ? 5  DG D "C5'" 1 
ATOM 714 C "C4'" . DG D 4 9  ? -0.62988  -11.41680 -1.90201  1.000 44.75326  ? 5  DG D "C4'" 1 
ATOM 715 O "O4'" . DG D 4 9  ? -1.10903  -10.15819 -1.34346  1.000 43.97845  ? 5  DG D "O4'" 1 
ATOM 716 C "C3'" . DG D 4 9  ? 0.84405   -11.50236 -1.50697  1.000 45.31876  ? 5  DG D "C3'" 1 
ATOM 717 O "O3'" . DG D 4 9  ? 1.63938   -10.87053 -2.49338  1.000 46.78084  ? 5  DG D "O3'" 1 
ATOM 718 C "C2'" . DG D 4 9  ? 0.86487   -10.69269 -0.22048  1.000 44.25964  ? 5  DG D "C2'" 1 
ATOM 719 C "C1'" . DG D 4 9  ? -0.06880  -9.54952  -0.60224  1.000 43.48795  ? 5  DG D "C1'" 1 
ATOM 720 N N9    . DG D 4 9  ? -0.65498  -8.85887  0.54661   1.000 42.26611  ? 5  DG D N9    1 
ATOM 721 C C8    . DG D 4 9  ? -0.75914  -9.34656  1.82457   1.000 41.74113  ? 5  DG D C8    1 
ATOM 722 N N7    . DG D 4 9  ? -1.33588  -8.52449  2.65484   1.000 41.11676  ? 5  DG D N7    1 
ATOM 723 C C5    . DG D 4 9  ? -1.63174  -7.40892  1.88522   1.000 42.24209  ? 5  DG D C5    1 
ATOM 724 C C6    . DG D 4 9  ? -2.26007  -6.19434  2.25341   1.000 42.80230  ? 5  DG D C6    1 
ATOM 725 O O6    . DG D 4 9  ? -2.68869  -5.86155  3.36754   1.000 42.11883  ? 5  DG D O6    1 
ATOM 726 N N1    . DG D 4 9  ? -2.37067  -5.32186  1.17580   1.000 44.48396  ? 5  DG D N1    1 
ATOM 727 C C2    . DG D 4 9  ? -1.93055  -5.58823  -0.10164  1.000 44.56015  ? 5  DG D C2    1 
ATOM 728 N N2    . DG D 4 9  ? -2.12450  -4.61998  -1.01195  1.000 46.33831  ? 5  DG D N2    1 
ATOM 729 N N3    . DG D 4 9  ? -1.33712  -6.72769  -0.46363  1.000 43.65674  ? 5  DG D N3    1 
ATOM 730 C C4    . DG D 4 9  ? -1.22256  -7.59128  0.58031   1.000 42.69039  ? 5  DG D C4    1 
ATOM 731 P P     . DC D 4 10 ? 2.11121   -11.65003 -3.81833  1.000 49.28330  ? 6  DC D P     1 
ATOM 732 O OP1   . DC D 4 10 ? 0.92649   -11.88314 -4.67799  1.000 49.43936  ? 6  DC D OP1   1 
ATOM 733 O OP2   . DC D 4 10 ? 2.96053   -12.79341 -3.40250  1.000 50.71899  ? 6  DC D OP2   1 
ATOM 734 O "O5'" . DC D 4 10 ? 3.03151   -10.56704 -4.54651  1.000 50.29096  ? 6  DC D "O5'" 1 
ATOM 735 C "C5'" . DC D 4 10 ? 3.43631   -9.41902  -3.82781  1.000 49.63468  ? 6  DC D "C5'" 1 
ATOM 736 C "C4'" . DC D 4 10 ? 2.93541   -8.14546  -4.48479  1.000 49.34663  ? 6  DC D "C4'" 1 
ATOM 737 O "O4'" . DC D 4 10 ? 2.00374   -7.47234  -3.59904  1.000 48.98679  ? 6  DC D "O4'" 1 
ATOM 738 C "C3'" . DC D 4 10 ? 4.01425   -7.11805  -4.73224  1.000 47.55737  ? 6  DC D "C3'" 1 
ATOM 739 O "O3'" . DC D 4 10 ? 3.58597   -6.19600  -5.74025  1.000 48.13749  ? 6  DC D "O3'" 1 
ATOM 740 C "C2'" . DC D 4 10 ? 4.12257   -6.45842  -3.35546  1.000 48.16871  ? 6  DC D "C2'" 1 
ATOM 741 C "C1'" . DC D 4 10 ? 2.65207   -6.38330  -2.95225  1.000 47.00696  ? 6  DC D "C1'" 1 
ATOM 742 N N1    . DC D 4 10 ? 2.39113   -6.50040  -1.47703  1.000 44.13498  ? 6  DC D N1    1 
ATOM 743 C C2    . DC D 4 10 ? 1.70543   -5.47334  -0.80522  1.000 44.15613  ? 6  DC D C2    1 
ATOM 744 O O2    . DC D 4 10 ? 1.34675   -4.46984  -1.44040  1.000 45.74945  ? 6  DC D O2    1 
ATOM 745 N N3    . DC D 4 10 ? 1.45907   -5.61115  0.52449   1.000 43.32559  ? 6  DC D N3    1 
ATOM 746 C C4    . DC D 4 10 ? 1.86572   -6.70945  1.16720   1.000 43.21699  ? 6  DC D C4    1 
ATOM 747 N N4    . DC D 4 10 ? 1.60667   -6.80772  2.47212   1.000 42.33011  ? 6  DC D N4    1 
ATOM 748 C C5    . DC D 4 10 ? 2.56044   -7.75773  0.50068   1.000 44.79753  ? 6  DC D C5    1 
ATOM 749 C C6    . DC D 4 10 ? 2.79465   -7.61710  -0.80700  1.000 45.44755  ? 6  DC D C6    1 
ATOM 750 P P     . DT D 4 11 ? 4.61300   -5.09361  -6.30034  1.000 45.19179  ? 7  DT D P     1 
ATOM 751 O OP1   . DT D 4 11 ? 4.05252   -4.49283  -7.53348  1.000 44.37345  ? 7  DT D OP1   1 
ATOM 752 O OP2   . DT D 4 11 ? 5.95177   -5.72980  -6.32651  1.000 44.90428  ? 7  DT D OP2   1 
ATOM 753 O "O5'" . DT D 4 11 ? 4.60658   -3.97299  -5.16357  1.000 46.03824  ? 7  DT D "O5'" 1 
ATOM 754 C "C5'" . DT D 4 11 ? 3.40604   -3.29397  -4.85144  1.000 47.10913  ? 7  DT D "C5'" 1 
ATOM 755 C "C4'" . DT D 4 11 ? 3.70157   -1.86467  -4.44930  1.000 46.32726  ? 7  DT D "C4'" 1 
ATOM 756 O "O4'" . DT D 4 11 ? 3.40295   -1.68139  -3.04218  1.000 48.19382  ? 7  DT D "O4'" 1 
ATOM 757 C "C3'" . DT D 4 11 ? 5.14928   -1.43092  -4.65381  1.000 49.56624  ? 7  DT D "C3'" 1 
ATOM 758 O "O3'" . DT D 4 11 ? 5.19898   -0.09509  -5.22871  1.000 59.38674  ? 7  DT D "O3'" 1 
ATOM 759 C "C2'" . DT D 4 11 ? 5.77579   -1.53030  -3.25452  1.000 48.01702  ? 7  DT D "C2'" 1 
ATOM 760 C "C1'" . DT D 4 11 ? 4.58350   -1.44048  -2.30153  1.000 43.72907  ? 7  DT D "C1'" 1 
ATOM 761 N N1    . DT D 4 11 ? 4.64587   -2.41334  -1.14794  1.000 46.45464  ? 7  DT D N1    1 
ATOM 762 C C2    . DT D 4 11 ? 4.03532   -2.07696  0.03205   1.000 44.23925  ? 7  DT D C2    1 
ATOM 763 O O2    . DT D 4 11 ? 3.44077   -1.02822  0.19750   1.000 42.85301  ? 7  DT D O2    1 
ATOM 764 N N3    . DT D 4 11 ? 4.14322   -3.01540  1.02262   1.000 42.69494  ? 7  DT D N3    1 
ATOM 765 C C4    . DT D 4 11 ? 4.78693   -4.23373  0.95875   1.000 43.30090  ? 7  DT D C4    1 
ATOM 766 O O4    . DT D 4 11 ? 4.82401   -5.00804  1.91202   1.000 41.51545  ? 7  DT D O4    1 
ATOM 767 C C5    . DT D 4 11 ? 5.41043   -4.53313  -0.30481  1.000 43.77504  ? 7  DT D C5    1 
ATOM 768 C C7    . DT D 4 11 ? 6.14083   -5.83049  -0.49025  1.000 42.85124  ? 7  DT D C7    1 
ATOM 769 C C6    . DT D 4 11 ? 5.31307   -3.61873  -1.29060  1.000 43.92245  ? 7  DT D C6    1 
ATOM 770 P P     . DG D 4 12 ? 6.30423   0.99606   -4.79341  1.000 48.58268  ? 8  DG D P     1 
ATOM 771 O OP1   . DG D 4 12 ? 6.22461   2.07832   -5.79967  1.000 50.14461  ? 8  DG D OP1   1 
ATOM 772 O OP2   . DG D 4 12 ? 7.63657   0.39077   -4.53855  1.000 48.32313  ? 8  DG D OP2   1 
ATOM 773 O "O5'" . DG D 4 12 ? 5.70955   1.59349   -3.43917  1.000 49.48434  ? 8  DG D "O5'" 1 
ATOM 774 C "C5'" . DG D 4 12 ? 4.43739   2.23754   -3.45582  1.000 50.96973  ? 8  DG D "C5'" 1 
ATOM 775 C "C4'" . DG D 4 12 ? 4.31959   3.28208   -2.35579  1.000 52.70199  ? 8  DG D "C4'" 1 
ATOM 776 O "O4'" . DG D 4 12 ? 4.39938   2.64068   -1.06324  1.000 50.12225  ? 8  DG D "O4'" 1 
ATOM 777 C "C3'" . DG D 4 12 ? 5.40624   4.34207   -2.32840  1.000 53.85242  ? 8  DG D "C3'" 1 
ATOM 778 O "O3'" . DG D 4 12 ? 4.90141   5.51100   -1.67529  1.000 56.06872  ? 8  DG D "O3'" 1 
ATOM 779 C "C2'" . DG D 4 12 ? 6.49587   3.65843   -1.50271  1.000 51.70277  ? 8  DG D "C2'" 1 
ATOM 780 C "C1'" . DG D 4 12 ? 5.66826   2.88995   -0.47456  1.000 51.84846  ? 8  DG D "C1'" 1 
ATOM 781 N N9    . DG D 4 12 ? 6.23501   1.60370   -0.08363  1.000 38.67704  ? 8  DG D N9    1 
ATOM 782 C C8    . DG D 4 12 ? 6.99043   0.75502   -0.85541  1.000 51.27981  ? 8  DG D C8    1 
ATOM 783 N N7    . DG D 4 12 ? 7.33463   -0.34051  -0.23411  1.000 46.53989  ? 8  DG D N7    1 
ATOM 784 C C5    . DG D 4 12 ? 6.76339   -0.21190  1.02561   1.000 42.35709  ? 8  DG D C5    1 
ATOM 785 C C6    . DG D 4 12 ? 6.79299   -1.08897  2.14003   1.000 46.59406  ? 8  DG D C6    1 
ATOM 786 O O6    . DG D 4 12 ? 7.34986   -2.19238  2.23575   1.000 43.74054  ? 8  DG D O6    1 
ATOM 787 N N1    . DG D 4 12 ? 6.08423   -0.56990  3.22131   1.000 44.04919  ? 8  DG D N1    1 
ATOM 788 C C2    . DG D 4 12 ? 5.43038   0.64006   3.22378   1.000 48.54750  ? 8  DG D C2    1 
ATOM 789 N N2    . DG D 4 12 ? 4.79547   0.98082   4.35075   1.000 41.61723  ? 8  DG D N2    1 
ATOM 790 N N3    . DG D 4 12 ? 5.39680   1.46551   2.18744   1.000 47.44032  ? 8  DG D N3    1 
ATOM 791 C C4    . DG D 4 12 ? 6.08005   0.97683   1.12873   1.000 53.72549  ? 8  DG D C4    1 
ATOM 792 P P     . DT D 4 13 ? 5.89574   6.59719   -1.02568  1.000 56.31912  ? 9  DT D P     1 
ATOM 793 O OP1   . DT D 4 13 ? 5.11905   7.84199   -0.84130  1.000 56.49003  ? 9  DT D OP1   1 
ATOM 794 O OP2   . DT D 4 13 ? 7.15538   6.63675   -1.80220  1.000 55.59849  ? 9  DT D OP2   1 
ATOM 795 O "O5'" . DT D 4 13 ? 6.22322   6.00791   0.42327   1.000 54.63424  ? 9  DT D "O5'" 1 
ATOM 796 C "C5'" . DT D 4 13 ? 5.18545   5.85226   1.38349   1.000 53.47217  ? 9  DT D "C5'" 1 
ATOM 797 C "C4'" . DT D 4 13 ? 5.75122   5.88778   2.78732   1.000 51.82098  ? 9  DT D "C4'" 1 
ATOM 798 O "O4'" . DT D 4 13 ? 6.30538   4.58912   3.12399   1.000 51.05868  ? 9  DT D "O4'" 1 
ATOM 799 C "C3'" . DT D 4 13 ? 6.88220   6.88887   2.98797   1.000 51.34365  ? 9  DT D "C3'" 1 
ATOM 800 O "O3'" . DT D 4 13 ? 6.80026   7.44344   4.29210   1.000 48.98749  ? 9  DT D "O3'" 1 
ATOM 801 C "C2'" . DT D 4 13 ? 8.12994   6.02017   2.81602   1.000 52.48780  ? 9  DT D "C2'" 1 
ATOM 802 C "C1'" . DT D 4 13 ? 7.66850   4.72762   3.46538   1.000 50.78231  ? 9  DT D "C1'" 1 
ATOM 803 N N1    . DT D 4 13 ? 8.39545   3.50796   3.00304   1.000 49.78930  ? 9  DT D N1    1 
ATOM 804 C C2    . DT D 4 13 ? 8.52785   2.45660   3.86988   1.000 48.99953  ? 9  DT D C2    1 
ATOM 805 O O2    . DT D 4 13 ? 8.09070   2.47174   5.00552   1.000 47.63788  ? 9  DT D O2    1 
ATOM 806 N N3    . DT D 4 13 ? 9.19888   1.37971   3.37118   1.000 47.14342  ? 9  DT D N3    1 
ATOM 807 C C4    . DT D 4 13 ? 9.73858   1.24168   2.10748   1.000 47.83528  ? 9  DT D C4    1 
ATOM 808 O O4    . DT D 4 13 ? 10.32284  0.22133   1.75760   1.000 45.97302  ? 9  DT D O4    1 
ATOM 809 C C5    . DT D 4 13 ? 9.56412   2.38079   1.23415   1.000 49.21034  ? 9  DT D C5    1 
ATOM 810 C C7    . DT D 4 13 ? 10.10902  2.35138   -0.16561  1.000 50.65956  ? 9  DT D C7    1 
ATOM 811 C C6    . DT D 4 13 ? 8.90444   3.44945   1.71875   1.000 48.92337  ? 9  DT D C6    1 
ATOM 812 P P     . DG D 4 14 ? 5.55632   8.37831   4.70138   1.000 44.94372  ? 10 DG D P     1 
ATOM 813 O OP1   . DG D 4 14 ? 4.75780   7.62570   5.69235   1.000 40.22612  ? 10 DG D OP1   1 
ATOM 814 O OP2   . DG D 4 14 ? 4.91282   8.90424   3.47771   1.000 42.82363  ? 10 DG D OP2   1 
ATOM 815 O "O5'" . DG D 4 14 ? 6.24259   9.62144   5.42640   1.000 49.66050  ? 10 DG D "O5'" 1 
ATOM 816 C "C5'" . DG D 4 14 ? 7.57458   9.97031   5.09869   1.000 52.74320  ? 10 DG D "C5'" 1 
ATOM 817 C "C4'" . DG D 4 14 ? 7.64602   11.36271  4.50994   1.000 51.30235  ? 10 DG D "C4'" 1 
ATOM 818 O "O4'" . DG D 4 14 ? 7.60332   11.29542  3.07483   1.000 50.79253  ? 10 DG D "O4'" 1 
ATOM 819 C "C3'" . DG D 4 14 ? 6.48971   12.26408  4.86422   1.000 51.70544  ? 10 DG D "C3'" 1 
ATOM 820 O "O3'" . DG D 4 14 ? 6.70153   12.82554  6.14727   1.000 52.15345  ? 10 DG D "O3'" 1 
ATOM 821 C "C2'" . DG D 4 14 ? 6.56116   13.32204  3.75958   1.000 52.69465  ? 10 DG D "C2'" 1 
ATOM 822 C "C1'" . DG D 4 14 ? 7.19051   12.55428  2.58349   1.000 51.03779  ? 10 DG D "C1'" 1 
ATOM 823 N N9    . DG D 4 14 ? 6.29153   12.34745  1.45004   1.000 52.65813  ? 10 DG D N9    1 
ATOM 824 C C8    . DG D 4 14 ? 5.89687   11.14439  0.91443   1.000 50.71129  ? 10 DG D C8    1 
ATOM 825 N N7    . DG D 4 14 ? 5.09649   11.26858  -0.10818  1.000 50.31392  ? 10 DG D N7    1 
ATOM 826 C C5    . DG D 4 14 ? 4.95381   12.64226  -0.26387  1.000 51.77589  ? 10 DG D C5    1 
ATOM 827 C C6    . DG D 4 14 ? 4.20317   13.38052  -1.21021  1.000 56.57368  ? 10 DG D C6    1 
ATOM 828 O O6    . DG D 4 14 ? 3.49137   12.95102  -2.12798  1.000 58.85648  ? 10 DG D O6    1 
ATOM 829 N N1    . DG D 4 14 ? 4.33522   14.75420  -1.01468  1.000 58.91377  ? 10 DG D N1    1 
ATOM 830 C C2    . DG D 4 14 ? 5.09638   15.33926  -0.02996  1.000 58.04730  ? 10 DG D C2    1 
ATOM 831 N N2    . DG D 4 14 ? 5.10399   16.68057  0.00892   1.000 60.97800  ? 10 DG D N2    1 
ATOM 832 N N3    . DG D 4 14 ? 5.80342   14.65771  0.86155   1.000 55.05226  ? 10 DG D N3    1 
ATOM 833 C C4    . DG D 4 14 ? 5.68557   13.31904  0.68530   1.000 53.94111  ? 10 DG D C4    1 
ATOM 834 P P     . DG D 4 15 ? 5.47171   12.99089  7.16462   1.000 53.51835  ? 11 DG D P     1 
ATOM 835 O OP1   . DG D 4 15 ? 6.02376   13.05875  8.53535   1.000 53.84694  ? 11 DG D OP1   1 
ATOM 836 O OP2   . DG D 4 15 ? 4.46613   11.95630  6.83605   1.000 52.46001  ? 11 DG D OP2   1 
ATOM 837 O "O5'" . DG D 4 15 ? 4.86013   14.41299  6.77456   1.000 56.39790  ? 11 DG D "O5'" 1 
ATOM 838 C "C5'" . DG D 4 15 ? 5.71639   15.54526  6.68045   1.000 57.87586  ? 11 DG D "C5'" 1 
ATOM 839 C "C4'" . DG D 4 15 ? 4.97808   16.73018  6.08904   1.000 58.57849  ? 11 DG D "C4'" 1 
ATOM 840 O "O4'" . DG D 4 15 ? 5.07666   16.69034  4.64556   1.000 58.99928  ? 11 DG D "O4'" 1 
ATOM 841 C "C3'" . DG D 4 15 ? 3.49042   16.76515  6.39065   1.000 59.58685  ? 11 DG D "C3'" 1 
ATOM 842 O "O3'" . DG D 4 15 ? 3.26129   17.45208  7.61392   1.000 58.32607  ? 11 DG D "O3'" 1 
ATOM 843 C "C2'" . DG D 4 15 ? 2.93323   17.54107  5.20287   1.000 58.85540  ? 11 DG D "C2'" 1 
ATOM 844 C "C1'" . DG D 4 15 ? 3.85091   17.09435  4.06410   1.000 59.51766  ? 11 DG D "C1'" 1 
ATOM 845 N N9    . DG D 4 15 ? 3.32645   15.98127  3.28000   1.000 58.64820  ? 11 DG D N9    1 
ATOM 846 C C8    . DG D 4 15 ? 3.54627   14.64258  3.49500   1.000 56.94774  ? 11 DG D C8    1 
ATOM 847 N N7    . DG D 4 15 ? 2.95836   13.87164  2.62426   1.000 56.73476  ? 11 DG D N7    1 
ATOM 848 C C5    . DG D 4 15 ? 2.30613   14.75653  1.77521   1.000 57.92460  ? 11 DG D C5    1 
ATOM 849 C C6    . DG D 4 15 ? 1.50215   14.50222  0.63984   1.000 60.10415  ? 11 DG D C6    1 
ATOM 850 O O6    . DG D 4 15 ? 1.19749   13.40960  0.14528   1.000 59.56096  ? 11 DG D O6    1 
ATOM 851 N N1    . DG D 4 15 ? 1.03416   15.68303  0.06593   1.000 61.85896  ? 11 DG D N1    1 
ATOM 852 C C2    . DG D 4 15 ? 1.31067   16.94699  0.53155   1.000 61.90310  ? 11 DG D C2    1 
ATOM 853 N N2    . DG D 4 15 ? 0.77325   17.97004  -0.14977  1.000 63.09937  ? 11 DG D N2    1 
ATOM 854 N N3    . DG D 4 15 ? 2.06463   17.19617  1.59502   1.000 60.60775  ? 11 DG D N3    1 
ATOM 855 C C4    . DG D 4 15 ? 2.52618   16.05664  2.16413   1.000 59.01368  ? 11 DG D C4    1 
# 
loop_
_atom_site_anisotrop.id 
_atom_site_anisotrop.type_symbol 
_atom_site_anisotrop.pdbx_label_atom_id 
_atom_site_anisotrop.pdbx_label_alt_id 
_atom_site_anisotrop.pdbx_label_comp_id 
_atom_site_anisotrop.pdbx_label_asym_id 
_atom_site_anisotrop.pdbx_label_seq_id 
_atom_site_anisotrop.pdbx_PDB_ins_code 
_atom_site_anisotrop.U[1][1] 
_atom_site_anisotrop.U[2][2] 
_atom_site_anisotrop.U[3][3] 
_atom_site_anisotrop.U[1][2] 
_atom_site_anisotrop.U[1][3] 
_atom_site_anisotrop.U[2][3] 
_atom_site_anisotrop.pdbx_auth_seq_id 
_atom_site_anisotrop.pdbx_auth_comp_id 
_atom_site_anisotrop.pdbx_auth_asym_id 
_atom_site_anisotrop.pdbx_auth_atom_id 
1   O "O5'" . DG A 1  ? 1.25129 1.78495 0.93735 0.67958  -0.03005 0.38059  6  DG A "O5'" 
2   C "C5'" . DG A 1  ? 1.23496 1.79036 0.93805 0.68281  -0.02841 0.38058  6  DG A "C5'" 
3   C "C4'" . DG A 1  ? 1.24593 1.80182 0.93426 0.70113  -0.01794 0.38036  6  DG A "C4'" 
4   O "O4'" . DG A 1  ? 1.26778 1.81608 0.93251 0.71042  -0.01079 0.38321  6  DG A "O4'" 
5   C "C3'" . DG A 1  ? 1.24965 1.77851 0.93036 0.70618  -0.01861 0.37330  6  DG A "C3'" 
6   O "O3'" . DG A 1  ? 1.23127 1.77353 0.93205 0.70311  -0.01935 0.36996  6  DG A "O3'" 
7   C "C2'" . DG A 1  ? 1.27080 1.79074 0.92725 0.72281  -0.00723 0.37325  6  DG A "C2'" 
8   C "C1'" . DG A 1  ? 1.28281 1.81218 0.92816 0.72470  -0.00396 0.37989  6  DG A "C1'" 
9   N N9    . DG A 1  ? 1.30319 1.80232 0.92597 0.72529  -0.00410 0.37769  6  DG A N9    
10  C C8    . DG A 1  ? 1.30591 1.79257 0.92747 0.71275  -0.01127 0.37759  6  DG A C8    
11  N N7    . DG A 1  ? 1.32612 1.78598 0.92483 0.71675  -0.00938 0.37541  6  DG A N7    
12  C C5    . DG A 1  ? 1.33767 1.79153 0.92150 0.73301  -0.00029 0.37390  6  DG A C5    
13  C C6    . DG A 1  ? 1.36048 1.78857 0.91797 0.74384  0.00565  0.37122  6  DG A C6    
14  O O6    . DG A 1  ? 1.37542 1.78025 0.91689 0.74100  0.00387  0.36947  6  DG A O6    
15  N N1    . DG A 1  ? 1.36549 1.79665 0.91574 0.75933  0.01453  0.37061  6  DG A N1    
16  C C2    . DG A 1  ? 1.35030 1.80648 0.91681 0.76351  0.01735  0.37225  6  DG A C2    
17  N N2    . DG A 1  ? 1.35825 1.81217 0.91582 0.77618  0.02716  0.36955  6  DG A N2    
18  N N3    . DG A 1  ? 1.32888 1.80959 0.92004 0.75325  0.01185  0.37458  6  DG A N3    
19  C C4    . DG A 1  ? 1.32380 1.80176 0.92217 0.73856  0.00310  0.37543  6  DG A C4    
20  P P     . DA A 2  ? 1.22293 1.74150 0.93064 0.69673  -0.02640 0.36184  7  DA A P     
21  O OP1   . DA A 2  ? 1.20065 1.74223 0.93379 0.69013  -0.02824 0.36049  7  DA A OP1   
22  O OP2   . DA A 2  ? 1.22675 1.72088 0.92968 0.68753  -0.03604 0.36073  7  DA A OP2   
23  O "O5'" . DA A 2  ? 1.23928 1.73652 0.92676 0.71055  -0.01777 0.35678  7  DA A "O5'" 
24  C "C5'" . DA A 2  ? 1.23465 1.74593 0.92711 0.71815  -0.00963 0.35475  7  DA A "C5'" 
25  C "C4'" . DA A 2  ? 1.25583 1.75277 0.92401 0.73380  0.00098  0.35342  7  DA A "C4'" 
26  O "O4'" . DA A 2  ? 1.27402 1.76042 0.92262 0.73789  0.00216  0.35741  7  DA A "O4'" 
27  C "C3'" . DA A 2  ? 1.26235 1.72796 0.92087 0.73698  0.00084  0.34549  7  DA A "C3'" 
28  O "O3'" . DA A 2  ? 1.27041 1.73826 0.91978 0.75001  0.01195  0.34371  7  DA A "O3'" 
29  C "C2'" . DA A 2  ? 1.28062 1.71646 0.91816 0.73806  -0.00209 0.34502  7  DA A "C2'" 
30  C "C1'" . DA A 2  ? 1.29121 1.74323 0.91898 0.74354  0.00301  0.35262  7  DA A "C1'" 
31  N N9    . DA A 2  ? 1.30070 1.73608 0.91786 0.73828  -0.00342 0.35466  7  DA A N9    
32  C C8    . DA A 2  ? 1.28956 1.73088 0.91967 0.72504  -0.01341 0.35751  7  DA A C8    
33  N N7    . DA A 2  ? 1.30253 1.72350 0.91883 0.72079  -0.01675 0.35738  7  DA A N7    
34  C C5    . DA A 2  ? 1.32358 1.72442 0.91528 0.73424  -0.00917 0.35544  7  DA A C5    
35  C C6    . DA A 2  ? 1.34481 1.71864 0.91324 0.73650  -0.00782 0.35362  7  DA A C6    
36  N N6    . DA A 2  ? 1.34818 1.71062 0.91444 0.72466  -0.01450 0.35364  7  DA A N6    
37  N N1    . DA A 2  ? 1.36260 1.72167 0.91006 0.75140  0.00076  0.35177  7  DA A N1    
38  C C2    . DA A 2  ? 1.35910 1.72918 0.90983 0.76152  0.00803  0.35081  7  DA A C2    
39  N N3    . DA A 2  ? 1.33989 1.73448 0.91240 0.75847  0.00826  0.35104  7  DA A N3    
40  C C4    . DA A 2  ? 1.32269 1.73202 0.91475 0.74521  -0.00085 0.35378  7  DA A C4    
41  P P     . DC A 3  ? 1.27668 1.71587 0.91689 0.75468  0.01376  0.33553  8  DC A P     
42  O OP1   . DC A 3  ? 1.27478 1.72980 0.91733 0.76380  0.02365  0.33477  8  DC A OP1   
43  O OP2   . DC A 3  ? 1.26371 1.68757 0.91675 0.74153  0.00227  0.33063  8  DC A OP2   
44  O "O5'" . DC A 3  ? 1.30241 1.71265 0.91382 0.76404  0.01757  0.33491  8  DC A "O5'" 
45  C "C5'" . DC A 3  ? 1.31343 1.69256 0.91099 0.76904  0.01928  0.32798  8  DC A "C5'" 
46  C "C4'" . DC A 3  ? 1.33636 1.68894 0.90851 0.77491  0.02059  0.32804  8  DC A "C4'" 
47  O "O4'" . DC A 3  ? 1.33566 1.69276 0.90923 0.76712  0.01369  0.33302  8  DC A "O4'" 
48  C "C3'" . DC A 3  ? 1.34402 1.65934 0.90580 0.77296  0.01617  0.32061  8  DC A "C3'" 
49  O "O3'" . DC A 3  ? 1.35882 1.65966 0.90413 0.78562  0.02578  0.31681  8  DC A "O3'" 
50  C "C2'" . DC A 3  ? 1.35666 1.65377 0.90442 0.76951  0.01064  0.32256  8  DC A "C2'" 
51  C "C1'" . DC A 3  ? 1.35230 1.67816 0.90660 0.76738  0.01058  0.33089  8  DC A "C1'" 
52  N N1    . DC A 3  ? 1.34408 1.66848 0.90725 0.75359  -0.00107 0.33315  8  DC A N1    
53  C C2    . DC A 3  ? 1.35862 1.65619 0.90497 0.75138  -0.00570 0.33240  8  DC A C2    
54  O O2    . DC A 3  ? 1.37820 1.65294 0.90246 0.76083  -0.00016 0.32958  8  DC A O2    
55  N N3    . DC A 3  ? 1.35071 1.64788 0.90598 0.73804  -0.01599 0.33434  8  DC A N3    
56  C C4    . DC A 3  ? 1.32954 1.65169 0.90910 0.72791  -0.02151 0.33717  8  DC A C4    
57  N N4    . DC A 3  ? 1.32235 1.64238 0.91142 0.71230  -0.03068 0.33749  8  DC A N4    
58  C C5    . DC A 3  ? 1.31476 1.66442 0.91115 0.73081  -0.01714 0.33827  8  DC A C5    
59  C C6    . DC A 3  ? 1.32264 1.67230 0.91019 0.74321  -0.00694 0.33601  8  DC A C6    
60  P P     . DC A 4  ? 1.36319 1.63008 0.90180 0.78469  0.02332  0.30799  9  DC A P     
61  O OP1   . DC A 4  ? 1.37827 1.63771 0.90079 0.79900  0.03509  0.30571  9  DC A OP1   
62  O OP2   . DC A 4  ? 1.34082 1.61276 0.90280 0.77239  0.01484  0.30459  9  DC A OP2   
63  O "O5'" . DC A 4  ? 1.37721 1.61420 0.89973 0.78086  0.01672  0.30680  9  DC A "O5'" 
64  C "C5'" . DC A 4  ? 1.40114 1.62325 0.89812 0.79164  0.02348  0.30808  9  DC A "C5'" 
65  C "C4'" . DC A 4  ? 1.41232 1.60320 0.89594 0.78611  0.01596  0.30548  9  DC A "C4'" 
66  O "O4'" . DC A 4  ? 1.40375 1.60482 0.89679 0.77501  0.00686  0.31030  9  DC A "O4'" 
67  C "C3'" . DC A 4  ? 1.40872 1.57167 0.89449 0.77954  0.00956  0.29731  9  DC A "C3'" 
68  O "O3'" . DC A 4  ? 1.43016 1.56082 0.89205 0.78451  0.01099  0.29380  9  DC A "O3'" 
69  C "C2'" . DC A 4  ? 1.39100 1.55821 0.89537 0.76353  -0.00342 0.29827  9  DC A "C2'" 
70  C "C1'" . DC A 4  ? 1.39671 1.57712 0.89591 0.76285  -0.00433 0.30588  9  DC A "C1'" 
71  N N1    . DC A 4  ? 1.37649 1.57882 0.89815 0.75005  -0.01325 0.31006  9  DC A N1    
72  C C2    . DC A 4  ? 1.37611 1.56825 0.89776 0.73941  -0.02321 0.31164  9  DC A C2    
73  O O2    . DC A 4  ? 1.39271 1.55710 0.89559 0.74001  -0.02450 0.30906  9  DC A O2    
74  N N3    . DC A 4  ? 1.35731 1.57046 0.90030 0.72758  -0.03087 0.31540  9  DC A N3    
75  C C4    . DC A 4  ? 1.33990 1.58275 0.90284 0.72687  -0.02899 0.31770  9  DC A C4    
76  N N4    . DC A 4  ? 1.32186 1.58475 0.90544 0.71533  -0.03667 0.32143  9  DC A N4    
77  C C5    . DC A 4  ? 1.34027 1.59365 0.90306 0.73751  -0.01898 0.31605  9  DC A C5    
78  C C6    . DC A 4  ? 1.35866 1.59129 0.90071 0.74877  -0.01144 0.31238  9  DC A C6    
79  P P     . DT A 5  ? 1.43378 1.53059 0.89021 0.78208  0.00787  0.28467  10 DT A P     
80  O OP1   . DT A 5  ? 1.44796 1.53636 0.88960 0.79581  0.01942  0.28152  10 DT A OP1   
81  O OP2   . DT A 5  ? 1.41114 1.51186 0.89110 0.76936  -0.00126 0.28152  10 DT A OP2   
82  O "O5'" . DT A 5  ? 1.44960 1.51826 0.88811 0.77852  0.00204  0.28389  10 DT A "O5'" 
83  C "C5'" . DT A 5  ? 1.44612 1.52404 0.88846 0.77034  -0.00523 0.28960  10 DT A "C5'" 
84  C "C4'" . DT A 5  ? 1.43823 1.49674 0.88768 0.75623  -0.01787 0.28595  10 DT A "C4'" 
85  O "O4'" . DT A 5  ? 1.41922 1.50046 0.88959 0.74459  -0.02623 0.29096  10 DT A "O4'" 
86  C "C3'" . DT A 5  ? 1.42850 1.47193 0.88745 0.75206  -0.02080 0.27805  10 DT A "C3'" 
87  O "O3'" . DT A 5  ? 1.43483 1.44651 0.88563 0.74486  -0.02859 0.27309  10 DT A "O3'" 
88  C "C2'" . DT A 5  ? 1.40241 1.47218 0.88984 0.74195  -0.02696 0.28027  10 DT A "C2'" 
89  C "C1'" . DT A 5  ? 1.40079 1.47826 0.89033 0.73397  -0.03424 0.28634  10 DT A "C1'" 
90  N N1    . DT A 5  ? 1.37818 1.48728 0.89314 0.72526  -0.03921 0.29122  10 DT A N1    
91  C C2    . DT A 5  ? 1.37006 1.48135 0.89418 0.71240  -0.04931 0.29401  10 DT A C2    
92  O O2    . DT A 5  ? 1.38005 1.46886 0.89365 0.70543  -0.05393 0.29164  10 DT A O2    
93  N N3    . DT A 5  ? 1.34932 1.49037 0.89718 0.70493  -0.05293 0.29810  10 DT A N3    
94  C C4    . DT A 5  ? 1.33622 1.50450 0.89887 0.70926  -0.04783 0.29981  10 DT A C4    
95  O O4    . DT A 5  ? 1.31795 1.51198 0.90158 0.70187  -0.05178 0.30351  10 DT A O4    
96  C C5    . DT A 5  ? 1.34557 1.50980 0.89772 0.72200  -0.03722 0.29637  10 DT A C5    
97  C C7    . DT A 5  ? 1.33293 1.52490 0.89967 0.72652  -0.03066 0.29733  10 DT A C7    
98  C C6    . DT A 5  ? 1.36575 1.50092 0.89503 0.72930  -0.03346 0.29232  10 DT A C6    
99  P P     . DG A 6  ? 1.45816 1.43526 0.88321 0.75324  -0.02344 0.26700  11 DG A P     
100 O OP1   . DG A 6  ? 1.47652 1.45987 0.88290 0.76772  -0.01194 0.27065  11 DG A OP1   
101 O OP2   . DG A 6  ? 1.45093 1.41436 0.88303 0.75144  -0.02387 0.25927  11 DG A OP2   
102 O "O5'" . DG A 6  ? 1.46595 1.41848 0.88155 0.74391  -0.03325 0.26615  11 DG A "O5'" 
103 C "C5'" . DG A 6  ? 1.45402 1.41981 0.88264 0.73202  -0.04250 0.27105  11 DG A "C5'" 
104 C "C4'" . DG A 6  ? 1.43639 1.39334 0.88300 0.71810  -0.05407 0.26709  11 DG A "C4'" 
105 O "O4'" . DG A 6  ? 1.41336 1.40097 0.88566 0.71032  -0.05839 0.27147  11 DG A "O4'" 
106 C "C3'" . DG A 6  ? 1.43278 1.37236 0.88251 0.71859  -0.05311 0.25868  11 DG A "C3'" 
107 O "O3'" . DG A 6  ? 1.43067 1.34437 0.88156 0.70750  -0.06312 0.25358  11 DG A "O3'" 
108 C "C2'" . DG A 6  ? 1.40980 1.37799 0.88485 0.71584  -0.05295 0.25996  11 DG A "C2'" 
109 C "C1'" . DG A 6  ? 1.39672 1.38444 0.88645 0.70559  -0.06125 0.26642  11 DG A "C1'" 
110 N N9    . DG A 6  ? 1.37744 1.39999 0.88905 0.70436  -0.05997 0.27066  11 DG A N9    
111 C C8    . DG A 6  ? 1.37326 1.41373 0.88992 0.71308  -0.05098 0.27055  11 DG A C8    
112 N N7    . DG A 6  ? 1.35481 1.42597 0.89238 0.70915  -0.05217 0.27475  11 DG A N7    
113 C C5    . DG A 6  ? 1.34591 1.41946 0.89332 0.69695  -0.06269 0.27778  11 DG A C5    
114 C C6    . DG A 6  ? 1.32601 1.42690 0.89611 0.68780  -0.06850 0.28265  11 DG A C6    
115 O O6    . DG A 6  ? 1.31189 1.44127 0.89830 0.68865  -0.06541 0.28523  11 DG A O6    
116 N N1    . DG A 6  ? 1.32322 1.41583 0.89677 0.67552  -0.07855 0.28392  11 DG A N1    
117 C C2    . DG A 6  ? 1.33762 1.39952 0.89528 0.67120  -0.08218 0.28021  11 DG A C2    
118 N N2    . DG A 6  ? 1.33192 1.39029 0.89744 0.65609  -0.09119 0.28073  11 DG A N2    
119 N N3    . DG A 6  ? 1.35651 1.39282 0.89208 0.68097  -0.07726 0.27626  11 DG A N3    
120 C C4    . DG A 6  ? 1.35959 1.40342 0.89125 0.69381  -0.06764 0.27539  11 DG A C4    
121 P P     . DT A 7  ? 1.45333 1.32912 0.87894 0.71007  -0.06293 0.24825  12 DT A P     
122 O OP1   . DT A 7  ? 1.47312 1.34919 0.87797 0.71816  -0.05745 0.25310  12 DT A OP1   
123 O OP2   . DT A 7  ? 1.45624 1.31544 0.87832 0.71491  -0.05802 0.24048  12 DT A OP2   
124 O "O5'" . DT A 7  ? 1.44553 1.30502 0.87871 0.69443  -0.07655 0.24639  12 DT A "O5'" 
125 C "C5'" . DT A 7  ? 1.43207 1.31036 0.88122 0.68180  -0.08367 0.25111  12 DT A "C5'" 
126 C "C4'" . DT A 7  ? 1.40812 1.29298 0.88256 0.67066  -0.09288 0.24960  12 DT A "C4'" 
127 O "O4'" . DT A 7  ? 1.39098 1.31075 0.88473 0.67179  -0.09087 0.25490  12 DT A "O4'" 
128 C "C3'" . DT A 7  ? 1.40432 1.27046 0.88142 0.67140  -0.09320 0.24170  12 DT A "C3'" 
129 O "O3'" . DT A 7  ? 1.39848 1.24379 0.88121 0.65859  -0.10410 0.23757  12 DT A "O3'" 
130 C "C2'" . DT A 7  ? 1.38392 1.27800 0.88354 0.67168  -0.09071 0.24263  12 DT A "C2'" 
131 C "C1'" . DT A 7  ? 1.37270 1.29472 0.88554 0.66658  -0.09482 0.25088  12 DT A "C1'" 
132 N N1    . DT A 7  ? 1.35748 1.31332 0.88768 0.66999  -0.08994 0.25452  12 DT A N1    
133 C C2    . DT A 7  ? 1.33878 1.31922 0.89018 0.66102  -0.09632 0.25957  12 DT A C2    
134 O O2    . DT A 7  ? 1.33382 1.31016 0.89138 0.64890  -0.10525 0.26070  12 DT A O2    
135 N N3    . DT A 7  ? 1.32572 1.33618 0.89212 0.66465  -0.09121 0.26230  12 DT A N3    
136 C C4    . DT A 7  ? 1.32936 1.34752 0.89172 0.67607  -0.08064 0.26061  12 DT A C4    
137 O O4    . DT A 7  ? 1.31680 1.36282 0.89358 0.67825  -0.07677 0.26335  12 DT A O4    
138 C C5    . DT A 7  ? 1.34911 1.34025 0.88912 0.68508  -0.07440 0.25536  12 DT A C5    
139 C C7    . DT A 7  ? 1.35485 1.35139 0.88868 0.69768  -0.06273 0.25323  12 DT A C7    
140 C C6    . DT A 7  ? 1.36193 1.32348 0.88729 0.68158  -0.07933 0.25248  12 DT A C6    
141 P P     . DC B 1  ? 0.54431 0.50846 0.89217 -0.06203 -0.19556 0.12582  12 DC B P     
142 O OP1   . DC B 1  ? 0.54026 0.50508 0.90680 -0.06091 -0.20333 0.11633  12 DC B OP1   
143 O OP2   . DC B 1  ? 0.55872 0.52267 0.89327 -0.06278 -0.19318 0.12642  12 DC B OP2   
144 O "O5'" . DC B 1  ? 0.52514 0.48921 0.87598 -0.06123 -0.19021 0.13535  12 DC B "O5'" 
145 C "C5'" . DC B 1  ? 0.49748 0.46225 0.85468 -0.06081 -0.18939 0.13851  12 DC B "C5'" 
146 C "C4'" . DC B 1  ? 0.44047 0.40575 0.81450 -0.05928 -0.18988 0.14032  12 DC B "C4'" 
147 O "O4'" . DC B 1  ? 0.42269 0.39265 0.79435 -0.05938 -0.18454 0.14488  12 DC B "O4'" 
148 C "C3'" . DC B 1  ? 0.41165 0.37634 0.80678 -0.05826 -0.19699 0.13159  12 DC B "C3'" 
149 O "O3'" . DC B 1  ? 0.38409 0.34911 0.79542 -0.05677 -0.19703 0.13308  12 DC B "O3'" 
150 C "C2'" . DC B 1  ? 0.39791 0.36313 0.79608 -0.05842 -0.19753 0.13212  12 DC B "C2'" 
151 C "C1'" . DC B 1  ? 0.39197 0.35871 0.78140 -0.05841 -0.19026 0.14272  12 DC B "C1'" 
152 N N1    . DC B 1  ? 0.39942 0.36814 0.78013 -0.05922 -0.18748 0.14480  12 DC B N1    
153 C C2    . DC B 1  ? 0.38108 0.35554 0.76181 -0.05907 -0.18192 0.14857  12 DC B C2    
154 O O2    . DC B 1  ? 0.36112 0.33865 0.74907 -0.05835 -0.17955 0.15077  12 DC B O2    
155 N N3    . DC B 1  ? 0.39807 0.37455 0.77181 -0.05966 -0.17954 0.14974  12 DC B N3    
156 C C4    . DC B 1  ? 0.43048 0.40379 0.79752 -0.06044 -0.18211 0.14767  12 DC B C4    
157 N N4    . DC B 1  ? 0.44053 0.41620 0.80190 -0.06089 -0.17944 0.14897  12 DC B N4    
158 C C5    . DC B 1  ? 0.45275 0.42044 0.81951 -0.06078 -0.18780 0.14410  12 DC B C5    
159 C C6    . DC B 1  ? 0.43749 0.40430 0.81013 -0.06025 -0.18980 0.14167  12 DC B C6    
160 P P     . DG B 2  ? 0.35454 0.31932 0.79174 -0.05536 -0.20387 0.12448  13 DG B P     
161 O OP1   . DG B 2  ? 0.37231 0.33672 0.81256 -0.05528 -0.20877 0.11562  13 DG B OP1   
162 O OP2   . DG B 2  ? 0.35056 0.31560 0.79519 -0.05537 -0.20676 0.12181  13 DG B OP2   
163 O "O5'" . DG B 2  ? 0.33442 0.30008 0.78586 -0.05385 -0.20060 0.13083  13 DG B "O5'" 
164 C "C5'" . DG B 2  ? 0.33000 0.29739 0.77092 -0.05399 -0.19367 0.14183  13 DG B "C5'" 
165 C "C4'" . DG B 2  ? 0.30952 0.27912 0.76353 -0.05314 -0.19220 0.14517  13 DG B "C4'" 
166 O "O4'" . DG B 2  ? 0.31965 0.29137 0.76026 -0.05436 -0.18939 0.14722  13 DG B "O4'" 
167 C "C3'" . DG B 2  ? 0.29153 0.25960 0.77182 -0.05176 -0.19818 0.13812  13 DG B "C3'" 
168 O "O3'" . DG B 2  ? 0.29088 0.26083 0.78726 -0.05030 -0.19550 0.14354  13 DG B "O3'" 
169 C "C2'" . DG B 2  ? 0.29398 0.26152 0.77133 -0.05255 -0.20068 0.13476  13 DG B "C2'" 
170 C "C1'" . DG B 2  ? 0.28473 0.25410 0.74239 -0.05348 -0.19413 0.14402  13 DG B "C1'" 
171 N N9    . DG B 2  ? 0.28890 0.25765 0.73378 -0.05476 -0.19488 0.14210  13 DG B N9    
172 C C8    . DG B 2  ? 0.31849 0.28553 0.75447 -0.05583 -0.19844 0.13581  13 DG B C8    
173 N N7    . DG B 2  ? 0.32263 0.28981 0.74882 -0.05680 -0.19801 0.13604  13 DG B N7    
174 C C5    . DG B 2  ? 0.29165 0.26064 0.72049 -0.05631 -0.19401 0.14249  13 DG B C5    
175 C C6    . DG B 2  ? 0.32787 0.29804 0.75038 -0.05681 -0.19175 0.14538  13 DG B C6    
176 O O6    . DG B 2  ? 0.31255 0.28210 0.72607 -0.05782 -0.19276 0.14320  13 DG B O6    
177 N N1    . DG B 2  ? 0.27526 0.24976 0.70227 -0.05625 -0.18702 0.15011  13 DG B N1    
178 C C2    . DG B 2  ? 0.27470 0.25215 0.71100 -0.05543 -0.18470 0.15228  13 DG B C2    
179 N N2    . DG B 2  ? 0.27152 0.25429 0.71049 -0.05523 -0.17993 0.15625  13 DG B N2    
180 N N3    . DG B 2  ? 0.27738 0.25277 0.72087 -0.05479 -0.18702 0.15074  13 DG B N3    
181 C C4    . DG B 2  ? 0.29258 0.26283 0.73241 -0.05510 -0.19207 0.14624  13 DG B C4    
182 P P     . DG B 3  ? 0.29867 0.26842 0.82286 -0.04884 -0.19924 0.13907  14 DG B P     
183 O OP1   . DG B 3  ? 0.34331 0.31442 0.88533 -0.04715 -0.19699 0.14282  14 DG B OP1   
184 O OP2   . DG B 3  ? 0.30930 0.27690 0.84226 -0.04903 -0.20672 0.12751  14 DG B OP2   
185 O "O5'" . DG B 3  ? 0.31134 0.28292 0.83009 -0.04921 -0.19591 0.14492  14 DG B "O5'" 
186 C "C5'" . DG B 3  ? 0.34130 0.31970 0.85156 -0.04977 -0.18771 0.15290  14 DG B "C5'" 
187 C "C4'" . DG B 3  ? 0.36363 0.34426 0.87940 -0.04966 -0.18615 0.15509  14 DG B "C4'" 
188 O "O4'" . DG B 3  ? 0.33315 0.31254 0.83187 -0.05095 -0.18673 0.15418  14 DG B "O4'" 
189 C "C3'" . DG B 3  ? 0.37489 0.35139 0.92086 -0.04763 -0.19201 0.15094  14 DG B "C3'" 
190 O "O3'" . DG B 3  ? 0.39045 0.37183 0.94688 -0.04712 -0.18745 0.15552  14 DG B "O3'" 
191 C "C2'" . DG B 3  ? 0.35797 0.33108 0.90024 -0.04834 -0.19717 0.14489  14 DG B "C2'" 
192 C "C1'" . DG B 3  ? 0.32393 0.29896 0.83889 -0.04997 -0.19245 0.15042  14 DG B "C1'" 
193 N N9    . DG B 3  ? 0.29348 0.26583 0.79565 -0.05125 -0.19608 0.14505  14 DG B N9    
194 C C8    . DG B 3  ? 0.29647 0.26641 0.79403 -0.05184 -0.20026 0.13856  14 DG B C8    
195 N N7    . DG B 3  ? 0.29755 0.26645 0.78364 -0.05306 -0.20266 0.13477  14 DG B N7    
196 C C5    . DG B 3  ? 0.29442 0.26473 0.77794 -0.05323 -0.19987 0.13907  14 DG B C5    
197 C C6    . DG B 3  ? 0.30372 0.27389 0.77726 -0.05428 -0.20043 0.13809  14 DG B C6    
198 O O6    . DG B 3  ? 0.30169 0.27066 0.76619 -0.05535 -0.20364 0.13331  14 DG B O6    
199 N N1    . DG B 3  ? 0.31222 0.28444 0.78754 -0.05394 -0.19669 0.14337  14 DG B N1    
200 C C2    . DG B 3  ? 0.31323 0.28786 0.79816 -0.05282 -0.19294 0.14873  14 DG B C2    
201 N N2    . DG B 3  ? 0.33141 0.30855 0.81673 -0.05266 -0.18968 0.15275  14 DG B N2    
202 N N3    . DG B 3  ? 0.29875 0.27377 0.79298 -0.05190 -0.19232 0.15003  14 DG B N3    
203 C C4    . DG B 3  ? 0.29162 0.26418 0.78473 -0.05213 -0.19587 0.14511  14 DG B C4    
204 P P     . DA B 4  ? 0.38181 0.36032 0.96969 -0.04510 -0.19185 0.15211  15 DA B P     
205 O OP1   . DA B 4  ? 0.40682 0.39074 1.00847 -0.04428 -0.18621 0.15727  15 DA B OP1   
206 O OP2   . DA B 4  ? 0.40159 0.37518 1.00383 -0.04448 -0.19969 0.14216  15 DA B OP2   
207 O "O5'" . DA B 4  ? 0.34851 0.32723 0.92877 -0.04585 -0.19182 0.15277  15 DA B "O5'" 
208 C "C5'" . DA B 4  ? 0.35200 0.33687 0.91012 -0.04745 -0.18462 0.15905  15 DA B "C5'" 
209 C "C4'" . DA B 4  ? 0.30586 0.29107 0.86666 -0.04746 -0.18469 0.15940  15 DA B "C4'" 
210 O "O4'" . DA B 4  ? 0.31318 0.29467 0.85946 -0.04845 -0.18818 0.15615  15 DA B "O4'" 
211 C "C3'" . DA B 4  ? 0.30215 0.28425 0.89315 -0.04555 -0.18914 0.15608  15 DA B "C3'" 
212 O "O3'" . DA B 4  ? 0.30028 0.28597 0.89384 -0.04555 -0.18553 0.15953  15 DA B "O3'" 
213 C "C2'" . DA B 4  ? 0.30849 0.28533 0.90096 -0.04593 -0.19683 0.14745  15 DA B "C2'" 
214 C "C1'" . DA B 4  ? 0.30180 0.27913 0.86549 -0.04775 -0.19484 0.14948  15 DA B "C1'" 
215 N N9    . DA B 4  ? 0.30492 0.27908 0.85908 -0.04880 -0.19995 0.14274  15 DA B N9    
216 C C8    . DA B 4  ? 0.31071 0.28313 0.86516 -0.04881 -0.20269 0.13877  15 DA B C8    
217 N N7    . DA B 4  ? 0.31038 0.28084 0.85489 -0.04993 -0.20716 0.13254  15 DA B N7    
218 C C5    . DA B 4  ? 0.31213 0.28290 0.84971 -0.05072 -0.20731 0.13285  15 DA B C5    
219 C C6    . DA B 4  ? 0.33041 0.30025 0.85691 -0.05202 -0.21091 0.12827  15 DA B C6    
220 N N6    . DA B 4  ? 0.34563 0.31437 0.86518 -0.05284 -0.21538 0.12187  15 DA B N6    
221 N N1    . DA B 4  ? 0.34641 0.31707 0.86974 -0.05242 -0.20969 0.13050  15 DA B N1    
222 C C2    . DA B 4  ? 0.33220 0.30460 0.86257 -0.05155 -0.20522 0.13641  15 DA B C2    
223 N N3    . DA B 4  ? 0.32087 0.29474 0.86125 -0.05036 -0.20161 0.14085  15 DA B N3    
224 C C4    . DA B 4  ? 0.30915 0.28203 0.85277 -0.05000 -0.20287 0.13899  15 DA B C4    
225 P P     . DC B 5  ? 0.30652 0.29256 0.93098 -0.04365 -0.18591 0.15937  16 DC B P     
226 O OP1   . DC B 5  ? 0.30137 0.29478 0.92417 -0.04379 -0.17782 0.16675  16 DC B OP1   
227 O OP2   . DC B 5  ? 0.31502 0.29588 0.96275 -0.04207 -0.19215 0.15343  16 DC B OP2   
228 O "O5'" . DC B 5  ? 0.30905 0.29270 0.93734 -0.04357 -0.18905 0.15696  16 DC B "O5'" 
229 C "C5'" . DC B 5  ? 0.30358 0.28778 0.90775 -0.04514 -0.18800 0.15796  16 DC B "C5'" 
230 C "C4'" . DC B 5  ? 0.30918 0.29051 0.91964 -0.04536 -0.19323 0.15209  16 DC B "C4'" 
231 O "O4'" . DC B 5  ? 0.31155 0.28951 0.91016 -0.04657 -0.19853 0.14611  16 DC B "O4'" 
232 C "C3'" . DC B 5  ? 0.31875 0.29816 0.96002 -0.04385 -0.19769 0.14740  16 DC B "C3'" 
233 O "O3'" . DC B 5  ? 0.32095 0.30024 0.96676 -0.04396 -0.19911 0.14609  16 DC B "O3'" 
234 C "C2'" . DC B 5  ? 0.32594 0.30162 0.97208 -0.04412 -0.20505 0.13894  16 DC B "C2'" 
235 C "C1'" . DC B 5  ? 0.32194 0.29695 0.94113 -0.04602 -0.20602 0.13791  16 DC B "C1'" 
236 N N1    . DC B 5  ? 0.32539 0.29811 0.93784 -0.04680 -0.21109 0.13154  16 DC B N1    
237 C C2    . DC B 5  ? 0.32829 0.29976 0.92938 -0.04819 -0.21601 0.12601  16 DC B C2    
238 O O2    . DC B 5  ? 0.32768 0.29966 0.92481 -0.04874 -0.21597 0.12693  16 DC B O2    
239 N N3    . DC B 5  ? 0.33183 0.30206 0.92704 -0.04886 -0.22057 0.11984  16 DC B N3    
240 C C4    . DC B 5  ? 0.33233 0.30211 0.93306 -0.04815 -0.22027 0.11906  16 DC B C4    
241 N N4    . DC B 5  ? 0.33599 0.30494 0.93093 -0.04876 -0.22478 0.11250  16 DC B N4    
242 C C5    . DC B 5  ? 0.32931 0.30001 0.94231 -0.04670 -0.21524 0.12500  16 DC B C5    
243 C C6    . DC B 5  ? 0.32608 0.29841 0.94442 -0.04610 -0.21086 0.13104  16 DC B C6    
244 P P     . DA B 6  ? 0.32796 0.30721 1.00442 -0.04227 -0.20026 0.14494  17 DA B P     
245 O OP1   . DA B 6  ? 0.32170 0.30531 0.99798 -0.04163 -0.19243 0.15298  17 DA B OP1   
246 O OP2   . DA B 6  ? 0.33625 0.31315 1.03545 -0.04114 -0.20491 0.13946  17 DA B OP2   
247 O "O5'" . DA B 6  ? 0.33295 0.31035 1.01108 -0.04299 -0.20569 0.13979  17 DA B "O5'" 
248 C "C5'" . DA B 6  ? 0.32689 0.30524 0.98166 -0.04440 -0.20377 0.14209  17 DA B "C5'" 
249 C "C4'" . DA B 6  ? 0.33289 0.30865 0.98398 -0.04561 -0.21132 0.13492  17 DA B "C4'" 
250 O "O4'" . DA B 6  ? 0.33492 0.30902 0.97794 -0.04635 -0.21521 0.13027  17 DA B "O4'" 
251 C "C3'" . DA B 6  ? 0.34400 0.31841 1.02097 -0.04497 -0.21828 0.12842  17 DA B "C3'" 
252 O "O3'" . DA B 6  ? 0.34679 0.32087 1.01554 -0.04632 -0.22285 0.12483  17 DA B "O3'" 
253 C "C2'" . DA B 6  ? 0.35139 0.32423 1.04089 -0.04458 -0.22389 0.12156  17 DA B "C2'" 
254 C "C1'" . DA B 6  ? 0.34639 0.31892 1.00890 -0.04611 -0.22377 0.12123  17 DA B "C1'" 
255 N N9    . DA B 6  ? 0.34885 0.32045 1.01350 -0.04588 -0.22602 0.11738  17 DA B N9    
256 C C8    . DA B 6  ? 0.34725 0.31892 1.02232 -0.04455 -0.22246 0.12026  17 DA B C8    
257 N N7    . DA B 6  ? 0.34988 0.32062 1.02424 -0.04463 -0.22541 0.11570  17 DA B N7    
258 C C5    . DA B 6  ? 0.35350 0.32387 1.01534 -0.04611 -0.23136 0.10918  17 DA B C5    
259 C C6    . DA B 6  ? 0.35778 0.32785 1.01283 -0.04685 -0.23675 0.10179  17 DA B C6    
260 N N6    . DA B 6  ? 0.35891 0.32844 1.01958 -0.04615 -0.23695 0.09969  17 DA B N6    
261 N N1    . DA B 6  ? 0.36109 0.33198 1.00379 -0.04827 -0.24188 0.09660  17 DA B N1    
262 C C2    . DA B 6  ? 0.35996 0.33153 0.99811 -0.04895 -0.24149 0.09901  17 DA B C2    
263 N N3    . DA B 6  ? 0.35589 0.32736 0.99990 -0.04836 -0.23662 0.10573  17 DA B N3    
264 C C4    . DA B 6  ? 0.35286 0.32384 1.00848 -0.04692 -0.23172 0.11041  17 DA B C4    
265 P P     . DG B 7  ? 0.35223 0.32674 1.03724 -0.04602 -0.22544 0.12370  18 DG B P     
266 O OP1   . DG B 7  ? 0.34295 0.31919 1.01880 -0.04567 -0.21712 0.13215  18 DG B OP1   
267 O OP2   . DG B 7  ? 0.36241 0.33623 1.07793 -0.04471 -0.23041 0.11844  18 DG B OP2   
268 O "O5'" . DG B 7  ? 0.35686 0.33155 1.03090 -0.04785 -0.23236 0.11794  18 DG B "O5'" 
269 C "C5'" . DG B 7  ? 0.35714 0.33166 1.01463 -0.04907 -0.23555 0.11384  18 DG B "C5'" 
270 C "C4'" . DG B 7  ? 0.38175 0.35721 1.05376 -0.04933 -0.24618 0.10298  18 DG B "C4'" 
271 O "O4'" . DG B 7  ? 0.37206 0.34677 1.04467 -0.04896 -0.24802 0.09880  18 DG B "O4'" 
272 C "C3'" . DG B 7  ? 0.39153 0.36745 1.09399 -0.04816 -0.25093 0.09885  18 DG B "C3'" 
273 O "O3'" . DG B 7  ? 0.43318 0.41200 1.14280 -0.04894 -0.26106 0.08950  18 DG B "O3'" 
274 C "C2'" . DG B 7  ? 0.38227 0.35680 1.10025 -0.04671 -0.25068 0.09679  18 DG B "C2'" 
275 C "C1'" . DG B 7  ? 0.38256 0.35752 1.08338 -0.04771 -0.25383 0.09202  18 DG B "C1'" 
276 N N9    . DG B 7  ? 0.38171 0.35525 1.08810 -0.04669 -0.25202 0.09146  18 DG B N9    
277 C C8    . DG B 7  ? 0.37708 0.34917 1.09468 -0.04518 -0.24545 0.09762  18 DG B C8    
278 N N7    . DG B 7  ? 0.37764 0.34902 1.09909 -0.04451 -0.24529 0.09569  18 DG B N7    
279 C C5    . DG B 7  ? 0.38314 0.35546 1.09551 -0.04560 -0.25234 0.08723  18 DG B C5    
280 C C6    . DG B 7  ? 0.38627 0.35859 1.09848 -0.04544 -0.25534 0.08144  18 DG B C6    
281 O O6    . DG B 7  ? 0.38451 0.35565 1.10538 -0.04431 -0.25212 0.08311  18 DG B O6    
282 N N1    . DG B 7  ? 0.39221 0.36672 1.09334 -0.04662 -0.26277 0.07301  18 DG B N1    
283 C C2    . DG B 7  ? 0.39485 0.37164 1.08645 -0.04783 -0.26681 0.07084  18 DG B C2    
284 N N2    . DG B 7  ? 0.40115 0.38119 1.08272 -0.04865 -0.27403 0.06236  18 DG B N2    
285 N N3    . DG B 7  ? 0.39175 0.36825 1.08406 -0.04809 -0.26390 0.07659  18 DG B N3    
286 C C4    . DG B 7  ? 0.38592 0.35995 1.08879 -0.04692 -0.25667 0.08446  18 DG B C4    
287 P P     . DC B 8  ? 0.47742 0.45881 1.18712 -0.04989 -0.26391 0.08976  19 DC B P     
288 O OP1   . DC B 8  ? 0.49716 0.47776 1.18121 -0.05094 -0.25642 0.09821  19 DC B OP1   
289 O OP2   . DC B 8  ? 0.51239 0.49351 1.24966 -0.04868 -0.26514 0.08952  19 DC B OP2   
290 O "O5'" . DC B 8  ? 0.50526 0.49181 1.21405 -0.05082 -0.27541 0.07851  19 DC B "O5'" 
291 C "C5'" . DC B 8  ? 0.50480 0.49244 1.19455 -0.05148 -0.27697 0.07506  19 DC B "C5'" 
292 C "C4'" . DC B 8  ? 0.49124 0.48188 1.19601 -0.05064 -0.28651 0.06319  19 DC B "C4'" 
293 O "O4'" . DC B 8  ? 0.45472 0.44098 1.16598 -0.04957 -0.28212 0.06456  19 DC B "O4'" 
294 C "C3'" . DC B 8  ? 0.48808 0.48235 1.22158 -0.04976 -0.29535 0.05525  19 DC B "C3'" 
295 O "O3'" . DC B 8  ? 0.49775 0.49866 1.23463 -0.04947 -0.30666 0.04271  19 DC B "O3'" 
296 C "C2'" . DC B 8  ? 0.46711 0.45648 1.22226 -0.04826 -0.29135 0.05701  19 DC B "C2'" 
297 C "C1'" . DC B 8  ? 0.44788 0.43526 1.18854 -0.04821 -0.28850 0.05677  19 DC B "C1'" 
298 N N1    . DC B 8  ? 0.42019 0.40281 1.17332 -0.04685 -0.28196 0.06115  19 DC B N1    
299 C C2    . DC B 8  ? 0.42156 0.40359 1.17513 -0.04627 -0.28295 0.05672  19 DC B C2    
300 O O2    . DC B 8  ? 0.42655 0.41181 1.16919 -0.04688 -0.28917 0.04907  19 DC B O2    
301 N N3    . DC B 8  ? 0.41750 0.39599 1.18377 -0.04492 -0.27692 0.06110  19 DC B N3    
302 C C4    . DC B 8  ? 0.41266 0.38879 1.19031 -0.04404 -0.27036 0.06921  19 DC B C4    
303 N N4    . DC B 8  ? 0.40912 0.38290 1.19929 -0.04255 -0.26453 0.07351  19 DC B N4    
304 C C5    . DC B 8  ? 0.41147 0.38813 1.18880 -0.04454 -0.26941 0.07329  19 DC B C5    
305 C C6    . DC B 8  ? 0.41529 0.39494 1.18073 -0.04599 -0.27530 0.06912  19 DC B C6    
306 P P     . DA B 9  ? 0.52462 0.53500 1.25785 -0.04988 -0.31664 0.03592  20 DA B P     
307 O OP1   . DA B 9  ? 0.53813 0.54871 1.24295 -0.05132 -0.31100 0.04368  20 DA B OP1   
308 O OP2   . DA B 9  ? 0.51209 0.52471 1.27140 -0.04932 -0.32141 0.03344  20 DA B OP2   
309 O "O5'" . DA B 9  ? 0.52490 0.54237 1.25879 -0.04880 -0.32756 0.02217  20 DA B "O5'" 
310 C "C5'" . DA B 9  ? 0.54090 0.55663 1.25493 -0.04899 -0.32460 0.02209  20 DA B "C5'" 
311 C "C4'" . DA B 9  ? 0.53993 0.55445 1.27013 -0.04766 -0.32819 0.01381  20 DA B "C4'" 
312 O "O4'" . DA B 9  ? 0.50494 0.51032 1.24762 -0.04755 -0.31887 0.02173  20 DA B "O4'" 
313 C "C3'" . DA B 9  ? 0.55891 0.58097 1.31520 -0.04607 -0.34114 -0.00009 20 DA B "C3'" 
314 O "O3'" . DA B 9  ? 0.58482 0.61120 1.34050 -0.04488 -0.34818 -0.01131 20 DA B "O3'" 
315 C "C2'" . DA B 9  ? 0.55209 0.56749 1.33658 -0.04561 -0.33699 0.00291  20 DA B "C2'" 
316 C "C1'" . DA B 9  ? 0.53959 0.54586 1.31238 -0.04608 -0.32479 0.01315  20 DA B "C1'" 
317 N N9    . DA B 9  ? 0.51342 0.51256 1.30360 -0.04565 -0.31650 0.02160  20 DA B N9    
318 C C8    . DA B 9  ? 0.50726 0.50451 1.30571 -0.04589 -0.31283 0.02862  20 DA B C8    
319 N N7    . DA B 9  ? 0.49649 0.48796 1.31054 -0.04496 -0.30536 0.03523  20 DA B N7    
320 C C5    . DA B 9  ? 0.47875 0.46831 1.29548 -0.04414 -0.30412 0.03250  20 DA B C5    
321 C C6    . DA B 9  ? 0.45012 0.43495 1.28145 -0.04279 -0.29734 0.03683  20 DA B C6    
322 N N6    . DA B 9  ? 0.44541 0.42673 1.29142 -0.04187 -0.29037 0.04501  20 DA B N6    
323 N N1    . DA B 9  ? 0.45104 0.43549 1.28169 -0.04226 -0.29793 0.03249  20 DA B N1    
324 C C2    . DA B 9  ? 0.45603 0.44446 1.27190 -0.04298 -0.30483 0.02413  20 DA B C2    
325 N N3    . DA B 9  ? 0.50414 0.49765 1.30500 -0.04407 -0.31165 0.01928  20 DA B N3    
326 C C4    . DA B 9  ? 0.50275 0.49661 1.30493 -0.04464 -0.31084 0.02407  20 DA B C4    
327 P P     . DT B 10 ? 0.66615 0.70618 1.42516 -0.04316 -0.36384 -0.02679 21 DT B P     
328 O OP1   . DT B 10 ? 0.66289 0.70841 1.39052 -0.04330 -0.36443 -0.02548 21 DT B OP1   
329 O OP2   . DT B 10 ? 0.67641 0.72148 1.45768 -0.04261 -0.37071 -0.03058 21 DT B OP2   
330 O "O5'" . DT B 10 ? 0.67602 0.71674 1.45055 -0.04162 -0.36939 -0.03870 21 DT B "O5'" 
331 C "C5'" . DT B 10 ? 0.68161 0.71848 1.48894 -0.04095 -0.37013 -0.04266 21 DT B "C5'" 
332 C "C4'" . DT B 10 ? 0.67299 0.70093 1.48352 -0.04106 -0.36166 -0.03906 21 DT B "C4'" 
333 O "O4'" . DT B 10 ? 0.65689 0.67478 1.46560 -0.04229 -0.34850 -0.02369 21 DT B "O4'" 
334 C "C3'" . DT B 10 ? 0.68446 0.71252 1.52819 -0.03951 -0.36660 -0.04965 21 DT B "C3'" 
335 O "O3'" . DT B 10 ? 0.69520 0.72965 1.53603 -0.03829 -0.37506 -0.06268 21 DT B "O3'" 
336 C "C2'" . DT B 10 ? 0.67064 0.68767 1.52114 -0.03990 -0.35365 -0.03851 21 DT B "C2'" 
337 C "C1'" . DT B 10 ? 0.65459 0.66611 1.48417 -0.04152 -0.34327 -0.02244 21 DT B "C1'" 
338 N N1    . DT B 10 ? 0.65058 0.65704 1.50018 -0.04145 -0.33744 -0.01437 21 DT B N1    
339 C C2    . DT B 10 ? 0.64570 0.64568 1.51436 -0.04055 -0.32994 -0.00947 21 DT B C2    
340 O O2    . DT B 10 ? 0.64466 0.64277 1.51638 -0.03987 -0.32794 -0.01158 21 DT B O2    
341 N N3    . DT B 10 ? 0.64243 0.63880 1.52728 -0.04029 -0.32484 -0.00193 21 DT B N3    
342 C C4    . DT B 10 ? 0.64315 0.64118 1.52702 -0.04102 -0.32631 0.00116  21 DT B C4    
343 O O4    . DT B 10 ? 0.64023 0.63483 1.53960 -0.04060 -0.32131 0.00787  21 DT B O4    
344 C C5    . DT B 10 ? 0.64802 0.65271 1.51208 -0.04210 -0.33411 -0.00403 21 DT B C5    
345 C C7    . DT B 10 ? 0.64929 0.65680 1.51195 -0.04290 -0.33621 -0.00102 21 DT B C7    
346 C C6    . DT B 10 ? 0.65145 0.66022 1.49927 -0.04217 -0.33920 -0.01131 21 DT B C6    
347 P P     . DC B 11 ? 0.65612 0.69445 1.53159 -0.03639 -0.38418 -0.07841 22 DC B P     
348 O OP1   . DC B 11 ? 0.68651 0.73111 1.55154 -0.03527 -0.39143 -0.09001 22 DC B OP1   
349 O OP2   . DC B 11 ? 0.64283 0.68671 1.54089 -0.03578 -0.39226 -0.08439 22 DC B OP2   
350 O "O5'" . DC B 11 ? 0.62083 0.64827 1.51617 -0.03653 -0.37290 -0.07077 22 DC B "O5'" 
351 C "C5'" . DC B 11 ? 0.61067 0.63282 1.49425 -0.03674 -0.36541 -0.06642 22 DC B "C5'" 
352 C "C4'" . DC B 11 ? 0.58288 0.59739 1.49294 -0.03613 -0.35705 -0.06155 22 DC B "C4'" 
353 O "O4'" . DC B 11 ? 0.57144 0.57988 1.48507 -0.03675 -0.34825 -0.04786 22 DC B "O4'" 
354 C "C3'" . DC B 11 ? 0.55121 0.56905 1.50088 -0.03440 -0.36460 -0.07553 22 DC B "C3'" 
355 O "O3'" . DC B 11 ? 0.54686 0.55932 1.51259 -0.03362 -0.35753 -0.07367 22 DC B "O3'" 
356 C "C2'" . DC B 11 ? 0.55305 0.56964 1.52312 -0.03435 -0.36409 -0.07171 22 DC B "C2'" 
357 C "C1'" . DC B 11 ? 0.54427 0.55242 1.49547 -0.03551 -0.35029 -0.05242 22 DC B "C1'" 
358 N N1    . DC B 11 ? 0.53071 0.53800 1.48334 -0.03614 -0.34882 -0.04521 22 DC B N1    
359 C C2    . DC B 11 ? 0.52421 0.52528 1.49623 -0.03559 -0.34009 -0.03547 22 DC B C2    
360 O O2    . DC B 11 ? 0.52073 0.51744 1.50851 -0.03448 -0.33363 -0.03271 22 DC B O2    
361 N N3    . DC B 11 ? 0.52220 0.52266 1.49541 -0.03614 -0.33885 -0.02921 22 DC B N3    
362 C C4    . DC B 11 ? 0.52618 0.53199 1.48288 -0.03727 -0.34582 -0.03216 22 DC B C4    
363 N N4    . DC B 11 ? 0.52400 0.52908 1.48345 -0.03780 -0.34414 -0.02570 22 DC B N4    
364 C C5    . DC B 11 ? 0.55723 0.56996 1.49421 -0.03769 -0.35477 -0.04180 22 DC B C5    
365 C C6    . DC B 11 ? 0.56435 0.57754 1.49989 -0.03705 -0.35599 -0.04813 22 DC B C6    
366 P P     . DG B 12 ? 0.56258 0.57788 1.56962 -0.03176 -0.36364 -0.08857 23 DG B P     
367 O OP1   . DG B 12 ? 0.56529 0.58278 1.56416 -0.03141 -0.36593 -0.09640 23 DG B OP1   
368 O OP2   . DG B 12 ? 0.57921 0.60136 1.60741 -0.03112 -0.37509 -0.10060 23 DG B OP2   
369 O "O5'" . DG B 12 ? 0.55322 0.56018 1.58481 -0.03099 -0.35142 -0.07725 23 DG B "O5'" 
370 C "C5'" . DG B 12 ? 0.54023 0.54158 1.56362 -0.03165 -0.34226 -0.06116 23 DG B "C5'" 
371 C "C4'" . DG B 12 ? 0.54258 0.54049 1.60409 -0.03014 -0.33758 -0.05861 23 DG B "C4'" 
372 O "O4'" . DG B 12 ? 0.54120 0.53848 1.60336 -0.03064 -0.33725 -0.05248 23 DG B "O4'" 
373 C "C3'" . DG B 12 ? 0.56086 0.56318 1.66228 -0.02859 -0.34618 -0.07540 23 DG B "C3'" 
374 O "O3'" . DG B 12 ? 0.55956 0.55720 1.69458 -0.02696 -0.33825 -0.07043 23 DG B "O3'" 
375 C "C2'" . DG B 12 ? 0.57197 0.57995 1.67622 -0.02912 -0.35667 -0.08301 23 DG B "C2'" 
376 C "C1'" . DG B 12 ? 0.55831 0.56059 1.65142 -0.02983 -0.34735 -0.06594 23 DG B "C1'" 
377 N N9    . DG B 12 ? 0.56093 0.56704 1.63850 -0.03109 -0.35365 -0.06619 23 DG B N9    
378 C C8    . DG B 12 ? 0.56744 0.58061 1.62211 -0.03208 -0.36378 -0.07443 23 DG B C8    
379 N N7    . DG B 12 ? 0.56819 0.58384 1.61400 -0.03298 -0.36700 -0.07171 23 DG B N7    
380 C C5    . DG B 12 ? 0.56163 0.57106 1.62542 -0.03265 -0.35847 -0.06123 23 DG B C5    
381 C C6    . DG B 12 ? 0.55931 0.56795 1.62443 -0.03326 -0.35709 -0.05412 23 DG B C6    
382 O O6    . DG B 12 ? 0.56251 0.57605 1.61319 -0.03432 -0.36334 -0.05555 23 DG B O6    
383 N N1    . DG B 12 ? 0.55281 0.55463 1.63922 -0.03231 -0.34715 -0.04435 23 DG B N1    
384 C C2    . DG B 12 ? 0.54919 0.54612 1.65351 -0.03084 -0.33948 -0.04154 23 DG B C2    
385 N N2    . DG B 12 ? 0.54354 0.53515 1.66711 -0.02972 -0.33024 -0.03157 23 DG B N2    
386 N N3    . DG B 12 ? 0.55109 0.54876 1.65483 -0.03035 -0.34058 -0.04786 23 DG B N3    
387 C C4    . DG B 12 ? 0.55728 0.56103 1.64032 -0.03137 -0.35023 -0.05767 23 DG B C4    
388 P P     . DC B 13 ? 0.57415 0.57392 1.75379 -0.02499 -0.34177 -0.08447 24 DC B P     
389 O OP1   . DC B 13 ? 0.56897 0.56722 1.74194 -0.02465 -0.33711 -0.08408 24 DC B OP1   
390 O OP2   . DC B 13 ? 0.59308 0.60063 1.78827 -0.02500 -0.35628 -0.10243 24 DC B OP2   
391 O "O5'" . DC B 13 ? 0.57099 0.56539 1.78331 -0.02333 -0.33215 -0.07499 24 DC B "O5'" 
392 C "C5'" . DC B 13 ? 0.55982 0.55028 1.75851 -0.02384 -0.32538 -0.05993 24 DC B "C5'" 
393 C "C4'" . DC B 13 ? 0.57051 0.56243 1.79886 -0.02321 -0.32987 -0.06466 24 DC B "C4'" 
394 O "O4'" . DC B 13 ? 0.57278 0.56846 1.77789 -0.02505 -0.33815 -0.06688 24 DC B "O4'" 
395 C "C3'" . DC B 13 ? 0.58974 0.58602 1.86140 -0.02179 -0.33831 -0.08259 24 DC B "C3'" 
396 O "O3'" . DC B 13 ? 0.59381 0.58754 1.90249 -0.02016 -0.33408 -0.07990 24 DC B "O3'" 
397 C "C2'" . DC B 13 ? 0.60191 0.60590 1.86128 -0.02326 -0.35324 -0.09625 24 DC B "C2'" 
398 C "C1'" . DC B 13 ? 0.59124 0.59296 1.82412 -0.02465 -0.35008 -0.08298 24 DC B "C1'" 
399 N N1    . DC B 13 ? 0.59630 0.60451 1.80178 -0.02643 -0.36125 -0.08943 24 DC B N1    
400 C C2    . DC B 13 ? 0.59539 0.60425 1.79472 -0.02732 -0.36286 -0.08420 24 DC B C2    
401 O O2    . DC B 13 ? 0.59036 0.59413 1.80671 -0.02665 -0.35504 -0.07458 24 DC B O2    
402 N N3    . DC B 13 ? 0.60029 0.61580 1.77559 -0.02873 -0.37278 -0.08968 24 DC B N3    
403 C C4    . DC B 13 ? 0.60617 0.62764 1.76360 -0.02906 -0.38089 -0.09999 24 DC B C4    
404 N N4    . DC B 13 ? 0.61138 0.64022 1.74556 -0.03008 -0.39039 -0.10478 24 DC B N4    
405 C C5    . DC B 13 ? 0.60728 0.62789 1.77034 -0.02819 -0.37945 -0.10575 24 DC B C5    
406 C C6    . DC B 13 ? 0.60217 0.61605 1.78965 -0.02698 -0.36959 -0.10022 24 DC B C6    
407 P P     . DA B 14 ? 0.58655 0.57396 1.92130 -0.01776 -0.31974 -0.06886 25 DA B P     
408 O OP1   . DA B 14 ? 0.56712 0.54976 1.86712 -0.01823 -0.30850 -0.05066 25 DA B OP1   
409 O OP2   . DA B 14 ? 0.59837 0.58788 1.96708 -0.01622 -0.32215 -0.08214 25 DA B OP2   
410 O "O5'" . DA B 14 ? 0.59054 0.57602 1.95512 -0.01655 -0.31699 -0.06479 25 DA B "O5'" 
411 C "C5'" . DA B 14 ? 0.58196 0.56573 1.92375 -0.01771 -0.31491 -0.05353 25 DA B "C5'" 
412 C "C4'" . DA B 14 ? 0.59463 0.58048 1.96606 -0.01736 -0.32119 -0.06054 25 DA B "C4'" 
413 O "O4'" . DA B 14 ? 0.60127 0.59284 1.95189 -0.01963 -0.33410 -0.06972 25 DA B "O4'" 
414 C "C3'" . DA B 14 ? 0.61152 0.59946 2.03369 -0.01540 -0.32510 -0.07476 25 DA B "C3'" 
415 O "O3'" . DA B 14 ? 0.61657 0.60265 2.07106 -0.01405 -0.32227 -0.07211 25 DA B "O3'" 
416 C "C2'" . DA B 14 ? 0.62633 0.62223 2.04525 -0.01694 -0.34138 -0.09396 25 DA B "C2'" 
417 C "C1'" . DA B 14 ? 0.62079 0.61853 2.00218 -0.01927 -0.34625 -0.08880 25 DA B "C1'" 
418 N N9    . DA B 14 ? 0.62625 0.63079 1.97992 -0.02107 -0.35825 -0.09991 25 DA B N9    
419 C C8    . DA B 14 ? 0.62957 0.63702 1.97593 -0.02108 -0.36208 -0.10916 25 DA B C8    
420 N N7    . DA B 14 ? 0.63487 0.64907 1.95468 -0.02261 -0.37320 -0.11797 25 DA B N7    
421 C C5    . DA B 14 ? 0.63485 0.65079 1.94408 -0.02372 -0.37686 -0.11402 25 DA B C5    
422 C C6    . DA B 14 ? 0.63948 0.66248 1.92234 -0.02529 -0.38754 -0.11889 25 DA B C6    
423 N N6    . DA B 14 ? 0.64548 0.67546 1.90633 -0.02585 -0.39690 -0.12927 25 DA B N6    
424 N N1    . DA B 14 ? 0.63800 0.66110 1.91838 -0.02604 -0.38803 -0.11249 25 DA B N1    
425 C C2    . DA B 14 ? 0.63233 0.64863 1.93468 -0.02527 -0.37850 -0.10212 25 DA B C2    
426 N N3    . DA B 14 ? 0.62798 0.63751 1.95574 -0.02360 -0.36804 -0.09668 25 DA B N3    
427 C C4    . DA B 14 ? 0.62946 0.63930 1.95941 -0.02289 -0.36777 -0.10303 25 DA B C4    
428 P P     . DA C 1  ? 0.34130 0.37143 0.60838 -0.04511 0.08252  -0.09223 0  DA C P     
429 O OP1   . DA C 1  ? 0.32772 0.35430 0.60228 -0.04168 0.08451  -0.09459 0  DA C OP1   
430 O OP2   . DA C 1  ? 0.34084 0.37340 0.59605 -0.04856 0.08349  -0.09279 0  DA C OP2   
431 O "O5'" . DA C 1  ? 0.37018 0.40227 0.64315 -0.04797 0.07697  -0.08706 0  DA C "O5'" 
432 C "C5'" . DA C 1  ? 0.38803 0.42216 0.65488 -0.05337 0.07363  -0.08385 0  DA C "C5'" 
433 C "C4'" . DA C 1  ? 0.41211 0.44609 0.68437 -0.05587 0.06792  -0.07931 0  DA C "C4'" 
434 O "O4'" . DA C 1  ? 0.42321 0.45803 0.69692 -0.05442 0.06747  -0.07891 0  DA C "O4'" 
435 C "C3'" . DA C 1  ? 0.42908 0.46340 0.69400 -0.06214 0.06346  -0.07562 0  DA C "C3'" 
436 O "O3'" . DA C 1  ? 0.43282 0.46497 0.70421 -0.06414 0.05805  -0.07197 0  DA C "O3'" 
437 C "C2'" . DA C 1  ? 0.44547 0.48205 0.70276 -0.06329 0.06369  -0.07534 0  DA C "C2'" 
438 C "C1'" . DA C 1  ? 0.44127 0.47782 0.70622 -0.05873 0.06503  -0.07654 0  DA C "C1'" 
439 N N9    . DA C 1  ? 0.44307 0.48090 0.70218 -0.05670 0.06885  -0.07918 0  DA C N9    
440 C C8    . DA C 1  ? 0.42974 0.46787 0.68161 -0.05525 0.07353  -0.08287 0  DA C C8    
441 N N7    . DA C 1  ? 0.42940 0.46776 0.67671 -0.05370 0.07594  -0.08467 0  DA C N7    
442 C C5    . DA C 1  ? 0.44224 0.48086 0.69451 -0.05403 0.07293  -0.08200 0  DA C C5    
443 C C6    . DA C 1  ? 0.46665 0.50544 0.71745 -0.05314 0.07353  -0.08215 0  DA C C6    
444 N N6    . DA C 1  ? 0.46985 0.50807 0.71335 -0.05155 0.07745  -0.08524 0  DA C N6    
445 N N1    . DA C 1  ? 0.48281 0.52201 0.73958 -0.05417 0.06979  -0.07906 0  DA C N1    
446 C C2    . DA C 1  ? 0.47017 0.50920 0.73363 -0.05597 0.06548  -0.07609 0  DA C C2    
447 N N3    . DA C 1  ? 0.45598 0.49434 0.72129 -0.05695 0.06440  -0.07560 0  DA C N3    
448 C C4    . DA C 1  ? 0.44940 0.48777 0.70893 -0.05591 0.06844  -0.07863 0  DA C C4    
449 P P     . DC C 2  ? 0.44746 0.47741 0.71255 -0.07095 0.05214  -0.06777 1  DC C P     
450 O OP1   . DC C 2  ? 0.43370 0.45997 0.70559 -0.07185 0.05094  -0.06779 1  DC C OP1   
451 O OP2   . DC C 2  ? 0.45964 0.49129 0.71223 -0.07440 0.05292  -0.06776 1  DC C OP2   
452 O "O5'" . DC C 2  ? 0.45761 0.48715 0.72694 -0.07181 0.04765  -0.06491 1  DC C "O5'" 
453 C "C5'" . DC C 2  ? 0.46406 0.49637 0.73561 -0.06841 0.04968  -0.06605 1  DC C "C5'" 
454 C "C4'" . DC C 2  ? 0.48638 0.51965 0.75004 -0.07220 0.04694  -0.06372 1  DC C "C4'" 
455 O "O4'" . DC C 2  ? 0.48722 0.52350 0.74698 -0.06952 0.05151  -0.06633 1  DC C "O4'" 
456 C "C3'" . DC C 2  ? 0.49337 0.52524 0.74608 -0.07814 0.04404  -0.06146 1  DC C "C3'" 
457 O "O3'" . DC C 2  ? 0.49543 0.52570 0.74532 -0.08241 0.03843  -0.05774 1  DC C "O3'" 
458 C "C2'" . DC C 2  ? 0.50803 0.54321 0.75219 -0.07730 0.04878  -0.06402 1  DC C "C2'" 
459 C "C1'" . DC C 2  ? 0.50378 0.54104 0.75197 -0.07342 0.05102  -0.06539 1  DC C "C1'" 
460 N N1    . DC C 2  ? 0.50298 0.54288 0.74613 -0.07026 0.05693  -0.06912 1  DC C N1    
461 C C2    . DC C 2  ? 0.52443 0.56565 0.76645 -0.06879 0.05813  -0.06960 1  DC C C2    
462 O O2    . DC C 2  ? 0.53687 0.57754 0.78229 -0.07023 0.05436  -0.06690 1  DC C O2    
463 N N3    . DC C 2  ? 0.53052 0.57315 0.76738 -0.06601 0.06332  -0.07310 1  DC C N3    
464 C C4    . DC C 2  ? 0.51668 0.55965 0.74953 -0.06472 0.06709  -0.07612 1  DC C C4    
465 N N4    . DC C 2  ? 0.52457 0.56817 0.75164 -0.06214 0.07183  -0.07973 1  DC C N4    
466 C C5    . DC C 2  ? 0.49121 0.53341 0.72537 -0.06624 0.06605  -0.07570 1  DC C C5    
467 C C6    . DC C 2  ? 0.49216 0.53271 0.73146 -0.06901 0.06099  -0.07211 1  DC C C6    
468 P P     . DA C 3  ? 0.50205 0.52783 0.75690 -0.08519 0.03232  -0.05456 2  DA C P     
469 O OP1   . DA C 3  ? 0.48898 0.51540 0.75803 -0.08026 0.03348  -0.05611 2  DA C OP1   
470 O OP2   . DA C 3  ? 0.51823 0.54022 0.76840 -0.08889 0.03071  -0.05383 2  DA C OP2   
471 O "O5'" . DA C 3  ? 0.55114 0.57618 0.80064 -0.08945 0.02747  -0.05132 2  DA C "O5'" 
472 C "C5'" . DA C 3  ? 0.56682 0.59478 0.81980 -0.08727 0.02811  -0.05154 2  DA C "C5'" 
473 C "C4'" . DA C 3  ? 0.59283 0.62184 0.83541 -0.09079 0.02701  -0.05008 2  DA C "C4'" 
474 O "O4'" . DA C 3  ? 0.58124 0.61410 0.82090 -0.08757 0.03274  -0.05298 2  DA C "O4'" 
475 C "C3'" . DA C 3  ? 0.60626 0.63233 0.83806 -0.09656 0.02367  -0.04777 2  DA C "C3'" 
476 O "O3'" . DA C 3  ? 0.63994 0.66208 0.87056 -0.10104 0.01732  -0.04435 2  DA C "O3'" 
477 C "C2'" . DA C 3  ? 0.60353 0.63271 0.82621 -0.09721 0.02620  -0.04835 2  DA C "C2'" 
478 C "C1'" . DA C 3  ? 0.57903 0.61238 0.80717 -0.09104 0.03259  -0.05216 2  DA C "C1'" 
479 N N9    . DA C 3  ? 0.55520 0.59040 0.78050 -0.08881 0.03766  -0.05523 2  DA C N9    
480 C C8    . DA C 3  ? 0.55805 0.59163 0.78253 -0.08980 0.03783  -0.05568 2  DA C C8    
481 N N7    . DA C 3  ? 0.55323 0.58940 0.77492 -0.08729 0.04313  -0.05896 2  DA C N7    
482 C C5    . DA C 3  ? 0.54562 0.58493 0.76608 -0.08433 0.04667  -0.06084 2  DA C C5    
483 C C6    . DA C 3  ? 0.54588 0.58826 0.76274 -0.08082 0.05273  -0.06470 2  DA C C6    
484 N N6    . DA C 3  ? 0.54234 0.58568 0.75633 -0.07968 0.05643  -0.06750 2  DA C N6    
485 N N1    . DA C 3  ? 0.56703 0.61106 0.78282 -0.07866 0.05485  -0.06575 2  DA C N1    
486 C C2    . DA C 3  ? 0.56844 0.61160 0.78693 -0.08003 0.05123  -0.06302 2  DA C C2    
487 N N3    . DA C 3  ? 0.54847 0.58920 0.77050 -0.08329 0.04544  -0.05939 2  DA C N3    
488 C C4    . DA C 3  ? 0.54561 0.58432 0.76835 -0.08527 0.04338  -0.05850 2  DA C C4    
489 P P     . DC C 4  ? 0.64809 0.66977 0.87030 -0.10559 0.01353  -0.04157 3  DC C P     
490 O OP1   . DC C 4  ? 0.64518 0.67128 0.86827 -0.10276 0.01667  -0.04279 3  DC C OP1   
491 O OP2   . DC C 4  ? 0.67427 0.69183 0.89866 -0.10872 0.00791  -0.03909 3  DC C OP2   
492 O "O5'" . DC C 4  ? 0.64271 0.66273 0.85261 -0.10999 0.01262  -0.04040 3  DC C "O5'" 
493 C "C5'" . DC C 4  ? 0.63544 0.65189 0.84326 -0.11186 0.01176  -0.04030 3  DC C "C5'" 
494 C "C4'" . DC C 4  ? 0.64813 0.65906 0.84712 -0.11845 0.00586  -0.03695 3  DC C "C4'" 
495 O "O4'" . DC C 4  ? 0.62082 0.62690 0.81963 -0.12010 0.00464  -0.03690 3  DC C "O4'" 
496 C "C3'" . DC C 4  ? 0.67615 0.68450 0.87689 -0.12068 0.00129  -0.03487 3  DC C "C3'" 
497 O "O3'" . DC C 4  ? 0.70329 0.70770 0.89328 -0.12682 -0.00327 -0.03209 3  DC C "O3'" 
498 C "C2'" . DC C 4  ? 0.62658 0.63143 0.83579 -0.11926 0.00029  -0.03543 3  DC C "C2'" 
499 C "C1'" . DC C 4  ? 0.60088 0.60250 0.80475 -0.12106 0.00100  -0.03579 3  DC C "C1'" 
500 N N1    . DC C 4  ? 0.55484 0.55552 0.76928 -0.11721 0.00350  -0.03813 3  DC C N1    
501 C C2    . DC C 4  ? 0.50958 0.50354 0.72565 -0.11959 0.00105  -0.03785 3  DC C C2    
502 O O2    . DC C 4  ? 0.49909 0.48779 0.70644 -0.12505 -0.00315 -0.03563 3  DC C O2    
503 N N3    . DC C 4  ? 0.49230 0.48530 0.71918 -0.11582 0.00347  -0.04009 3  DC C N3    
504 C C4    . DC C 4  ? 0.49990 0.49859 0.73554 -0.10998 0.00820  -0.04262 3  DC C C4    
505 N N4    . DC C 4  ? 0.47414 0.47166 0.72040 -0.10640 0.01047  -0.04475 3  DC C N4    
506 C C5    . DC C 4  ? 0.54542 0.55078 0.77913 -0.10753 0.01091  -0.04313 3  DC C C5    
507 C C6    . DC C 4  ? 0.56522 0.57124 0.78844 -0.11123 0.00841  -0.04080 3  DC C C6    
508 P P     . DC C 5  ? 0.71030 0.71243 0.89940 -0.12996 -0.00773 -0.03013 4  DC C P     
509 O OP1   . DC C 5  ? 0.76924 0.76926 0.94574 -0.13559 -0.01082 -0.02776 4  DC C OP1   
510 O OP2   . DC C 5  ? 0.73546 0.74252 0.93382 -0.12545 -0.00564 -0.03130 4  DC C OP2   
511 O "O5'" . DC C 5  ? 0.61333 0.60959 0.80673 -0.13111 -0.01050 -0.02999 4  DC C "O5'" 
512 C "C5'" . DC C 5  ? 0.59209 0.58253 0.77905 -0.13455 -0.01188 -0.02951 4  DC C "C5'" 
513 C "C4'" . DC C 5  ? 0.51773 0.50268 0.71347 -0.13462 -0.01439 -0.02997 4  DC C "C4'" 
514 O "O4'" . DC C 5  ? 0.50533 0.49016 0.71282 -0.12998 -0.01189 -0.03198 4  DC C "O4'" 
515 C "C3'" . DC C 5  ? 0.45894 0.44563 0.66391 -0.13293 -0.01652 -0.02967 4  DC C "C3'" 
516 O "O3'" . DC C 5  ? 0.41228 0.39302 0.61613 -0.13654 -0.02076 -0.02861 4  DC C "O3'" 
517 C "C2'" . DC C 5  ? 0.44743 0.43677 0.66976 -0.12642 -0.01457 -0.03145 4  DC C "C2'" 
518 C "C1'" . DC C 5  ? 0.46107 0.44625 0.68384 -0.12618 -0.01318 -0.03251 4  DC C "C1'" 
519 N N1    . DC C 5  ? 0.44872 0.43748 0.68397 -0.12004 -0.00923 -0.03481 4  DC C N1    
520 C C2    . DC C 5  ? 0.41580 0.40016 0.65938 -0.11832 -0.00918 -0.03582 4  DC C C2    
521 O O2    . DC C 5  ? 0.40415 0.38133 0.64426 -0.12195 -0.01251 -0.03465 4  DC C O2    
522 N N3    . DC C 5  ? 0.40281 0.39055 0.65775 -0.11273 -0.00536 -0.03809 4  DC C N3    
523 C C4    . DC C 5  ? 0.42038 0.41533 0.67822 -0.10892 -0.00162 -0.03946 4  DC C C4    
524 N N4    . DC C 5  ? 0.41236 0.41024 0.68120 -0.10343 0.00234  -0.04192 4  DC C N4    
525 C C5    . DC C 5  ? 0.46556 0.46460 0.71489 -0.11054 -0.00168 -0.03841 4  DC C C5    
526 C C6    . DC C 5  ? 0.47414 0.47000 0.71251 -0.11611 -0.00558 -0.03603 4  DC C C6    
527 P P     . DG C 6  ? 0.34997 0.33225 0.55706 -0.13722 -0.02391 -0.02756 5  DG C P     
528 O OP1   . DG C 6  ? 0.33736 0.31285 0.54095 -0.14124 -0.02781 -0.02664 5  DG C OP1   
529 O OP2   . DG C 6  ? 0.34713 0.33498 0.54545 -0.13821 -0.02201 -0.02718 5  DG C OP2   
530 O "O5'" . DG C 6  ? 0.35844 0.34384 0.58518 -0.13102 -0.02436 -0.02818 5  DG C "O5'" 
531 C "C5'" . DG C 6  ? 0.33239 0.31498 0.57014 -0.13027 -0.02899 -0.02716 5  DG C "C5'" 
532 C "C4'" . DG C 6  ? 0.36215 0.33849 0.60711 -0.12911 -0.03054 -0.02723 5  DG C "C4'" 
533 O "O4'" . DG C 6  ? 0.38685 0.36346 0.62913 -0.12772 -0.02603 -0.02892 5  DG C "O4'" 
534 C "C3'" . DG C 6  ? 0.34823 0.32512 0.61282 -0.12415 -0.03328 -0.02694 5  DG C "C3'" 
535 O "O3'" . DG C 6  ? 0.34149 0.31498 0.60995 -0.12574 -0.03918 -0.02481 5  DG C "O3'" 
536 C "C2'" . DG C 6  ? 0.39071 0.36278 0.65961 -0.12240 -0.03199 -0.02790 5  DG C "C2'" 
537 C "C1'" . DG C 6  ? 0.38823 0.36283 0.64504 -0.12344 -0.02627 -0.02965 5  DG C "C1'" 
538 N N9    . DG C 6  ? 0.40567 0.38709 0.67096 -0.11820 -0.02184 -0.03159 5  DG C N9    
539 C C8    . DG C 6  ? 0.41214 0.40071 0.67478 -0.11688 -0.01884 -0.03228 5  DG C C8    
540 N N7    . DG C 6  ? 0.42305 0.41616 0.69474 -0.11177 -0.01490 -0.03426 5  DG C N7    
541 C C5    . DG C 6  ? 0.42097 0.41003 0.70209 -0.10960 -0.01526 -0.03496 5  DG C C5    
542 C C6    . DG C 6  ? 0.41483 0.40601 0.70807 -0.10419 -0.01183 -0.03712 5  DG C C6    
543 O O6    . DG C 6  ? 0.42857 0.42576 0.72655 -0.10010 -0.00762 -0.03900 5  DG C O6    
544 N N1    . DG C 6  ? 0.40191 0.38699 0.70178 -0.10373 -0.01360 -0.03705 5  DG C N1    
545 C C2    . DG C 6  ? 0.39306 0.37039 0.68812 -0.10793 -0.01816 -0.03508 5  DG C C2    
546 N N2    . DG C 6  ? 0.38773 0.35907 0.69017 -0.10669 -0.01925 -0.03525 5  DG C N2    
547 N N3    . DG C 6  ? 0.39930 0.37449 0.68285 -0.11297 -0.02134 -0.03314 5  DG C N3    
548 C C4    . DG C 6  ? 0.40791 0.38951 0.68520 -0.11352 -0.01962 -0.03323 5  DG C C4    
549 O "O5'" . DT D 1  ? 0.82884 1.08176 2.27495 0.04867  -0.47578 -0.52351 -3 DT D "O5'" 
550 C "C5'" . DT D 1  ? 0.84260 1.09659 2.26940 0.06157  -0.49731 -0.52951 -3 DT D "C5'" 
551 C "C4'" . DT D 1  ? 0.81633 1.06761 2.22662 0.05828  -0.47988 -0.51097 -3 DT D "C4'" 
552 O "O4'" . DT D 1  ? 0.79664 1.05197 2.24280 0.04351  -0.45053 -0.50220 -3 DT D "O4'" 
553 C "C3'" . DT D 1  ? 0.78556 1.01687 2.11771 0.06088  -0.47028 -0.48354 -3 DT D "C3'" 
554 O "O3'" . DT D 1  ? 0.77725 1.00936 2.09546 0.06408  -0.46904 -0.47616 -3 DT D "O3'" 
555 C "C2'" . DT D 1  ? 0.75267 0.97617 2.07810 0.04705  -0.43863 -0.46284 -3 DT D "C2'" 
556 C "C1'" . DT D 1  ? 0.75791 0.99686 2.15205 0.03768  -0.42586 -0.47240 -3 DT D "C1'" 
557 N N1    . DT D 1  ? 0.74395 0.98158 2.16118 0.02485  -0.40078 -0.46555 -3 DT D N1    
558 C C2    . DT D 1  ? 0.73693 0.98129 2.19746 0.01525  -0.37928 -0.46362 -3 DT D C2    
559 O O2    . DT D 1  ? 0.74066 0.99253 2.22257 0.01624  -0.37983 -0.46702 -3 DT D O2    
560 N N3    . DT D 1  ? 0.72656 0.96805 2.20436 0.00468  -0.35659 -0.45765 -3 DT D N3    
561 C C4    . DT D 1  ? 0.72181 0.95561 2.17856 0.00239  -0.35382 -0.45343 -3 DT D C4    
562 O O4    . DT D 1  ? 0.71355 0.94539 2.18788 -0.00718 -0.33242 -0.44837 -3 DT D O4    
563 C C5    . DT D 1  ? 0.72867 0.95623 2.14075 0.01238  -0.37747 -0.45550 -3 DT D C5    
564 C C7    . DT D 1  ? 0.72480 0.94369 2.11098 0.01081  -0.37682 -0.45117 -3 DT D C7    
565 C C6    . DT D 1  ? 0.73978 0.96894 2.13424 0.02325  -0.39930 -0.46143 -3 DT D C6    
566 P P     . DC D 2  ? 0.77003 0.98758 2.01653 0.07542  -0.47909 -0.46351 -2 DC D P     
567 O OP1   . DC D 2  ? 0.80835 1.03388 2.06552 0.09018  -0.51143 -0.48690 -2 DC D OP1   
568 O OP2   . DC D 2  ? 0.75022 0.94974 1.94267 0.07431  -0.47020 -0.44628 -2 DC D OP2   
569 O "O5'" . DC D 2  ? 0.74141 0.95793 1.97556 0.06931  -0.45833 -0.44412 -2 DC D "O5'" 
570 C "C5'" . DC D 2  ? 0.70679 0.91722 1.93626 0.05589  -0.42686 -0.42261 -2 DC D "C5'" 
571 C "C4'" . DC D 2  ? 0.70673 0.93096 1.99524 0.04709  -0.41350 -0.42734 -2 DC D "C4'" 
572 O "O4'" . DC D 2  ? 0.70664 0.93440 2.03585 0.03731  -0.39963 -0.43146 -2 DC D "O4'" 
573 C "C3'" . DC D 2  ? 0.67467 0.89254 1.94152 0.04013  -0.38881 -0.40385 -2 DC D "C3'" 
574 O "O3'" . DC D 2  ? 0.68431 0.91650 2.00413 0.03681  -0.38574 -0.41311 -2 DC D "O3'" 
575 C "C2'" . DC D 2  ? 0.65042 0.85851 1.90952 0.02971  -0.36323 -0.38798 -2 DC D "C2'" 
576 C "C1'" . DC D 2  ? 0.67598 0.89679 1.99898 0.02656  -0.36891 -0.41023 -2 DC D "C1'" 
577 N N1    . DC D 2  ? 0.66527 0.87914 1.98683 0.01929  -0.35363 -0.40375 -2 DC D N1    
578 C C2    . DC D 2  ? 0.65565 0.87124 2.01287 0.00839  -0.32837 -0.39883 -2 DC D C2    
579 O O2    . DC D 2  ? 0.65577 0.87776 2.04473 0.00490  -0.31868 -0.39946 -2 DC D O2    
580 N N3    . DC D 2  ? 0.64751 0.85716 2.00287 0.00232  -0.31480 -0.39349 -2 DC D N3    
581 C C4    . DC D 2  ? 0.64788 0.85077 1.96883 0.00623  -0.32581 -0.39281 -2 DC D C4    
582 N N4    . DC D 2  ? 0.63986 0.83769 1.96031 -0.00017 -0.31181 -0.38744 -2 DC D N4    
583 C C5    . DC D 2  ? 0.65789 0.85827 1.94295 0.01728  -0.35129 -0.39774 -2 DC D C5    
584 C C6    . DC D 2  ? 0.66680 0.87256 1.95320 0.02370  -0.36428 -0.40323 -2 DC D C6    
585 P P     . DT D 3  ? 0.66082 0.89015 1.96405 0.03300  -0.36838 -0.39444 -1 DT D P     
586 O OP1   . DT D 3  ? 0.68294 0.92603 2.00877 0.04048  -0.38796 -0.40964 -1 DT D OP1   
587 O OP2   . DT D 3  ? 0.62955 0.84061 1.86193 0.03248  -0.35577 -0.36882 -1 DT D OP2   
588 O "O5'" . DT D 3  ? 0.65248 0.88543 2.00491 0.02076  -0.34225 -0.39111 -1 DT D "O5'" 
589 C "C5'" . DT D 3  ? 0.64594 0.87332 2.00908 0.01360  -0.32704 -0.38806 -1 DT D "C5'" 
590 C "C4'" . DT D 3  ? 0.61282 0.82617 1.94748 0.00556  -0.29644 -0.36194 -1 DT D "C4'" 
591 O "O4'" . DT D 3  ? 0.60422 0.80933 1.93026 0.00100  -0.28477 -0.35642 -1 DT D "O4'" 
592 C "C3'" . DT D 3  ? 0.58615 0.78630 1.85123 0.00860  -0.29237 -0.33927 -1 DT D "C3'" 
593 O "O3'" . DT D 3  ? 0.56430 0.75792 1.82450 0.00201  -0.26715 -0.32123 -1 DT D "O3'" 
594 C "C2'" . DT D 3  ? 0.57334 0.76097 1.79279 0.00942  -0.29125 -0.32983 -1 DT D "C2'" 
595 C "C1'" . DT D 3  ? 0.57489 0.76366 1.83397 0.00133  -0.27440 -0.33266 -1 DT D "C1'" 
596 N N1    . DT D 3  ? 0.57225 0.75442 1.81164 0.00104  -0.27536 -0.33160 -1 DT D N1    
597 C C2    . DT D 3  ? 0.56567 0.74476 1.82366 -0.00656 -0.25522 -0.32724 -1 DT D C2    
598 O O2    . DT D 3  ? 0.56302 0.74364 1.85308 -0.01268 -0.23620 -0.32450 -1 DT D O2    
599 N N3    . DT D 3  ? 0.56359 0.73728 1.80130 -0.00646 -0.25767 -0.32636 -1 DT D N3    
600 C C4    . DT D 3  ? 0.56761 0.73783 1.76885 0.00050  -0.27761 -0.32915 -1 DT D C4    
601 O O4    . DT D 3  ? 0.56563 0.73087 1.75127 -0.00013 -0.27791 -0.32787 -1 DT D O4    
602 C C5    . DT D 3  ? 0.57554 0.74792 1.75802 0.00888  -0.29761 -0.33375 -1 DT D C5    
603 C C7    . DT D 3  ? 0.58295 0.75007 1.72487 0.01786  -0.31927 -0.33732 -1 DT D C7    
604 C C6    . DT D 3  ? 0.57721 0.75579 1.77924 0.00867  -0.29563 -0.33474 -1 DT D C6    
605 P P     . DG D 4  ? 0.55267 0.74556 1.79016 0.00382  -0.26510 -0.30991 0  DG D P     
606 O OP1   . DG D 4  ? 0.57882 0.78881 1.86665 0.00679  -0.28079 -0.32995 0  DG D OP1   
607 O OP2   . DG D 4  ? 0.53485 0.71657 1.70297 0.00872  -0.27052 -0.29544 0  DG D OP2   
608 O "O5'" . DG D 4  ? 0.53169 0.71584 1.77244 -0.00444 -0.23432 -0.29178 0  DG D "O5'" 
609 C "C5'" . DG D 4  ? 0.53945 0.72542 1.82825 -0.01074 -0.21910 -0.29771 0  DG D "C5'" 
610 C "C4'" . DG D 4  ? 0.51622 0.68660 1.77137 -0.01483 -0.19715 -0.27876 0  DG D "C4'" 
611 O "O4'" . DG D 4  ? 0.51741 0.68524 1.75306 -0.01298 -0.20669 -0.28252 0  DG D "O4'" 
612 C "C3'" . DG D 4  ? 0.48674 0.64321 1.67954 -0.01413 -0.18566 -0.25393 0  DG D "C3'" 
613 O "O3'" . DG D 4  ? 0.47189 0.61767 1.66146 -0.01899 -0.15951 -0.23937 0  DG D "O3'" 
614 C "C2'" . DG D 4  ? 0.47719 0.62732 1.61785 -0.00997 -0.19770 -0.24930 0  DG D "C2'" 
615 C "C1'" . DG D 4  ? 0.49022 0.64331 1.66168 -0.01222 -0.19793 -0.26114 0  DG D "C1'" 
616 N N9    . DG D 4  ? 0.49166 0.64262 1.63315 -0.00812 -0.21365 -0.26473 0  DG D N9    
617 C C8    . DG D 4  ? 0.49709 0.64962 1.61032 -0.00118 -0.23557 -0.26959 0  DG D C8    
618 N N7    . DG D 4  ? 0.49835 0.64675 1.58838 0.00154  -0.24473 -0.27171 0  DG D N7    
619 C C5    . DG D 4  ? 0.49238 0.63732 1.59632 -0.00439 -0.22808 -0.26786 0  DG D C5    
620 C C6    . DG D 4  ? 0.49071 0.63103 1.58147 -0.00501 -0.22814 -0.26774 0  DG D C6    
621 O O6    . DG D 4  ? 0.49439 0.63202 1.55783 -0.00022 -0.24335 -0.27099 0  DG D O6    
622 N N1    . DG D 4  ? 0.48516 0.62355 1.59778 -0.01175 -0.20747 -0.26335 0  DG D N1    
623 C C2    . DG D 4  ? 0.48274 0.62224 1.62574 -0.01667 -0.18870 -0.25968 0  DG D C2    
624 N N2    . DG D 4  ? 0.47946 0.61574 1.63941 -0.02212 -0.16941 -0.25608 0  DG D N2    
625 N N3    . DG D 4  ? 0.48445 0.62753 1.64016 -0.01605 -0.18835 -0.25956 0  DG D N3    
626 C C4    . DG D 4  ? 0.48872 0.63492 1.62383 -0.01008 -0.20873 -0.26369 0  DG D C4    
627 P P     . DC D 5  ? 0.48337 0.63240 1.73030 -0.02387 -0.14150 -0.24389 1  DC D P     
628 O OP1   . DC D 5  ? 0.50179 0.65641 1.79697 -0.02720 -0.13844 -0.25917 1  DC D OP1   
629 O OP2   . DC D 5  ? 0.49312 0.65153 1.76208 -0.02250 -0.15020 -0.25027 1  DC D OP2   
630 O "O5'" . DC D 5  ? 0.45896 0.59135 1.66982 -0.02577 -0.11552 -0.22016 1  DC D "O5'" 
631 C "C5'" . DC D 5  ? 0.43586 0.55648 1.58506 -0.02392 -0.11269 -0.20377 1  DC D "C5'" 
632 C "C4'" . DC D 5  ? 0.43516 0.55072 1.58879 -0.02624 -0.10118 -0.20335 1  DC D "C4'" 
633 O "O4'" . DC D 5  ? 0.44100 0.56171 1.58670 -0.02462 -0.11938 -0.21331 1  DC D "O4'" 
634 C "C3'" . DC D 5  ? 0.41049 0.51096 1.51355 -0.02572 -0.08395 -0.18211 1  DC D "C3'" 
635 O "O3'" . DC D 5  ? 0.41512 0.51201 1.54011 -0.02861 -0.06729 -0.18317 1  DC D "O3'" 
636 C "C2'" . DC D 5  ? 0.39781 0.49625 1.44984 -0.02257 -0.09954 -0.17778 1  DC D "C2'" 
637 C "C1'" . DC D 5  ? 0.41955 0.52936 1.50870 -0.02308 -0.11577 -0.19822 1  DC D "C1'" 
638 N N1    . DC D 5  ? 0.41896 0.53151 1.47700 -0.01895 -0.13835 -0.20226 1  DC D N1    
639 C C2    . DC D 5  ? 0.41810 0.52883 1.45938 -0.01824 -0.14445 -0.20449 1  DC D C2    
640 O O2    . DC D 5  ? 0.41716 0.52497 1.47000 -0.02145 -0.13113 -0.20300 1  DC D O2    
641 N N3    . DC D 5  ? 0.41941 0.53127 1.43230 -0.01381 -0.16432 -0.20834 1  DC D N3    
642 C C4    . DC D 5  ? 0.42177 0.53666 1.42283 -0.01011 -0.17749 -0.21019 1  DC D C4    
643 N N4    . DC D 5  ? 0.44040 0.55520 1.41291 -0.00504 -0.19611 -0.21436 1  DC D N4    
644 C C5    . DC D 5  ? 0.42193 0.53976 1.43972 -0.01115 -0.17174 -0.20792 1  DC D C5    
645 C C6    . DC D 5  ? 0.42038 0.53679 1.46652 -0.01565 -0.15231 -0.20390 1  DC D C6    
646 P P     . DG D 6  ? 0.39512 0.47724 1.48207 -0.02796 -0.04529 -0.16363 2  DG D P     
647 O OP1   . DG D 6  ? 0.40818 0.48789 1.53936 -0.03086 -0.02377 -0.16693 2  DG D OP1   
648 O OP2   . DG D 6  ? 0.37495 0.44995 1.41247 -0.02468 -0.04627 -0.14763 2  DG D OP2   
649 O "O5'" . DG D 6  ? 0.38636 0.46633 1.44172 -0.02744 -0.05076 -0.16174 2  DG D "O5'" 
650 C "C5'" . DG D 6  ? 0.39735 0.47856 1.48121 -0.03052 -0.04190 -0.16934 2  DG D "C5'" 
651 C "C4'" . DG D 6  ? 0.38738 0.46335 1.42625 -0.02926 -0.04405 -0.16125 2  DG D "C4'" 
652 O "O4'" . DG D 6  ? 0.41192 0.49288 1.42779 -0.02710 -0.06740 -0.16572 2  DG D "O4'" 
653 C "C3'" . DG D 6  ? 0.41470 0.47833 1.39916 -0.02624 -0.03196 -0.14070 2  DG D "C3'" 
654 O "O3'" . DG D 6  ? 0.43601 0.49465 1.40651 -0.02692 -0.02124 -0.13603 2  DG D "O3'" 
655 C "C2'" . DG D 6  ? 0.42834 0.49136 1.36466 -0.02290 -0.04962 -0.13435 2  DG D "C2'" 
656 C "C1'" . DG D 6  ? 0.41075 0.48318 1.36452 -0.02373 -0.06908 -0.14974 2  DG D "C1'" 
657 N N9    . DG D 6  ? 0.40310 0.47888 1.33699 -0.02090 -0.08850 -0.15191 2  DG D N9    
658 C C8    . DG D 6  ? 0.39977 0.47725 1.33600 -0.01975 -0.09228 -0.15090 2  DG D C8    
659 N N7    . DG D 6  ? 0.40627 0.48656 1.32119 -0.01700 -0.11025 -0.15377 2  DG D N7    
660 C C5    . DG D 6  ? 0.40881 0.48859 1.30625 -0.01599 -0.11897 -0.15685 2  DG D C5    
661 C C6    . DG D 6  ? 0.42712 0.50792 1.29821 -0.01254 -0.13766 -0.16095 2  DG D C6    
662 O O6    . DG D 6  ? 0.43878 0.52142 1.29594 -0.00952 -0.15043 -0.16293 2  DG D O6    
663 N N1    . DG D 6  ? 0.42996 0.50897 1.29046 -0.01250 -0.14041 -0.16283 2  DG D N1    
664 C C2    . DG D 6  ? 0.41934 0.49669 1.29311 -0.01574 -0.12694 -0.16109 2  DG D C2    
665 N N2    . DG D 6  ? 0.42786 0.50405 1.28840 -0.01542 -0.13221 -0.16330 2  DG D N2    
666 N N3    . DG D 6  ? 0.40564 0.48212 1.30399 -0.01888 -0.10901 -0.15758 2  DG D N3    
667 C C4    . DG D 6  ? 0.40420 0.48160 1.31313 -0.01863 -0.10603 -0.15560 2  DG D C4    
668 P P     . DA D 7  ? 0.47137 0.51804 1.39068 -0.02364 -0.00726 -0.11684 3  DA D P     
669 O OP1   . DA D 7  ? 0.47272 0.51669 1.39741 -0.02535 0.00562  -0.11708 3  DA D OP1   
670 O OP2   . DA D 7  ? 0.47650 0.51766 1.39409 -0.02160 0.00330  -0.10849 3  DA D OP2   
671 O "O5'" . DA D 7  ? 0.46811 0.51346 1.33134 -0.02065 -0.02406 -0.10907 3  DA D "O5'" 
672 C "C5'" . DA D 7  ? 0.46865 0.51007 1.29531 -0.01966 -0.02360 -0.10242 3  DA D "C5'" 
673 C "C4'" . DA D 7  ? 0.43257 0.48038 1.26072 -0.02087 -0.04106 -0.11244 3  DA D "C4'" 
674 O "O4'" . DA D 7  ? 0.42226 0.47601 1.26024 -0.02024 -0.05830 -0.12050 3  DA D "O4'" 
675 C "C3'" . DA D 7  ? 0.41125 0.45457 1.18721 -0.01861 -0.04706 -0.10361 3  DA D "C3'" 
676 O "O3'" . DA D 7  ? 0.38261 0.43069 1.17125 -0.02057 -0.05565 -0.11352 3  DA D "O3'" 
677 C "C2'" . DA D 7  ? 0.38913 0.43182 1.13615 -0.01585 -0.06077 -0.10025 3  DA D "C2'" 
678 C "C1'" . DA D 7  ? 0.39288 0.44450 1.18604 -0.01749 -0.07202 -0.11585 3  DA D "C1'" 
679 N N9    . DA D 7  ? 0.38343 0.43627 1.16835 -0.01560 -0.08209 -0.11574 3  DA D N9    
680 C C8    . DA D 7  ? 0.39355 0.44588 1.18992 -0.01564 -0.07549 -0.11237 3  DA D C8    
681 N N7    . DA D 7  ? 0.38651 0.44089 1.17248 -0.01406 -0.08741 -0.11361 3  DA D N7    
682 C C5    . DA D 7  ? 0.38266 0.43856 1.14953 -0.01246 -0.10271 -0.11854 3  DA D C5    
683 C C6    . DA D 7  ? 0.40777 0.46553 1.15640 -0.00983 -0.11933 -0.12239 3  DA D C6    
684 N N6    . DA D 7  ? 0.42131 0.48075 1.16858 -0.00889 -0.12338 -0.12174 3  DA D N6    
685 N N1    . DA D 7  ? 0.42975 0.48731 1.16170 -0.00797 -0.13125 -0.12711 3  DA D N1    
686 C C2    . DA D 7  ? 0.40911 0.46538 1.14279 -0.00920 -0.12704 -0.12760 3  DA D C2    
687 N N3    . DA D 7  ? 0.36782 0.42309 1.11785 -0.01208 -0.11178 -0.12422 3  DA D N3    
688 C C4    . DA D 7  ? 0.37251 0.42739 1.13867 -0.01338 -0.09991 -0.11984 3  DA D C4    
689 P P     . DT D 8  ? 0.40235 0.44614 1.15020 -0.01959 -0.05641 -0.10645 4  DT D P     
690 O OP1   . DT D 8  ? 0.38729 0.43687 1.16298 -0.02269 -0.06267 -0.11903 4  DT D OP1   
691 O OP2   . DT D 8  ? 0.43461 0.47116 1.15753 -0.01837 -0.03921 -0.09299 4  DT D OP2   
692 O "O5'" . DT D 8  ? 0.38485 0.42612 1.08897 -0.01596 -0.07167 -0.10152 4  DT D "O5'" 
693 C "C5'" . DT D 8  ? 0.33936 0.38575 1.05504 -0.01533 -0.08994 -0.11271 4  DT D "C5'" 
694 C "C4'" . DT D 8  ? 0.32575 0.36710 0.99269 -0.01171 -0.09980 -0.10566 4  DT D "C4'" 
695 O "O4'" . DT D 8  ? 0.33361 0.37546 0.99856 -0.01009 -0.10551 -0.10559 4  DT D "O4'" 
696 C "C3'" . DT D 8  ? 0.33567 0.36886 0.95507 -0.01033 -0.08883 -0.08969 4  DT D "C3'" 
697 O "O3'" . DT D 8  ? 0.33967 0.36922 0.92130 -0.00803 -0.09815 -0.08704 4  DT D "O3'" 
698 C "C2'" . DT D 8  ? 0.30657 0.33687 0.91492 -0.00925 -0.08276 -0.08154 4  DT D "C2'" 
699 C "C1'" . DT D 8  ? 0.33382 0.36829 0.95438 -0.00838 -0.09815 -0.09082 4  DT D "C1'" 
700 N N1    . DT D 8  ? 0.31214 0.34710 0.93969 -0.00822 -0.09581 -0.08837 4  DT D N1    
701 C C2    . DT D 8  ? 0.37261 0.40853 0.98893 -0.00648 -0.10780 -0.09109 4  DT D C2    
702 O O2    . DT D 8  ? 0.38249 0.41833 0.98363 -0.00457 -0.12017 -0.09574 4  DT D O2    
703 N N3    . DT D 8  ? 0.38611 0.42282 1.00984 -0.00677 -0.10451 -0.08842 4  DT D N3    
704 C C4    . DT D 8  ? 0.29338 0.32926 0.93399 -0.00824 -0.09077 -0.08323 4  DT D C4    
705 O O4    . DT D 8  ? 0.29071 0.32711 0.93670 -0.00832 -0.08891 -0.08097 4  DT D O4    
706 C C5    . DT D 8  ? 0.29452 0.32858 0.94593 -0.00944 -0.07838 -0.08081 4  DT D C5    
707 C C7    . DT D 8  ? 0.30522 0.33714 0.97499 -0.01022 -0.06223 -0.07561 4  DT D C7    
708 C C6    . DT D 8  ? 0.26171 0.29576 0.90607 -0.00955 -0.08143 -0.08348 4  DT D C6    
709 P P     . DG D 9  ? 0.34538 0.37526 0.92308 -0.00841 -0.10332 -0.09145 5  DG D P     
710 O OP1   . DG D 9  ? 0.32501 0.36194 0.95113 -0.01155 -0.10441 -0.10386 5  DG D OP1   
711 O OP2   . DG D 9  ? 0.38155 0.40540 0.92059 -0.00774 -0.09290 -0.07875 5  DG D OP2   
712 O "O5'" . DG D 9  ? 0.36193 0.39035 0.92054 -0.00524 -0.12037 -0.09641 5  DG D "O5'" 
713 C "C5'" . DG D 9  ? 0.35227 0.38261 0.91904 -0.00351 -0.12996 -0.10176 5  DG D "C5'" 
714 C "C4'" . DG D 9  ? 0.38518 0.40884 0.90641 -0.00051 -0.13222 -0.09343 5  DG D "C4'" 
715 O "O4'" . DG D 9  ? 0.37605 0.39971 0.89522 -0.00075 -0.12753 -0.08851 5  DG D "O4'" 
716 C "C3'" . DG D 9  ? 0.40891 0.42565 0.88735 -0.00031 -0.12209 -0.08042 5  DG D "C3'" 
717 O "O3'" . DG D 9  ? 0.44052 0.45213 0.88481 0.00255  -0.12871 -0.07851 5  DG D "O3'" 
718 C "C2'" . DG D 9  ? 0.39926 0.41429 0.86812 -0.00158 -0.10828 -0.06953 5  DG D "C2'" 
719 C "C1'" . DG D 9  ? 0.38494 0.40229 0.86511 -0.00087 -0.11524 -0.07395 5  DG D "C1'" 
720 N N9    . DG D 9  ? 0.36587 0.38404 0.85600 -0.00236 -0.10519 -0.06836 5  DG D N9    
721 C C8    . DG D 9  ? 0.35519 0.37334 0.85745 -0.00396 -0.09233 -0.06338 5  DG D C8    
722 N N7    . DG D 9  ? 0.34493 0.36297 0.85434 -0.00442 -0.08553 -0.05915 5  DG D N7    
723 C C5    . DG D 9  ? 0.36164 0.38033 0.86304 -0.00357 -0.09439 -0.06122 5  DG D C5    
724 C C6    . DG D 9  ? 0.36774 0.38691 0.87165 -0.00377 -0.09248 -0.05836 5  DG D C6    
725 O O6    . DG D 9  ? 0.35597 0.37442 0.86992 -0.00452 -0.08238 -0.05315 5  DG D O6    
726 N N1    . DG D 9  ? 0.39220 0.41255 0.88544 -0.00264 -0.10364 -0.06237 5  DG D N1    
727 C C2    . DG D 9  ? 0.39710 0.41736 0.87861 -0.00085 -0.11524 -0.06863 5  DG D C2    
728 N N2    . DG D 9  ? 0.42243 0.44365 0.89457 0.00084  -0.12477 -0.07235 5  DG D N2    
729 N N3    . DG D 9  ? 0.38690 0.40599 0.86586 -0.00037 -0.11730 -0.07121 5  DG D N3    
730 C C4    . DG D 9  ? 0.37127 0.39003 0.86074 -0.00211 -0.10649 -0.06713 5  DG D C4    
731 P P     . DC D 10 ? 0.47488 0.48455 0.91311 0.00517  -0.14116 -0.08616 6  DC D P     
732 O OP1   . DC D 10 ? 0.46334 0.47828 0.93684 0.00673  -0.15671 -0.10133 6  DC D OP1   
733 O OP2   . DC D 10 ? 0.49621 0.50448 0.92641 0.00363  -0.13395 -0.08162 6  DC D OP2   
734 O "O5'" . DC D 10 ? 0.50387 0.50662 0.90033 0.00813  -0.14263 -0.08056 6  DC D "O5'" 
735 C "C5'" . DC D 10 ? 0.50438 0.50476 0.87675 0.00692  -0.13147 -0.06962 6  DC D "C5'" 
736 C "C4'" . DC D 10 ? 0.50210 0.50239 0.87046 0.00891  -0.13847 -0.07296 6  DC D "C4'" 
737 O "O4'" . DC D 10 ? 0.48995 0.49455 0.87677 0.00669  -0.13378 -0.07127 6  DC D "O4'" 
738 C "C3'" . DC D 10 ? 0.49505 0.48970 0.82221 0.00968  -0.13242 -0.06447 6  DC D "C3'" 
739 O "O3'" . DC D 10 ? 0.50332 0.49758 0.82811 0.01282  -0.14267 -0.07097 6  DC D "O3'" 
740 C "C2'" . DC D 10 ? 0.50535 0.50078 0.82406 0.00624  -0.11780 -0.05329 6  DC D "C2'" 
741 C "C1'" . DC D 10 ? 0.47603 0.47737 0.83266 0.00535  -0.12215 -0.05945 6  DC D "C1'" 
742 N N1    . DC D 10 ? 0.43559 0.43853 0.80280 0.00253  -0.11013 -0.05237 6  DC D N1    
743 C C2    . DC D 10 ? 0.43317 0.43783 0.80674 0.00137  -0.10583 -0.04903 6  DC D C2    
744 O O2    . DC D 10 ? 0.45431 0.45990 0.82406 0.00222  -0.11181 -0.05178 6  DC D O2    
745 N N3    . DC D 10 ? 0.41917 0.42422 0.80279 -0.00027 -0.09525 -0.04306 6  DC D N3    
746 C C4    . DC D 10 ? 0.41684 0.42109 0.80412 -0.00068 -0.08914 -0.04083 6  DC D C4    
747 N N4    . DC D 10 ? 0.40236 0.40654 0.79945 -0.00144 -0.07879 -0.03553 6  DC D N4    
748 C C5    . DC D 10 ? 0.43924 0.44259 0.82027 0.00002  -0.09332 -0.04413 6  DC D C5    
749 C C6    . DC D 10 ? 0.45098 0.45351 0.82231 0.00157  -0.10379 -0.04968 6  DC D C6    
750 P P     . DT D 11 ? 0.48083 0.46980 0.76645 0.01425  -0.13833 -0.06518 7  DT D P     
751 O OP1   . DT D 11 ? 0.46964 0.45790 0.75847 0.01918  -0.15261 -0.07536 7  DT D OP1   
752 O OP2   . DT D 11 ? 0.48679 0.47106 0.74830 0.01385  -0.13105 -0.05914 7  DT D OP2   
753 O "O5'" . DT D 11 ? 0.49428 0.48536 0.76960 0.01030  -0.12497 -0.05474 7  DT D "O5'" 
754 C "C5'" . DT D 11 ? 0.49902 0.49493 0.79598 0.00967  -0.12840 -0.05782 7  DT D "C5'" 
755 C "C4'" . DT D 11 ? 0.49678 0.49253 0.77091 0.00785  -0.11913 -0.04944 7  DT D "C4'" 
756 O "O4'" . DT D 11 ? 0.51757 0.51516 0.79842 0.00431  -0.10852 -0.04143 7  DT D "O4'" 
757 C "C3'" . DT D 11 ? 0.55211 0.54336 0.78782 0.00748  -0.10986 -0.04180 7  DT D "C3'" 
758 O "O3'" . DT D 11 ? 0.68155 0.67334 0.90153 0.00845  -0.11029 -0.04191 7  DT D "O3'" 
759 C "C2'" . DT D 11 ? 0.53677 0.52730 0.76035 0.00380  -0.09492 -0.03020 7  DT D "C2'" 
760 C "C1'" . DT D 11 ? 0.47240 0.46646 0.72265 0.00234  -0.09481 -0.03000 7  DT D "C1'" 
761 N N1    . DT D 11 ? 0.50390 0.49735 0.76381 0.00109  -0.08814 -0.02558 7  DT D N1    
762 C C2    . DT D 11 ? 0.47170 0.46639 0.74280 -0.00026 -0.08197 -0.02081 7  DT D C2    
763 O O2    . DT D 11 ? 0.45274 0.44908 0.72640 -0.00090 -0.08158 -0.01961 7  DT D O2    
764 N N3    . DT D 11 ? 0.44963 0.44346 0.72913 -0.00047 -0.07622 -0.01764 7  DT D N3    
765 C C4    . DT D 11 ? 0.45829 0.45087 0.73607 0.00010  -0.07598 -0.01862 7  DT D C4    
766 O O4    . DT D 11 ? 0.43293 0.42533 0.71914 0.00006  -0.07042 -0.01593 7  DT D O4    
767 C C5    . DT D 11 ? 0.46870 0.46010 0.73446 0.00111  -0.08263 -0.02325 7  DT D C5    
768 C C7    . DT D 11 ? 0.45840 0.44838 0.72138 0.00177  -0.08303 -0.02447 7  DT D C7    
769 C C6    . DT D 11 ? 0.47325 0.46481 0.73080 0.00177  -0.08833 -0.02655 7  DT D C6    
770 P P     . DG D 12 ? 0.55628 0.54729 0.74235 0.00566  -0.09538 -0.03112 8  DG D P     
771 O OP1   . DG D 12 ? 0.57894 0.57081 0.75552 0.00821  -0.10028 -0.03553 8  DG D OP1   
772 O OP2   . DG D 12 ? 0.56102 0.54882 0.72622 0.00445  -0.08592 -0.02499 8  DG D OP2   
773 O "O5'" . DG D 12 ? 0.56452 0.55841 0.75725 0.00217  -0.08754 -0.02385 8  DG D "O5'" 
774 C "C5'" . DG D 12 ? 0.57499 0.57294 0.78869 0.00254  -0.09438 -0.02821 8  DG D "C5'" 
775 C "C4'" . DG D 12 ? 0.59920 0.59854 0.80469 -0.00050 -0.08392 -0.01899 8  DG D "C4'" 
776 O "O4'" . DG D 12 ? 0.56582 0.56289 0.77572 -0.00208 -0.07631 -0.01232 8  DG D "O4'" 
777 C "C3'" . DG D 12 ? 0.62549 0.62393 0.79671 -0.00194 -0.07338 -0.01155 8  DG D "C3'" 
778 O "O3'" . DG D 12 ? 0.65327 0.65408 0.82301 -0.00361 -0.06885 -0.00665 8  DG D "O3'" 
779 C "C2'" . DG D 12 ? 0.60531 0.59962 0.75954 -0.00315 -0.06336 -0.00402 8  DG D "C2'" 
780 C "C1'" . DG D 12 ? 0.59935 0.59300 0.77765 -0.00325 -0.06456 -0.00306 8  DG D "C1'" 
781 N N9    . DG D 12 ? 0.43337 0.42416 0.61202 -0.00271 -0.06264 -0.00199 8  DG D N9    
782 C C8    . DG D 12 ? 0.59571 0.58508 0.76761 -0.00173 -0.06512 -0.00548 8  DG D C8    
783 N N7    . DG D 12 ? 0.53530 0.52277 0.71024 -0.00146 -0.06264 -0.00355 8  DG D N7    
784 C C5    . DG D 12 ? 0.47906 0.46656 0.66376 -0.00190 -0.05838 0.00114  8  DG D C5    
785 C C6    . DG D 12 ? 0.53064 0.51674 0.72296 -0.00127 -0.05436 0.00440  8  DG D C6    
786 O O6    . DG D 12 ? 0.49516 0.48105 0.68573 -0.00090 -0.05347 0.00377  8  DG D O6    
787 N N1    . DG D 12 ? 0.49521 0.48319 0.69527 -0.00175 -0.05022 0.00809  8  DG D N1    
788 C C2    . DG D 12 ? 0.55107 0.53929 0.75423 -0.00214 -0.05082 0.00934  8  DG D C2    
789 N N2    . DG D 12 ? 0.46008 0.45034 0.67086 -0.00239 -0.04622 0.01286  8  DG D N2    
790 N N3    . DG D 12 ? 0.53889 0.52816 0.73546 -0.00285 -0.05484 0.00654  8  DG D N3    
791 C C4    . DG D 12 ? 0.62161 0.61082 0.80890 -0.00264 -0.05835 0.00228  8  DG D C4    
792 P P     . DT D 13 ? 0.66769 0.66717 0.80502 -0.00571 -0.05536 0.00358  9  DT D P     
793 O OP1   . DT D 13 ? 0.66744 0.67039 0.80854 -0.00650 -0.05532 0.00499  9  DT D OP1   
794 O OP2   . DT D 13 ? 0.66667 0.66567 0.78015 -0.00550 -0.05128 0.00322  9  DT D OP2   
795 O "O5'" . DT D 13 ? 0.64934 0.64394 0.78257 -0.00616 -0.04796 0.01166  9  DT D "O5'" 
796 C "C5'" . DT D 13 ? 0.62736 0.62152 0.78282 -0.00590 -0.04942 0.01325  9  DT D "C5'" 
797 C "C4'" . DT D 13 ? 0.61323 0.60504 0.75069 -0.00568 -0.03998 0.02171  9  DT D "C4'" 
798 O "O4'" . DT D 13 ? 0.60421 0.59581 0.73998 -0.00511 -0.03853 0.02076  9  DT D "O4'" 
799 C "C3'" . DT D 13 ? 0.61964 0.61482 0.71636 -0.00657 -0.03018 0.02509  9  DT D "C3'" 
800 O "O3'" . DT D 13 ? 0.59330 0.59111 0.67690 -0.00598 -0.02381 0.02728  9  DT D "O3'" 
801 C "C2'" . DT D 13 ? 0.64038 0.63582 0.71809 -0.00632 -0.02630 0.02336  9  DT D "C2'" 
802 C "C1'" . DT D 13 ? 0.61233 0.60639 0.71079 -0.00552 -0.02958 0.02298  9  DT D "C1'" 
803 N N1    . DT D 13 ? 0.60052 0.59319 0.69806 -0.00520 -0.03088 0.02059  9  DT D N1    
804 C C2    . DT D 13 ? 0.58934 0.58245 0.68997 -0.00454 -0.02920 0.02083  9  DT D C2    
805 O O2    . DT D 13 ? 0.57041 0.56479 0.67483 -0.00407 -0.02672 0.02265  9  DT D O2    
806 N N3    . DT D 13 ? 0.56654 0.55847 0.66623 -0.00429 -0.03053 0.01868  9  DT D N3    
807 C C4    . DT D 13 ? 0.57699 0.56707 0.67346 -0.00439 -0.03352 0.01606  9  DT D C4    
808 O O4    . DT D 13 ? 0.55386 0.54288 0.65002 -0.00396 -0.03460 0.01413  9  DT D O4    
809 C C5    . DT D 13 ? 0.59547 0.58474 0.68957 -0.00481 -0.03548 0.01543  9  DT D C5    
810 C C7    . DT D 13 ? 0.61551 0.60217 0.70715 -0.00428 -0.03930 0.01160  9  DT D C7    
811 C C6    . DT D 13 ? 0.59113 0.58186 0.68589 -0.00534 -0.03403 0.01788  9  DT D C6    
812 P P     . DG D 14 ? 0.53607 0.53432 0.63727 -0.00611 -0.02596 0.02992  10 DG D P     
813 O OP1   . DG D 14 ? 0.46870 0.46646 0.59325 -0.00522 -0.02718 0.03081  10 DG D OP1   
814 O OP2   . DG D 14 ? 0.50351 0.49994 0.62366 -0.00708 -0.03320 0.02902  10 DG D OP2   
815 O "O5'" . DG D 14 ? 0.60696 0.60770 0.67221 -0.00518 -0.01739 0.02879  10 DG D "O5'" 
816 C "C5'" . DG D 14 ? 0.65262 0.65693 0.69446 -0.00533 -0.01356 0.02546  10 DG D "C5'" 
817 C "C4'" . DG D 14 ? 0.63651 0.64318 0.66957 -0.00586 -0.01203 0.02443  10 DG D "C4'" 
818 O "O4'" . DG D 14 ? 0.62598 0.63740 0.66651 -0.00882 -0.01398 0.02171  10 DG D "O4'" 
819 C "C3'" . DG D 14 ? 0.63860 0.64485 0.68112 -0.00569 -0.01348 0.02758  10 DG D "C3'" 
820 O "O3'" . DG D 14 ? 0.63768 0.65462 0.68930 -0.00850 -0.01394 0.03359  10 DG D "O3'" 
821 C "C2'" . DG D 14 ? 0.64848 0.66329 0.69038 -0.00893 -0.01282 0.02405  10 DG D "C2'" 
822 C "C1'" . DG D 14 ? 0.62932 0.64168 0.66821 -0.00913 -0.01374 0.02218  10 DG D "C1'" 
823 N N9    . DG D 14 ? 0.64526 0.64771 0.70780 -0.00958 -0.02381 0.02946  10 DG D N9    
824 C C8    . DG D 14 ? 0.61281 0.61280 0.70119 -0.00947 -0.03281 0.02620  10 DG D C8    
825 N N7    . DG D 14 ? 0.59922 0.60614 0.70634 -0.00936 -0.04097 0.01771  10 DG D N7    
826 C C5    . DG D 14 ? 0.61970 0.63022 0.71732 -0.01006 -0.03808 0.01959  10 DG D C5    
827 C C6    . DG D 14 ? 0.67383 0.69317 0.78256 -0.00921 -0.04495 0.01265  10 DG D C6    
828 O O6    . DG D 14 ? 0.69441 0.71882 0.82305 -0.00684 -0.05672 0.00311  10 DG D O6    
829 N N1    . DG D 14 ? 0.70803 0.72920 0.80123 -0.01018 -0.03827 0.01757  10 DG D N1    
830 C C2    . DG D 14 ? 0.70809 0.72072 0.77671 -0.01160 -0.02732 0.02858  10 DG D C2    
831 N N2    . DG D 14 ? 0.74932 0.76288 0.80468 -0.01225 -0.02256 0.03290  10 DG D N2    
832 N N3    . DG D 14 ? 0.67698 0.68401 0.73074 -0.01077 -0.02150 0.03144  10 DG D N3    
833 C C4    . DG D 14 ? 0.65767 0.66163 0.73022 -0.01071 -0.02812 0.02989  10 DG D C4    
834 P P     . DG D 15 ? 0.65778 0.66588 0.70979 -0.00448 -0.01218 0.03120  11 DG D P     
835 O OP1   . DG D 15 ? 0.66356 0.67383 0.70855 -0.00390 -0.00972 0.02979  11 DG D OP1   
836 O OP2   . DG D 15 ? 0.63874 0.64155 0.71295 -0.00435 -0.01573 0.03339  11 DG D OP2   
837 O "O5'" . DG D 15 ? 0.69389 0.70322 0.74575 -0.00473 -0.01224 0.03247  11 DG D "O5'" 
838 C "C5'" . DG D 15 ? 0.71249 0.73271 0.75380 -0.00747 -0.00881 0.02619  11 DG D "C5'" 
839 C "C4'" . DG D 15 ? 0.72478 0.73855 0.76238 -0.00527 -0.01006 0.03056  11 DG D "C4'" 
840 O "O4'" . DG D 15 ? 0.72617 0.74669 0.76884 -0.00870 -0.01060 0.02735  11 DG D "O4'" 
841 C "C3'" . DG D 15 ? 0.72577 0.74754 0.79072 -0.00847 -0.01182 0.03296  11 DG D "C3'" 
842 O "O3'" . DG D 15 ? 0.71532 0.72851 0.77230 -0.00401 -0.01074 0.03710  11 DG D "O3'" 
843 C "C2'" . DG D 15 ? 0.72205 0.73238 0.78181 -0.00551 -0.01432 0.03712  11 DG D "C2'" 
844 C "C1'" . DG D 15 ? 0.72816 0.74799 0.78525 -0.00967 -0.01380 0.03083  11 DG D "C1'" 
845 N N9    . DG D 15 ? 0.71316 0.72148 0.79372 -0.00946 -0.02236 0.03896  11 DG D N9    
846 C C8    . DG D 15 ? 0.68971 0.69544 0.77861 -0.00907 -0.02435 0.03779  11 DG D C8    
847 N N7    . DG D 15 ? 0.67729 0.68094 0.79745 -0.00992 -0.03403 0.03569  11 DG D N7    
848 C C5    . DG D 15 ? 0.68681 0.69894 0.81513 -0.01089 -0.03789 0.03070  11 DG D C5    
849 C C6    . DG D 15 ? 0.70336 0.72531 0.85501 -0.01038 -0.04849 0.01945  11 DG D C6    
850 O O6    . DG D 15 ? 0.68982 0.71319 0.86004 -0.00928 -0.05659 0.01189  11 DG D O6    
851 N N1    . DG D 15 ? 0.72276 0.75323 0.87438 -0.01004 -0.05073 0.01702  11 DG D N1    
852 C C2    . DG D 15 ? 0.73022 0.75927 0.86253 -0.01111 -0.04228 0.02487  11 DG D C2    
853 N N2    . DG D 15 ? 0.74061 0.78034 0.87654 -0.01003 -0.04585 0.02076  11 DG D N2    
854 N N3    . DG D 15 ? 0.72511 0.74273 0.83499 -0.01182 -0.03250 0.03606  11 DG D N3    
855 C C4    . DG D 15 ? 0.70770 0.71786 0.81669 -0.01119 -0.03156 0.03805  11 DG D C4    
# 
